data_4II3
#
_entry.id   4II3
#
_cell.length_a   180.500
_cell.length_b   113.300
_cell.length_c   126.600
_cell.angle_alpha   90.000
_cell.angle_beta   90.000
_cell.angle_gamma   90.000
#
_symmetry.space_group_name_H-M   'P 21 21 2'
#
loop_
_entity.id
_entity.type
_entity.pdbx_description
1 polymer 'Ubiquitin-activating enzyme E1 1'
2 polymer 'Ubiquitin-60S ribosomal protein L40'
3 non-polymer 'MAGNESIUM ION'
4 non-polymer "ADENOSINE-5'-TRIPHOSPHATE"
5 non-polymer 'CALCIUM ION'
6 water water
#
loop_
_entity_poly.entity_id
_entity_poly.type
_entity_poly.pdbx_seq_one_letter_code
_entity_poly.pdbx_strand_id
1 'polypeptide(L)'
;SNTIDEGLYSRQLYVLGHEAMKQMSQSNVLIIGCKGLGVEIAKNVCLAGVKSVTLYDPQPTRIEDLSSQYFLTEDDIGVP
RAKVTVSKLAELNQYVPVSVVDELSTEYLKNFKCVVVTETSLTKQLEINDFTHKNHIAYIAADSRGLFGSIFCDFGENFI
CTDTDGNEPLTGMIASITDDGVVTMLEETRHGLENGDFVKFTEVKGMPGLNDGTPRKVEVKGPYTFSIGSVKDLGSAGYN
GVFTQVKVPTKISFKSLRESLKDPEYVYPDFGKMMRPPQYHIAFQALSAFADAHEGSLPRPRNDIDAAEFFEFCKKIAST
LQFDVELDEKLIKEISYQARGDLVAMSAFLGGAVAQEVLKATTSKFYPLKQYFYFDSLESLPSSVTISEETCKPRGCRYD
GQIAVFGSEFQEKIASLSTFLVGAGAIGCEMLKNWAMMGVATGESGHISVTDMDSIEKSNLNRQFLFRPRDVGKLKSECA
STAVSIMNPSLTGKITSYQERVGPESEGIFGDEFFEKLSLVTNALDNVEARMYVDRRCVFFEKPLLESGTLGTKGNTQVV
VPHLTESYGSSQDPPEKSFPICTLKNFPNRIEHTIAWARDLFEGLFKQPIDNVNMYLSSPNFLETSLKTSSNPREVLENI
RDYLVTEKPLSFEECIMWARLQFDKFFNNNIQQLLFNFPKDSVTSTGQPFWSGPKRAPTPLSFDIHNREHFDFIVAAASL
YAFNYGLKSETDPAIYERVLAGYNPPPFAPKSGIKIQVNENEEAPETAANKDKQELKSIADSLPPPSSLVGFRLTPAEFE
KDDDSNHHIDFITAASNLRAMNYDITPADRFKTKFVAGKIVPAMCTSTAVVSGLVCLELVKLVDGKKKIEEYKNGFFNLA
IGLFTFSDPIASPKMKVNGKEIDKIWDRYNLPDCTLQELIDYFQKEEGLEVTMLSSGVSLLYANFQPPKKLAERLPLKIS
ELVEQITKKKLEPFRKHLVLEICCDDANGEDVEVPFICIKL
;
A,C
2 'polypeptide(L)'
;MGSSHHHHHHSSGLVPRGSHMQIFVKTLTGKTITLEVESSDTIDNVKSKIQDKEGIPPDQQRLIFAGKQLEDGRTLSDYN
IQKESTLHLVLRLRGG
;
B,D
#
# COMPACT_ATOMS: atom_id res chain seq x y z
N THR A 3 -27.01 14.04 -29.90
CA THR A 3 -28.16 13.24 -29.39
C THR A 3 -28.62 13.76 -28.04
N ILE A 4 -27.69 13.97 -27.12
CA ILE A 4 -28.01 14.46 -25.79
C ILE A 4 -27.63 15.93 -25.67
N ASP A 5 -28.53 16.74 -25.12
CA ASP A 5 -28.28 18.17 -24.95
C ASP A 5 -27.25 18.42 -23.85
N GLU A 6 -25.98 18.57 -24.24
CA GLU A 6 -24.90 18.81 -23.30
C GLU A 6 -24.88 20.22 -22.76
N GLY A 7 -25.69 21.09 -23.34
CA GLY A 7 -25.74 22.47 -22.88
C GLY A 7 -26.63 22.59 -21.65
N LEU A 8 -27.46 21.57 -21.45
CA LEU A 8 -28.37 21.55 -20.32
C LEU A 8 -28.00 20.46 -19.31
N TYR A 9 -27.92 19.22 -19.80
CA TYR A 9 -27.59 18.08 -18.96
C TYR A 9 -26.08 18.00 -18.68
N SER A 10 -25.37 19.09 -18.92
CA SER A 10 -23.93 19.14 -18.70
C SER A 10 -23.55 18.51 -17.36
N ARG A 11 -23.89 19.21 -16.28
CA ARG A 11 -23.60 18.76 -14.93
C ARG A 11 -24.05 17.33 -14.70
N GLN A 12 -25.35 17.11 -14.81
CA GLN A 12 -25.94 15.80 -14.60
C GLN A 12 -25.29 14.67 -15.39
N LEU A 13 -24.67 14.99 -16.52
CA LEU A 13 -24.03 13.97 -17.33
C LEU A 13 -22.77 13.42 -16.70
N TYR A 14 -22.12 14.25 -15.87
CA TYR A 14 -20.90 13.84 -15.21
C TYR A 14 -21.17 12.86 -14.08
N VAL A 15 -22.42 12.81 -13.63
CA VAL A 15 -22.77 11.91 -12.55
C VAL A 15 -23.52 10.68 -13.07
N LEU A 16 -24.14 10.81 -14.25
CA LEU A 16 -24.88 9.70 -14.84
C LEU A 16 -24.22 9.09 -16.07
N GLY A 17 -23.71 9.93 -16.95
CA GLY A 17 -23.05 9.44 -18.15
C GLY A 17 -24.01 9.41 -19.33
N HIS A 18 -23.48 9.44 -20.54
CA HIS A 18 -24.32 9.42 -21.73
C HIS A 18 -25.12 8.14 -21.85
N GLU A 19 -24.42 7.01 -22.03
CA GLU A 19 -25.08 5.72 -22.19
C GLU A 19 -26.19 5.55 -21.17
N ALA A 20 -25.99 6.13 -19.98
CA ALA A 20 -26.96 6.02 -18.92
C ALA A 20 -28.19 6.88 -19.16
N MET A 21 -27.99 8.03 -19.80
CA MET A 21 -29.11 8.92 -20.07
C MET A 21 -29.89 8.51 -21.30
N LYS A 22 -29.23 7.82 -22.22
CA LYS A 22 -29.90 7.37 -23.45
C LYS A 22 -30.97 6.34 -23.09
N GLN A 23 -30.79 5.68 -21.96
CA GLN A 23 -31.76 4.68 -21.50
C GLN A 23 -32.95 5.41 -20.90
N MET A 24 -32.66 6.55 -20.26
CA MET A 24 -33.69 7.37 -19.63
C MET A 24 -34.62 7.98 -20.66
N SER A 25 -34.03 8.53 -21.72
CA SER A 25 -34.80 9.17 -22.78
C SER A 25 -35.74 8.18 -23.44
N GLN A 26 -35.54 6.90 -23.16
CA GLN A 26 -36.38 5.85 -23.73
C GLN A 26 -37.13 5.10 -22.65
N SER A 27 -37.34 5.75 -21.51
CA SER A 27 -38.05 5.12 -20.41
C SER A 27 -39.24 5.98 -19.98
N ASN A 28 -40.41 5.37 -19.93
CA ASN A 28 -41.62 6.07 -19.54
C ASN A 28 -41.87 5.83 -18.07
N VAL A 29 -42.20 6.90 -17.35
CA VAL A 29 -42.44 6.78 -15.92
C VAL A 29 -43.86 7.13 -15.55
N LEU A 30 -44.41 6.40 -14.58
CA LEU A 30 -45.77 6.63 -14.10
C LEU A 30 -45.70 6.98 -12.62
N ILE A 31 -46.44 7.99 -12.22
CA ILE A 31 -46.44 8.41 -10.83
C ILE A 31 -47.84 8.48 -10.25
N ILE A 32 -48.16 7.52 -9.38
CA ILE A 32 -49.45 7.48 -8.73
C ILE A 32 -49.40 8.46 -7.57
N GLY A 33 -50.37 9.37 -7.51
CA GLY A 33 -50.40 10.35 -6.43
C GLY A 33 -49.68 11.64 -6.82
N CYS A 34 -50.31 12.77 -6.53
CA CYS A 34 -49.72 14.06 -6.84
C CYS A 34 -49.76 15.06 -5.69
N LYS A 35 -49.36 14.60 -4.52
CA LYS A 35 -49.31 15.46 -3.35
C LYS A 35 -47.84 15.89 -3.22
N GLY A 36 -47.46 16.41 -2.05
CA GLY A 36 -46.10 16.84 -1.86
C GLY A 36 -45.06 15.86 -2.37
N LEU A 37 -45.17 14.62 -1.91
CA LEU A 37 -44.24 13.58 -2.30
C LEU A 37 -44.26 13.32 -3.80
N GLY A 38 -45.43 12.95 -4.33
CA GLY A 38 -45.55 12.67 -5.74
C GLY A 38 -45.05 13.78 -6.63
N VAL A 39 -45.40 15.02 -6.32
CA VAL A 39 -44.98 16.15 -7.13
C VAL A 39 -43.46 16.30 -7.10
N GLU A 40 -42.87 16.14 -5.93
CA GLU A 40 -41.42 16.26 -5.77
C GLU A 40 -40.73 15.20 -6.61
N ILE A 41 -41.22 13.97 -6.55
CA ILE A 41 -40.64 12.88 -7.32
C ILE A 41 -40.66 13.26 -8.79
N ALA A 42 -41.82 13.68 -9.28
CA ALA A 42 -41.99 14.09 -10.66
C ALA A 42 -40.98 15.17 -11.04
N LYS A 43 -41.01 16.28 -10.30
CA LYS A 43 -40.11 17.41 -10.53
C LYS A 43 -38.71 16.94 -10.91
N ASN A 44 -38.17 16.03 -10.12
CA ASN A 44 -36.85 15.51 -10.36
C ASN A 44 -36.81 14.65 -11.61
N VAL A 45 -37.73 13.70 -11.70
CA VAL A 45 -37.77 12.81 -12.85
C VAL A 45 -37.89 13.59 -14.15
N CYS A 46 -38.61 14.70 -14.10
CA CYS A 46 -38.76 15.54 -15.27
C CYS A 46 -37.40 16.14 -15.61
N LEU A 47 -36.85 16.90 -14.67
CA LEU A 47 -35.56 17.53 -14.87
C LEU A 47 -34.50 16.49 -15.25
N ALA A 48 -34.71 15.25 -14.82
CA ALA A 48 -33.79 14.15 -15.08
C ALA A 48 -33.59 13.86 -16.57
N GLY A 49 -34.69 13.76 -17.31
CA GLY A 49 -34.59 13.51 -18.72
C GLY A 49 -35.10 12.16 -19.18
N VAL A 50 -36.18 11.69 -18.56
CA VAL A 50 -36.77 10.41 -18.95
C VAL A 50 -37.55 10.62 -20.24
N LYS A 51 -38.11 9.55 -20.80
CA LYS A 51 -38.88 9.67 -22.04
C LYS A 51 -40.08 10.59 -21.80
N SER A 52 -40.86 10.27 -20.77
CA SER A 52 -42.02 11.09 -20.43
C SER A 52 -42.54 10.74 -19.06
N VAL A 53 -43.34 11.63 -18.50
CA VAL A 53 -43.92 11.43 -17.19
C VAL A 53 -45.43 11.35 -17.31
N THR A 54 -46.03 10.41 -16.59
CA THR A 54 -47.46 10.22 -16.60
C THR A 54 -47.99 10.29 -15.16
N LEU A 55 -48.97 11.14 -14.94
CA LEU A 55 -49.55 11.30 -13.60
C LEU A 55 -50.92 10.66 -13.47
N TYR A 56 -51.33 10.45 -12.23
CA TYR A 56 -52.64 9.85 -11.96
C TYR A 56 -53.06 10.17 -10.55
N ASP A 57 -54.00 11.10 -10.42
CA ASP A 57 -54.52 11.48 -9.11
C ASP A 57 -55.84 12.22 -9.27
N PRO A 58 -56.95 11.47 -9.33
CA PRO A 58 -58.31 11.98 -9.48
C PRO A 58 -58.74 12.88 -8.33
N GLN A 59 -58.45 12.47 -7.10
CA GLN A 59 -58.82 13.25 -5.92
C GLN A 59 -58.73 14.76 -6.13
N PRO A 60 -59.56 15.51 -5.40
CA PRO A 60 -59.63 16.98 -5.47
C PRO A 60 -58.33 17.67 -5.08
N THR A 61 -58.46 18.78 -4.35
CA THR A 61 -57.31 19.54 -3.89
C THR A 61 -57.63 20.20 -2.56
N ARG A 62 -57.57 19.44 -1.48
CA ARG A 62 -57.85 19.98 -0.16
C ARG A 62 -56.85 21.10 0.15
N ILE A 63 -57.27 22.06 0.96
CA ILE A 63 -56.41 23.18 1.33
C ILE A 63 -55.12 22.71 2.01
N GLU A 64 -55.22 21.60 2.75
CA GLU A 64 -54.07 21.06 3.47
C GLU A 64 -52.97 20.54 2.54
N ASP A 65 -53.35 20.25 1.30
CA ASP A 65 -52.40 19.74 0.32
C ASP A 65 -51.31 20.75 -0.01
N LEU A 66 -51.62 22.03 0.14
CA LEU A 66 -50.67 23.09 -0.16
C LEU A 66 -49.54 23.23 0.86
N SER A 67 -49.46 22.29 1.79
CA SER A 67 -48.42 22.30 2.81
C SER A 67 -47.09 21.78 2.25
N SER A 68 -47.15 21.16 1.06
CA SER A 68 -45.94 20.62 0.46
C SER A 68 -46.05 20.52 -1.06
N GLN A 69 -47.23 20.79 -1.60
CA GLN A 69 -47.44 20.74 -3.04
C GLN A 69 -47.28 22.13 -3.64
N TYR A 70 -46.04 22.52 -3.88
CA TYR A 70 -45.71 23.84 -4.42
C TYR A 70 -46.28 24.19 -5.80
N PHE A 71 -47.11 23.32 -6.36
CA PHE A 71 -47.70 23.61 -7.65
C PHE A 71 -49.21 23.79 -7.58
N LEU A 72 -49.75 23.75 -6.35
CA LEU A 72 -51.18 23.93 -6.13
C LEU A 72 -51.44 25.29 -5.46
N THR A 73 -52.23 26.13 -6.13
CA THR A 73 -52.55 27.45 -5.60
C THR A 73 -53.84 27.44 -4.78
N GLU A 74 -54.11 28.55 -4.10
CA GLU A 74 -55.28 28.70 -3.26
C GLU A 74 -56.62 28.34 -3.95
N ASP A 75 -56.79 28.75 -5.20
CA ASP A 75 -58.03 28.50 -5.93
C ASP A 75 -58.13 27.20 -6.74
N ASP A 76 -57.07 26.40 -6.74
CA ASP A 76 -57.13 25.14 -7.48
C ASP A 76 -57.93 24.10 -6.71
N ILE A 77 -58.30 24.43 -5.48
CA ILE A 77 -59.07 23.50 -4.65
C ILE A 77 -60.18 22.87 -5.49
N GLY A 78 -60.51 21.63 -5.18
CA GLY A 78 -61.55 20.94 -5.93
C GLY A 78 -61.06 20.18 -7.14
N VAL A 79 -60.36 20.86 -8.03
CA VAL A 79 -59.84 20.21 -9.24
C VAL A 79 -58.88 19.06 -8.93
N PRO A 80 -58.85 18.02 -9.78
CA PRO A 80 -57.97 16.86 -9.61
C PRO A 80 -56.49 17.26 -9.67
N ARG A 81 -55.78 17.03 -8.58
CA ARG A 81 -54.37 17.37 -8.49
C ARG A 81 -53.59 16.95 -9.73
N ALA A 82 -53.99 15.85 -10.33
CA ALA A 82 -53.31 15.37 -11.53
C ALA A 82 -53.32 16.41 -12.63
N LYS A 83 -54.52 16.77 -13.08
CA LYS A 83 -54.67 17.75 -14.14
C LYS A 83 -54.13 19.13 -13.82
N VAL A 84 -54.24 19.55 -12.57
CA VAL A 84 -53.77 20.87 -12.16
C VAL A 84 -52.26 21.04 -12.18
N THR A 85 -51.52 19.99 -11.79
CA THR A 85 -50.07 20.07 -11.74
C THR A 85 -49.38 19.74 -13.07
N VAL A 86 -49.97 18.84 -13.84
CA VAL A 86 -49.39 18.45 -15.13
C VAL A 86 -49.04 19.66 -15.99
N SER A 87 -49.77 20.76 -15.81
CA SER A 87 -49.55 21.97 -16.59
C SER A 87 -48.24 22.69 -16.26
N LYS A 88 -47.76 22.50 -15.04
CA LYS A 88 -46.54 23.15 -14.58
C LYS A 88 -45.31 22.24 -14.66
N LEU A 89 -45.53 20.95 -14.47
CA LEU A 89 -44.43 19.99 -14.54
C LEU A 89 -43.94 19.93 -15.98
N ALA A 90 -44.85 20.15 -16.92
CA ALA A 90 -44.52 20.13 -18.34
C ALA A 90 -43.60 21.31 -18.65
N GLU A 91 -43.75 22.38 -17.88
CA GLU A 91 -42.96 23.58 -18.06
C GLU A 91 -41.51 23.42 -17.57
N LEU A 92 -41.25 22.36 -16.81
CA LEU A 92 -39.92 22.10 -16.28
C LEU A 92 -38.93 21.76 -17.37
N ASN A 93 -39.01 20.54 -17.89
CA ASN A 93 -38.11 20.11 -18.93
C ASN A 93 -38.88 19.96 -20.24
N GLN A 94 -38.49 20.72 -21.24
CA GLN A 94 -39.15 20.66 -22.54
C GLN A 94 -38.95 19.29 -23.16
N TYR A 95 -37.72 18.81 -23.11
CA TYR A 95 -37.37 17.50 -23.65
C TYR A 95 -38.18 16.37 -23.04
N VAL A 96 -39.05 16.69 -22.09
CA VAL A 96 -39.86 15.66 -21.45
C VAL A 96 -41.33 16.04 -21.37
N PRO A 97 -42.19 15.32 -22.10
CA PRO A 97 -43.63 15.59 -22.10
C PRO A 97 -44.29 15.03 -20.85
N VAL A 98 -45.33 15.70 -20.39
CA VAL A 98 -46.03 15.25 -19.20
C VAL A 98 -47.53 15.18 -19.46
N SER A 99 -48.08 13.97 -19.42
CA SER A 99 -49.50 13.74 -19.66
C SER A 99 -50.21 13.23 -18.41
N VAL A 100 -51.54 13.09 -18.50
CA VAL A 100 -52.34 12.60 -17.38
C VAL A 100 -53.22 11.43 -17.81
N VAL A 101 -53.69 10.67 -16.82
CA VAL A 101 -54.55 9.52 -17.07
C VAL A 101 -55.62 9.46 -15.99
N ASP A 102 -56.85 9.17 -16.38
CA ASP A 102 -57.96 9.10 -15.43
C ASP A 102 -58.30 7.67 -15.01
N GLU A 103 -57.93 6.71 -15.85
CA GLU A 103 -58.21 5.30 -15.57
C GLU A 103 -56.98 4.52 -15.10
N LEU A 104 -57.20 3.53 -14.24
CA LEU A 104 -56.11 2.72 -13.71
C LEU A 104 -56.23 1.28 -14.22
N SER A 105 -55.70 1.03 -15.42
CA SER A 105 -55.75 -0.29 -16.02
C SER A 105 -54.53 -1.14 -15.72
N THR A 106 -54.76 -2.39 -15.30
CA THR A 106 -53.68 -3.30 -14.99
C THR A 106 -52.76 -3.48 -16.20
N GLU A 107 -53.36 -3.70 -17.36
CA GLU A 107 -52.59 -3.90 -18.58
C GLU A 107 -51.83 -2.63 -18.98
N TYR A 108 -52.47 -1.49 -18.75
CA TYR A 108 -51.89 -0.18 -19.09
C TYR A 108 -50.46 0.00 -18.57
N LEU A 109 -50.15 -0.64 -17.45
CA LEU A 109 -48.83 -0.51 -16.83
C LEU A 109 -47.64 -0.91 -17.70
N LYS A 110 -47.82 -1.90 -18.57
CA LYS A 110 -46.71 -2.35 -19.41
C LYS A 110 -46.15 -1.28 -20.34
N ASN A 111 -46.66 -0.06 -20.22
CA ASN A 111 -46.19 1.06 -21.05
C ASN A 111 -45.03 1.79 -20.40
N PHE A 112 -44.95 1.71 -19.08
CA PHE A 112 -43.91 2.38 -18.32
C PHE A 112 -42.80 1.44 -17.88
N LYS A 113 -41.59 1.97 -17.82
CA LYS A 113 -40.43 1.19 -17.41
C LYS A 113 -40.36 1.16 -15.88
N CYS A 114 -40.92 2.19 -15.27
CA CYS A 114 -40.94 2.29 -13.82
C CYS A 114 -42.26 2.90 -13.37
N VAL A 115 -42.74 2.44 -12.22
CA VAL A 115 -44.01 2.93 -11.68
C VAL A 115 -43.82 3.38 -10.24
N VAL A 116 -44.14 4.64 -9.99
CA VAL A 116 -44.01 5.18 -8.64
C VAL A 116 -45.38 5.18 -7.99
N VAL A 117 -45.47 4.73 -6.74
CA VAL A 117 -46.74 4.67 -6.03
C VAL A 117 -46.74 5.45 -4.72
N THR A 118 -47.53 6.51 -4.67
CA THR A 118 -47.63 7.34 -3.48
C THR A 118 -49.09 7.47 -3.08
N GLU A 119 -49.33 7.63 -1.78
CA GLU A 119 -50.69 7.78 -1.27
C GLU A 119 -51.60 6.66 -1.78
N THR A 120 -51.27 5.42 -1.42
CA THR A 120 -52.05 4.27 -1.86
C THR A 120 -52.13 3.19 -0.79
N SER A 121 -53.31 2.60 -0.61
CA SER A 121 -53.50 1.57 0.40
C SER A 121 -52.71 0.33 0.04
N LEU A 122 -52.23 -0.38 1.06
CA LEU A 122 -51.46 -1.59 0.86
C LEU A 122 -52.18 -2.54 -0.08
N THR A 123 -53.45 -2.79 0.20
CA THR A 123 -54.27 -3.68 -0.60
C THR A 123 -54.18 -3.34 -2.08
N LYS A 124 -54.22 -2.04 -2.39
CA LYS A 124 -54.13 -1.62 -3.77
C LYS A 124 -52.71 -1.76 -4.27
N GLN A 125 -51.74 -1.61 -3.38
CA GLN A 125 -50.32 -1.74 -3.74
C GLN A 125 -50.03 -3.15 -4.24
N LEU A 126 -50.40 -4.15 -3.45
CA LEU A 126 -50.17 -5.53 -3.84
C LEU A 126 -50.70 -5.76 -5.24
N GLU A 127 -51.98 -5.48 -5.43
CA GLU A 127 -52.62 -5.64 -6.73
C GLU A 127 -51.70 -5.12 -7.83
N ILE A 128 -51.09 -3.96 -7.59
CA ILE A 128 -50.21 -3.33 -8.57
C ILE A 128 -48.85 -4.01 -8.74
N ASN A 129 -48.19 -4.36 -7.63
CA ASN A 129 -46.89 -5.01 -7.70
C ASN A 129 -46.99 -6.40 -8.30
N ASP A 130 -48.00 -7.17 -7.87
CA ASP A 130 -48.19 -8.51 -8.38
C ASP A 130 -48.03 -8.51 -9.89
N PHE A 131 -48.70 -7.57 -10.55
CA PHE A 131 -48.62 -7.48 -12.00
C PHE A 131 -47.24 -7.00 -12.44
N THR A 132 -46.85 -5.83 -11.95
CA THR A 132 -45.57 -5.23 -12.29
C THR A 132 -44.41 -6.20 -12.12
N HIS A 133 -44.39 -6.89 -10.99
CA HIS A 133 -43.31 -7.83 -10.71
C HIS A 133 -43.25 -8.95 -11.74
N LYS A 134 -44.38 -9.58 -12.01
CA LYS A 134 -44.45 -10.68 -12.97
C LYS A 134 -43.98 -10.29 -14.37
N ASN A 135 -44.37 -9.10 -14.80
CA ASN A 135 -44.00 -8.60 -16.14
C ASN A 135 -42.65 -7.90 -16.16
N HIS A 136 -41.91 -8.01 -15.06
CA HIS A 136 -40.60 -7.37 -14.96
C HIS A 136 -40.73 -5.87 -15.19
N ILE A 137 -41.37 -5.19 -14.25
CA ILE A 137 -41.58 -3.75 -14.32
C ILE A 137 -41.16 -3.10 -13.01
N ALA A 138 -40.22 -2.18 -13.08
CA ALA A 138 -39.72 -1.50 -11.89
C ALA A 138 -40.87 -0.93 -11.08
N TYR A 139 -40.91 -1.29 -9.80
CA TYR A 139 -41.96 -0.82 -8.90
C TYR A 139 -41.33 -0.08 -7.72
N ILE A 140 -41.85 1.09 -7.40
CA ILE A 140 -41.35 1.88 -6.29
C ILE A 140 -42.52 2.47 -5.51
N ALA A 141 -42.50 2.32 -4.19
CA ALA A 141 -43.57 2.84 -3.35
C ALA A 141 -42.96 3.65 -2.22
N ALA A 142 -43.51 4.84 -1.98
CA ALA A 142 -43.02 5.69 -0.90
C ALA A 142 -44.16 6.46 -0.27
N ASP A 143 -43.95 6.94 0.95
CA ASP A 143 -44.98 7.70 1.64
C ASP A 143 -44.42 8.61 2.72
N SER A 144 -44.96 9.82 2.78
CA SER A 144 -44.56 10.81 3.76
C SER A 144 -45.64 10.99 4.81
N ARG A 145 -45.38 10.50 6.00
CA ARG A 145 -46.35 10.60 7.10
C ARG A 145 -45.72 11.37 8.26
N GLY A 146 -45.84 12.69 8.22
CA GLY A 146 -45.28 13.50 9.28
C GLY A 146 -43.77 13.39 9.29
N LEU A 147 -43.20 13.16 10.47
CA LEU A 147 -41.75 13.02 10.59
C LEU A 147 -41.31 11.61 10.26
N PHE A 148 -42.20 10.83 9.66
CA PHE A 148 -41.92 9.44 9.27
C PHE A 148 -42.04 9.26 7.77
N GLY A 149 -41.25 8.34 7.22
CA GLY A 149 -41.28 8.11 5.80
C GLY A 149 -40.91 6.67 5.49
N SER A 150 -41.16 6.25 4.25
CA SER A 150 -40.83 4.88 3.86
C SER A 150 -40.77 4.71 2.34
N ILE A 151 -39.75 3.99 1.88
CA ILE A 151 -39.58 3.73 0.46
C ILE A 151 -39.36 2.23 0.26
N PHE A 152 -39.98 1.69 -0.78
CA PHE A 152 -39.84 0.28 -1.09
C PHE A 152 -39.45 0.19 -2.57
N CYS A 153 -38.62 -0.80 -2.89
CA CYS A 153 -38.19 -1.00 -4.27
C CYS A 153 -38.31 -2.45 -4.69
N ASP A 154 -38.66 -2.65 -5.96
CA ASP A 154 -38.84 -3.97 -6.55
C ASP A 154 -38.55 -3.81 -8.03
N PHE A 155 -37.35 -4.17 -8.46
CA PHE A 155 -37.00 -4.03 -9.86
C PHE A 155 -36.94 -5.38 -10.57
N GLY A 156 -37.73 -6.34 -10.10
CA GLY A 156 -37.74 -7.65 -10.74
C GLY A 156 -36.80 -8.63 -10.06
N GLU A 157 -37.10 -9.92 -10.19
CA GLU A 157 -36.28 -10.95 -9.57
C GLU A 157 -35.01 -11.24 -10.37
N ASN A 158 -34.73 -10.41 -11.37
CA ASN A 158 -33.55 -10.61 -12.19
C ASN A 158 -32.92 -9.30 -12.65
N PHE A 159 -33.11 -8.24 -11.86
CA PHE A 159 -32.54 -6.94 -12.21
C PHE A 159 -31.02 -7.00 -12.24
N ILE A 160 -30.41 -6.33 -13.22
CA ILE A 160 -28.96 -6.32 -13.34
C ILE A 160 -28.39 -4.91 -13.18
N CYS A 161 -27.34 -4.80 -12.37
CA CYS A 161 -26.69 -3.53 -12.13
C CYS A 161 -25.30 -3.56 -12.76
N THR A 162 -24.98 -2.54 -13.55
CA THR A 162 -23.69 -2.47 -14.24
C THR A 162 -22.67 -1.56 -13.57
N ASP A 163 -23.10 -0.84 -12.54
CA ASP A 163 -22.24 0.06 -11.78
C ASP A 163 -22.80 0.10 -10.36
N THR A 164 -22.12 -0.54 -9.43
CA THR A 164 -22.60 -0.61 -8.06
C THR A 164 -22.24 0.53 -7.11
N ASP A 165 -21.23 1.33 -7.45
CA ASP A 165 -20.83 2.44 -6.58
C ASP A 165 -20.83 3.82 -7.25
N GLY A 166 -20.74 3.84 -8.57
CA GLY A 166 -20.74 5.09 -9.31
C GLY A 166 -19.34 5.67 -9.48
N ASN A 167 -18.42 5.26 -8.61
CA ASN A 167 -17.05 5.76 -8.68
C ASN A 167 -16.43 5.50 -10.03
N GLU A 168 -15.41 6.28 -10.34
CA GLU A 168 -14.69 6.14 -11.59
C GLU A 168 -13.75 4.96 -11.45
N PRO A 169 -13.70 4.07 -12.47
CA PRO A 169 -12.83 2.91 -12.44
C PRO A 169 -11.42 3.31 -12.02
N LEU A 170 -10.95 2.76 -10.91
CA LEU A 170 -9.62 3.10 -10.43
C LEU A 170 -8.57 2.86 -11.51
N THR A 171 -7.42 3.51 -11.34
CA THR A 171 -6.34 3.39 -12.30
C THR A 171 -5.03 3.76 -11.59
N GLY A 172 -3.91 3.23 -12.08
CA GLY A 172 -2.65 3.54 -11.44
C GLY A 172 -1.44 2.95 -12.14
N MET A 173 -0.31 3.62 -11.98
CA MET A 173 0.94 3.21 -12.60
C MET A 173 1.65 2.13 -11.79
N ILE A 174 2.25 1.17 -12.49
CA ILE A 174 2.95 0.08 -11.85
C ILE A 174 4.46 0.24 -11.90
N ALA A 175 5.15 -0.39 -10.96
CA ALA A 175 6.60 -0.36 -10.88
C ALA A 175 7.14 -1.72 -11.32
N SER A 176 6.44 -2.78 -10.93
CA SER A 176 6.85 -4.13 -11.28
C SER A 176 5.72 -5.12 -11.05
N ILE A 177 6.00 -6.39 -11.33
CA ILE A 177 5.01 -7.45 -11.16
C ILE A 177 5.70 -8.79 -11.31
N THR A 178 5.77 -9.54 -10.21
CA THR A 178 6.41 -10.86 -10.22
C THR A 178 5.61 -11.89 -11.01
N ASP A 179 6.24 -13.01 -11.33
CA ASP A 179 5.60 -14.08 -12.07
C ASP A 179 4.58 -14.80 -11.19
N ASP A 180 4.59 -14.46 -9.92
CA ASP A 180 3.68 -15.05 -8.94
C ASP A 180 2.35 -14.31 -8.94
N GLY A 181 2.36 -13.11 -9.52
CA GLY A 181 1.15 -12.31 -9.58
C GLY A 181 1.22 -11.15 -8.59
N VAL A 182 2.41 -10.92 -8.06
CA VAL A 182 2.63 -9.86 -7.08
C VAL A 182 2.90 -8.51 -7.73
N VAL A 183 1.83 -7.79 -8.04
CA VAL A 183 1.97 -6.48 -8.66
C VAL A 183 2.34 -5.46 -7.61
N THR A 184 3.37 -4.66 -7.89
CA THR A 184 3.83 -3.63 -6.97
C THR A 184 3.55 -2.26 -7.58
N MET A 185 2.85 -1.41 -6.85
CA MET A 185 2.52 -0.08 -7.33
C MET A 185 3.76 0.76 -7.57
N LEU A 186 3.57 1.94 -8.15
CA LEU A 186 4.69 2.82 -8.42
C LEU A 186 5.28 3.34 -7.12
N GLU A 187 5.93 4.50 -7.19
CA GLU A 187 6.55 5.07 -6.00
C GLU A 187 5.53 5.52 -4.96
N GLU A 188 5.39 4.75 -3.89
CA GLU A 188 4.48 5.08 -2.81
C GLU A 188 3.06 5.41 -3.26
N THR A 189 2.68 4.92 -4.45
CA THR A 189 1.35 5.18 -4.96
C THR A 189 0.38 4.14 -4.41
N ARG A 190 -0.79 4.60 -3.99
CA ARG A 190 -1.80 3.69 -3.46
C ARG A 190 -2.71 3.27 -4.61
N HIS A 191 -3.13 2.02 -4.64
CA HIS A 191 -4.01 1.53 -5.69
C HIS A 191 -5.48 1.63 -5.29
N GLY A 192 -5.73 1.54 -3.99
CA GLY A 192 -7.08 1.64 -3.49
C GLY A 192 -8.04 0.57 -3.95
N LEU A 193 -7.52 -0.62 -4.21
CA LEU A 193 -8.35 -1.72 -4.66
C LEU A 193 -8.86 -2.50 -3.45
N GLU A 194 -9.95 -3.24 -3.64
CA GLU A 194 -10.53 -4.06 -2.58
C GLU A 194 -10.44 -5.49 -3.08
N ASN A 195 -10.34 -6.45 -2.17
CA ASN A 195 -10.28 -7.83 -2.61
C ASN A 195 -11.54 -8.11 -3.41
N GLY A 196 -11.43 -8.92 -4.45
CA GLY A 196 -12.60 -9.23 -5.24
C GLY A 196 -12.80 -8.29 -6.41
N ASP A 197 -11.83 -7.41 -6.63
CA ASP A 197 -11.90 -6.46 -7.74
C ASP A 197 -11.15 -7.00 -8.94
N PHE A 198 -11.56 -6.58 -10.13
CA PHE A 198 -10.93 -7.03 -11.37
C PHE A 198 -10.21 -5.88 -12.06
N VAL A 199 -9.06 -6.18 -12.66
CA VAL A 199 -8.28 -5.16 -13.34
C VAL A 199 -7.61 -5.67 -14.61
N LYS A 200 -7.47 -4.79 -15.60
CA LYS A 200 -6.82 -5.13 -16.85
C LYS A 200 -5.51 -4.34 -16.85
N PHE A 201 -4.62 -4.63 -17.79
CA PHE A 201 -3.34 -3.94 -17.84
C PHE A 201 -3.05 -3.34 -19.21
N THR A 202 -1.99 -2.52 -19.27
CA THR A 202 -1.58 -1.87 -20.50
C THR A 202 -0.18 -1.31 -20.35
N GLU A 203 0.61 -1.38 -21.42
CA GLU A 203 1.97 -0.88 -21.40
C GLU A 203 2.86 -1.57 -20.37
N VAL A 204 2.78 -2.90 -20.31
CA VAL A 204 3.59 -3.64 -19.36
C VAL A 204 4.64 -4.47 -20.10
N LYS A 205 5.91 -4.07 -20.00
CA LYS A 205 6.95 -4.83 -20.68
C LYS A 205 7.29 -6.07 -19.86
N GLY A 206 7.87 -7.06 -20.52
CA GLY A 206 8.24 -8.29 -19.84
C GLY A 206 7.13 -9.31 -19.85
N MET A 207 5.89 -8.85 -20.03
CA MET A 207 4.74 -9.72 -20.05
C MET A 207 3.70 -9.11 -20.98
N PRO A 208 3.91 -9.22 -22.31
CA PRO A 208 3.02 -8.69 -23.33
C PRO A 208 1.60 -9.25 -23.32
N GLY A 209 1.49 -10.56 -23.20
CA GLY A 209 0.18 -11.19 -23.19
C GLY A 209 -0.72 -10.69 -22.06
N LEU A 210 -0.16 -9.94 -21.13
CA LEU A 210 -0.91 -9.43 -20.00
C LEU A 210 -1.68 -8.18 -20.39
N ASN A 211 -1.10 -7.40 -21.30
CA ASN A 211 -1.72 -6.17 -21.77
C ASN A 211 -2.84 -6.45 -22.78
N ASP A 212 -3.46 -7.61 -22.69
CA ASP A 212 -4.54 -7.94 -23.62
C ASP A 212 -5.87 -7.33 -23.23
N GLY A 213 -6.22 -7.39 -21.95
CA GLY A 213 -7.46 -6.80 -21.51
C GLY A 213 -8.26 -7.67 -20.56
N THR A 214 -8.10 -8.99 -20.67
CA THR A 214 -8.81 -9.92 -19.81
C THR A 214 -8.63 -9.56 -18.34
N PRO A 215 -9.74 -9.26 -17.64
CA PRO A 215 -9.71 -8.90 -16.21
C PRO A 215 -9.11 -10.00 -15.35
N ARG A 216 -8.68 -9.64 -14.14
CA ARG A 216 -8.09 -10.59 -13.20
C ARG A 216 -8.48 -10.25 -11.76
N LYS A 217 -8.94 -11.25 -11.01
CA LYS A 217 -9.35 -11.07 -9.61
C LYS A 217 -8.15 -10.60 -8.82
N VAL A 218 -8.36 -9.62 -7.95
CA VAL A 218 -7.28 -9.05 -7.13
C VAL A 218 -7.29 -9.47 -5.66
N GLU A 219 -6.10 -9.72 -5.12
CA GLU A 219 -5.97 -10.11 -3.72
C GLU A 219 -5.02 -9.11 -3.08
N VAL A 220 -5.58 -8.10 -2.43
CA VAL A 220 -4.79 -7.06 -1.78
C VAL A 220 -3.82 -7.58 -0.71
N LYS A 221 -2.53 -7.37 -0.94
CA LYS A 221 -1.48 -7.80 -0.02
C LYS A 221 -1.04 -6.64 0.88
N GLY A 222 -1.53 -5.44 0.57
CA GLY A 222 -1.18 -4.26 1.33
C GLY A 222 -1.71 -3.02 0.63
N PRO A 223 -1.38 -1.83 1.14
CA PRO A 223 -1.85 -0.60 0.50
C PRO A 223 -1.10 -0.22 -0.78
N TYR A 224 0.04 -0.87 -1.01
CA TYR A 224 0.85 -0.57 -2.19
C TYR A 224 1.03 -1.78 -3.10
N THR A 225 0.54 -2.94 -2.68
CA THR A 225 0.71 -4.13 -3.49
C THR A 225 -0.50 -5.06 -3.46
N PHE A 226 -0.75 -5.72 -4.59
CA PHE A 226 -1.85 -6.67 -4.70
C PHE A 226 -1.48 -7.82 -5.62
N SER A 227 -2.17 -8.95 -5.45
CA SER A 227 -1.91 -10.15 -6.24
C SER A 227 -2.99 -10.40 -7.28
N ILE A 228 -2.61 -11.02 -8.39
CA ILE A 228 -3.54 -11.36 -9.46
C ILE A 228 -3.42 -12.85 -9.78
N GLY A 229 -2.60 -13.53 -9.00
CA GLY A 229 -2.38 -14.96 -9.20
C GLY A 229 -1.18 -15.19 -10.10
N SER A 230 -0.65 -16.40 -10.07
CA SER A 230 0.52 -16.75 -10.88
C SER A 230 0.28 -16.41 -12.34
N VAL A 231 1.31 -15.88 -12.99
CA VAL A 231 1.24 -15.51 -14.40
C VAL A 231 2.59 -15.77 -15.07
N LYS A 232 3.36 -16.69 -14.49
CA LYS A 232 4.68 -17.03 -15.00
C LYS A 232 4.64 -17.62 -16.41
N ASP A 233 3.44 -17.96 -16.86
CA ASP A 233 3.25 -18.54 -18.20
C ASP A 233 3.12 -17.43 -19.23
N LEU A 234 3.34 -16.19 -18.79
CA LEU A 234 3.23 -15.06 -19.68
C LEU A 234 4.54 -14.26 -19.63
N GLY A 235 5.43 -14.70 -18.74
CA GLY A 235 6.72 -14.04 -18.60
C GLY A 235 7.38 -14.36 -17.28
N SER A 236 8.53 -13.77 -17.03
CA SER A 236 9.27 -14.01 -15.79
C SER A 236 9.15 -12.84 -14.82
N ALA A 237 8.94 -11.65 -15.36
CA ALA A 237 8.80 -10.45 -14.54
C ALA A 237 8.46 -9.23 -15.40
N GLY A 238 7.30 -8.64 -15.12
CA GLY A 238 6.89 -7.47 -15.88
C GLY A 238 7.43 -6.21 -15.25
N TYR A 239 7.49 -5.13 -16.03
CA TYR A 239 8.00 -3.86 -15.52
C TYR A 239 7.08 -2.68 -15.85
N ASN A 240 7.17 -1.63 -15.03
CA ASN A 240 6.37 -0.42 -15.16
C ASN A 240 5.25 -0.43 -16.21
N GLY A 241 4.01 -0.52 -15.73
CA GLY A 241 2.88 -0.53 -16.64
C GLY A 241 1.77 0.34 -16.10
N VAL A 242 0.53 -0.02 -16.38
CA VAL A 242 -0.64 0.73 -15.91
C VAL A 242 -1.83 -0.21 -15.83
N PHE A 243 -2.51 -0.20 -14.70
CA PHE A 243 -3.67 -1.07 -14.53
C PHE A 243 -4.95 -0.26 -14.56
N THR A 244 -6.07 -0.95 -14.74
CA THR A 244 -7.38 -0.31 -14.78
C THR A 244 -8.44 -1.25 -14.25
N GLN A 245 -9.21 -0.76 -13.29
CA GLN A 245 -10.26 -1.58 -12.68
C GLN A 245 -11.40 -1.80 -13.65
N VAL A 246 -11.91 -3.03 -13.66
CA VAL A 246 -13.03 -3.39 -14.51
C VAL A 246 -14.24 -3.54 -13.61
N LYS A 247 -15.25 -2.70 -13.79
CA LYS A 247 -16.44 -2.79 -12.96
C LYS A 247 -17.32 -3.93 -13.46
N VAL A 248 -17.38 -5.04 -12.72
CA VAL A 248 -18.20 -6.17 -13.14
C VAL A 248 -19.62 -6.06 -12.63
N PRO A 249 -20.59 -6.15 -13.54
CA PRO A 249 -22.01 -6.06 -13.18
C PRO A 249 -22.40 -7.18 -12.24
N THR A 250 -23.65 -7.12 -11.76
CA THR A 250 -24.16 -8.13 -10.87
C THR A 250 -25.67 -8.06 -10.81
N LYS A 251 -26.32 -9.21 -10.67
CA LYS A 251 -27.77 -9.23 -10.61
C LYS A 251 -28.27 -9.14 -9.18
N ILE A 252 -29.31 -8.34 -8.99
CA ILE A 252 -29.93 -8.14 -7.69
C ILE A 252 -31.34 -8.71 -7.76
N SER A 253 -31.63 -9.70 -6.94
CA SER A 253 -32.95 -10.31 -6.94
C SER A 253 -33.89 -9.65 -5.93
N PHE A 254 -34.95 -9.04 -6.44
CA PHE A 254 -35.92 -8.36 -5.60
C PHE A 254 -37.10 -9.27 -5.28
N LYS A 255 -37.60 -9.15 -4.04
CA LYS A 255 -38.75 -9.94 -3.61
C LYS A 255 -40.02 -9.12 -3.85
N SER A 256 -41.12 -9.80 -4.11
CA SER A 256 -42.38 -9.12 -4.36
C SER A 256 -42.84 -8.45 -3.06
N LEU A 257 -43.61 -7.38 -3.19
CA LEU A 257 -44.10 -6.66 -2.02
C LEU A 257 -44.86 -7.62 -1.12
N ARG A 258 -45.40 -8.67 -1.72
CA ARG A 258 -46.16 -9.67 -0.97
C ARG A 258 -45.28 -10.63 -0.16
N GLU A 259 -44.28 -11.21 -0.79
CA GLU A 259 -43.40 -12.15 -0.10
C GLU A 259 -42.34 -11.43 0.72
N SER A 260 -42.00 -10.21 0.34
CA SER A 260 -41.00 -9.44 1.06
C SER A 260 -41.65 -8.86 2.29
N LEU A 261 -42.95 -8.64 2.22
CA LEU A 261 -43.70 -8.09 3.33
C LEU A 261 -43.54 -9.04 4.52
N LYS A 262 -43.24 -10.30 4.20
CA LYS A 262 -43.04 -11.33 5.21
C LYS A 262 -41.63 -11.18 5.80
N ASP A 263 -40.63 -11.40 4.95
CA ASP A 263 -39.22 -11.29 5.33
C ASP A 263 -38.70 -10.01 4.68
N PRO A 264 -38.89 -8.86 5.34
CA PRO A 264 -38.43 -7.58 4.80
C PRO A 264 -36.93 -7.37 4.95
N GLU A 265 -36.31 -6.78 3.93
CA GLU A 265 -34.88 -6.49 3.95
C GLU A 265 -34.71 -4.99 4.16
N TYR A 266 -34.32 -4.62 5.37
CA TYR A 266 -34.17 -3.21 5.72
C TYR A 266 -32.86 -2.58 5.29
N VAL A 267 -32.91 -1.28 5.06
CA VAL A 267 -31.77 -0.47 4.69
C VAL A 267 -31.72 0.59 5.78
N TYR A 268 -30.98 0.33 6.84
CA TYR A 268 -30.89 1.25 7.96
C TYR A 268 -30.23 2.58 7.59
N PRO A 269 -30.99 3.69 7.70
CA PRO A 269 -30.51 5.03 7.38
C PRO A 269 -29.77 5.64 8.57
N ASP A 270 -29.88 4.97 9.72
CA ASP A 270 -29.22 5.44 10.93
C ASP A 270 -28.99 4.26 11.87
N PHE A 271 -27.73 3.86 11.98
CA PHE A 271 -27.34 2.74 12.82
C PHE A 271 -27.54 3.06 14.30
N GLY A 272 -27.99 4.28 14.58
CA GLY A 272 -28.24 4.68 15.95
C GLY A 272 -29.64 4.31 16.37
N LYS A 273 -30.53 4.17 15.40
CA LYS A 273 -31.92 3.83 15.64
C LYS A 273 -32.17 2.44 15.03
N MET A 274 -31.12 1.64 15.06
CA MET A 274 -31.13 0.28 14.52
C MET A 274 -32.42 -0.51 14.75
N MET A 275 -33.01 -0.38 15.93
CA MET A 275 -34.23 -1.13 16.27
C MET A 275 -35.56 -0.48 15.92
N ARG A 276 -35.57 0.49 15.01
CA ARG A 276 -36.82 1.14 14.66
C ARG A 276 -37.46 0.72 13.35
N PRO A 277 -36.66 0.42 12.32
CA PRO A 277 -37.25 0.01 11.05
C PRO A 277 -38.33 -1.08 11.18
N PRO A 278 -38.03 -2.15 11.95
CA PRO A 278 -39.03 -3.21 12.11
C PRO A 278 -40.35 -2.64 12.60
N GLN A 279 -40.29 -1.88 13.69
CA GLN A 279 -41.49 -1.28 14.26
C GLN A 279 -42.26 -0.53 13.18
N TYR A 280 -41.53 0.26 12.39
CA TYR A 280 -42.15 1.06 11.33
C TYR A 280 -42.77 0.20 10.25
N HIS A 281 -42.18 -0.97 10.00
CA HIS A 281 -42.69 -1.88 8.99
C HIS A 281 -44.12 -2.25 9.36
N ILE A 282 -44.33 -2.46 10.66
CA ILE A 282 -45.64 -2.81 11.17
C ILE A 282 -46.56 -1.60 11.11
N ALA A 283 -46.17 -0.55 11.82
CA ALA A 283 -46.95 0.69 11.89
C ALA A 283 -47.46 1.18 10.53
N PHE A 284 -46.60 1.21 9.52
CA PHE A 284 -47.01 1.67 8.20
C PHE A 284 -48.09 0.81 7.57
N GLN A 285 -48.10 -0.49 7.89
CA GLN A 285 -49.13 -1.38 7.36
C GLN A 285 -50.39 -1.14 8.18
N ALA A 286 -50.21 -0.93 9.48
CA ALA A 286 -51.33 -0.67 10.36
C ALA A 286 -52.03 0.60 9.89
N LEU A 287 -51.25 1.52 9.38
CA LEU A 287 -51.77 2.78 8.87
C LEU A 287 -52.68 2.49 7.68
N SER A 288 -52.36 1.43 6.95
CA SER A 288 -53.15 1.05 5.78
C SER A 288 -54.46 0.41 6.22
N ALA A 289 -54.38 -0.53 7.17
CA ALA A 289 -55.58 -1.20 7.67
C ALA A 289 -56.56 -0.17 8.19
N PHE A 290 -56.10 0.64 9.14
CA PHE A 290 -56.93 1.68 9.74
C PHE A 290 -57.64 2.49 8.66
N ALA A 291 -56.92 2.78 7.58
CA ALA A 291 -57.47 3.56 6.48
C ALA A 291 -58.77 2.97 5.93
N ASP A 292 -58.72 1.70 5.53
CA ASP A 292 -59.88 1.03 4.98
C ASP A 292 -61.06 1.03 5.95
N ALA A 293 -60.75 0.85 7.22
CA ALA A 293 -61.77 0.82 8.26
C ALA A 293 -62.53 2.14 8.37
N HIS A 294 -61.79 3.24 8.26
CA HIS A 294 -62.40 4.57 8.37
C HIS A 294 -62.55 5.28 7.02
N GLU A 295 -62.82 4.49 5.98
CA GLU A 295 -63.02 5.02 4.65
C GLU A 295 -61.83 5.82 4.12
N GLY A 296 -60.67 5.17 4.07
CA GLY A 296 -59.47 5.83 3.57
C GLY A 296 -58.93 7.04 4.32
N SER A 297 -59.50 7.35 5.48
CA SER A 297 -59.03 8.50 6.25
C SER A 297 -58.01 8.03 7.29
N LEU A 298 -57.01 8.86 7.55
CA LEU A 298 -55.99 8.48 8.53
C LEU A 298 -56.28 9.08 9.89
N PRO A 299 -55.64 8.52 10.94
CA PRO A 299 -55.80 8.98 12.32
C PRO A 299 -55.74 10.50 12.45
N ARG A 300 -56.63 11.05 13.26
CA ARG A 300 -56.66 12.49 13.46
C ARG A 300 -55.43 12.99 14.21
N PRO A 301 -54.90 14.16 13.83
CA PRO A 301 -53.71 14.79 14.44
C PRO A 301 -53.68 14.74 15.97
N ARG A 302 -52.72 14.00 16.50
CA ARG A 302 -52.52 13.86 17.94
C ARG A 302 -53.73 13.29 18.69
N ASN A 303 -54.58 12.56 17.97
CA ASN A 303 -55.77 11.96 18.58
C ASN A 303 -55.38 10.72 19.39
N ASP A 304 -55.95 10.59 20.59
CA ASP A 304 -55.64 9.44 21.44
C ASP A 304 -56.51 8.22 21.16
N ILE A 305 -57.76 8.45 20.81
CA ILE A 305 -58.68 7.36 20.52
C ILE A 305 -58.20 6.59 19.29
N ASP A 306 -57.94 7.32 18.22
CA ASP A 306 -57.46 6.72 16.98
C ASP A 306 -56.16 5.99 17.24
N ALA A 307 -55.31 6.57 18.06
CA ALA A 307 -54.02 5.98 18.41
C ALA A 307 -54.24 4.61 19.04
N ALA A 308 -55.10 4.55 20.05
CA ALA A 308 -55.41 3.31 20.72
C ALA A 308 -55.84 2.25 19.71
N GLU A 309 -56.77 2.63 18.82
CA GLU A 309 -57.25 1.70 17.80
C GLU A 309 -56.12 1.32 16.86
N PHE A 310 -55.36 2.32 16.41
CA PHE A 310 -54.25 2.10 15.53
C PHE A 310 -53.33 1.04 16.15
N PHE A 311 -53.00 1.26 17.42
CA PHE A 311 -52.14 0.35 18.15
C PHE A 311 -52.63 -1.09 18.11
N GLU A 312 -53.95 -1.26 18.10
CA GLU A 312 -54.52 -2.61 18.06
C GLU A 312 -54.23 -3.25 16.70
N PHE A 313 -54.44 -2.49 15.63
CA PHE A 313 -54.18 -3.00 14.29
C PHE A 313 -52.74 -3.50 14.21
N CYS A 314 -51.85 -2.88 14.98
CA CYS A 314 -50.44 -3.27 15.00
C CYS A 314 -50.32 -4.69 15.52
N LYS A 315 -50.91 -4.94 16.69
CA LYS A 315 -50.89 -6.27 17.28
C LYS A 315 -51.54 -7.26 16.32
N LYS A 316 -52.53 -6.79 15.57
CA LYS A 316 -53.25 -7.61 14.60
C LYS A 316 -52.28 -8.17 13.56
N ILE A 317 -51.64 -7.29 12.80
CA ILE A 317 -50.70 -7.70 11.76
C ILE A 317 -49.38 -8.20 12.35
N ALA A 318 -49.13 -7.88 13.62
CA ALA A 318 -47.90 -8.31 14.28
C ALA A 318 -47.86 -9.82 14.37
N SER A 319 -49.01 -10.41 14.68
CA SER A 319 -49.12 -11.87 14.80
C SER A 319 -49.34 -12.54 13.45
N THR A 320 -50.25 -11.99 12.65
CA THR A 320 -50.55 -12.56 11.34
C THR A 320 -49.29 -12.62 10.48
N LEU A 321 -48.39 -11.68 10.71
CA LEU A 321 -47.13 -11.64 9.97
C LEU A 321 -46.12 -12.45 10.76
N GLN A 322 -46.52 -12.86 11.96
CA GLN A 322 -45.68 -13.66 12.84
C GLN A 322 -44.36 -12.96 13.10
N PHE A 323 -44.41 -11.64 13.20
CA PHE A 323 -43.22 -10.84 13.45
C PHE A 323 -42.89 -10.87 14.94
N ASP A 324 -41.94 -11.72 15.31
CA ASP A 324 -41.54 -11.85 16.71
C ASP A 324 -40.76 -10.61 17.14
N VAL A 325 -41.48 -9.60 17.63
CA VAL A 325 -40.86 -8.35 18.07
C VAL A 325 -41.65 -7.76 19.23
N GLU A 326 -41.00 -6.89 19.98
CA GLU A 326 -41.64 -6.23 21.11
C GLU A 326 -42.13 -4.88 20.64
N LEU A 327 -43.41 -4.78 20.30
CA LEU A 327 -43.97 -3.51 19.83
C LEU A 327 -43.71 -2.37 20.81
N ASP A 328 -43.25 -1.24 20.27
CA ASP A 328 -42.97 -0.06 21.09
C ASP A 328 -44.17 0.87 21.00
N GLU A 329 -45.10 0.71 21.93
CA GLU A 329 -46.32 1.51 21.96
C GLU A 329 -46.08 3.01 21.75
N LYS A 330 -45.27 3.61 22.62
CA LYS A 330 -44.98 5.03 22.53
C LYS A 330 -44.49 5.47 21.15
N LEU A 331 -43.57 4.71 20.58
CA LEU A 331 -43.03 5.02 19.26
C LEU A 331 -44.09 4.87 18.18
N ILE A 332 -44.70 3.69 18.12
CA ILE A 332 -45.72 3.41 17.11
C ILE A 332 -46.89 4.40 17.17
N LYS A 333 -47.37 4.68 18.38
CA LYS A 333 -48.48 5.60 18.54
C LYS A 333 -48.12 6.97 17.98
N GLU A 334 -46.83 7.28 17.98
CA GLU A 334 -46.37 8.56 17.48
C GLU A 334 -46.67 8.69 15.98
N ILE A 335 -46.59 7.58 15.26
CA ILE A 335 -46.88 7.58 13.84
C ILE A 335 -48.36 7.83 13.62
N SER A 336 -49.18 7.39 14.57
CA SER A 336 -50.62 7.58 14.49
C SER A 336 -50.96 9.06 14.66
N TYR A 337 -50.35 9.68 15.66
CA TYR A 337 -50.58 11.09 15.92
C TYR A 337 -50.20 11.89 14.68
N GLN A 338 -48.98 11.67 14.20
CA GLN A 338 -48.46 12.37 13.03
C GLN A 338 -48.93 11.80 11.70
N ALA A 339 -49.81 10.80 11.75
CA ALA A 339 -50.32 10.14 10.56
C ALA A 339 -50.71 11.09 9.44
N ARG A 340 -51.44 12.15 9.79
CA ARG A 340 -51.87 13.13 8.79
C ARG A 340 -50.80 14.15 8.46
N GLY A 341 -49.66 14.05 9.14
CA GLY A 341 -48.57 14.98 8.90
C GLY A 341 -48.10 14.96 7.46
N ASP A 342 -47.92 16.14 6.89
CA ASP A 342 -47.46 16.27 5.52
C ASP A 342 -46.46 17.42 5.47
N LEU A 343 -45.23 17.11 5.84
CA LEU A 343 -44.16 18.10 5.87
C LEU A 343 -43.49 18.21 4.50
N VAL A 344 -43.05 19.41 4.14
CA VAL A 344 -42.40 19.62 2.84
C VAL A 344 -40.97 19.12 2.87
N ALA A 345 -40.35 19.20 4.04
CA ALA A 345 -38.98 18.74 4.20
C ALA A 345 -38.97 17.23 3.96
N MET A 346 -39.91 16.53 4.60
CA MET A 346 -40.01 15.09 4.44
C MET A 346 -40.24 14.71 2.98
N SER A 347 -40.98 15.56 2.27
CA SER A 347 -41.27 15.32 0.87
C SER A 347 -40.05 15.59 0.00
N ALA A 348 -39.26 16.58 0.39
CA ALA A 348 -38.05 16.91 -0.34
C ALA A 348 -37.06 15.77 -0.19
N PHE A 349 -36.90 15.30 1.05
CA PHE A 349 -36.00 14.20 1.36
C PHE A 349 -36.37 12.93 0.61
N LEU A 350 -37.52 12.37 0.95
CA LEU A 350 -37.99 11.15 0.30
C LEU A 350 -38.17 11.33 -1.20
N GLY A 351 -38.40 12.56 -1.64
CA GLY A 351 -38.58 12.82 -3.06
C GLY A 351 -37.32 12.63 -3.88
N GLY A 352 -36.29 13.42 -3.57
CA GLY A 352 -35.04 13.31 -4.30
C GLY A 352 -34.49 11.91 -4.18
N ALA A 353 -34.75 11.28 -3.04
CA ALA A 353 -34.29 9.92 -2.80
C ALA A 353 -34.96 8.99 -3.81
N VAL A 354 -36.28 8.89 -3.72
CA VAL A 354 -37.07 8.04 -4.61
C VAL A 354 -36.75 8.33 -6.07
N ALA A 355 -36.67 9.61 -6.40
CA ALA A 355 -36.38 10.02 -7.76
C ALA A 355 -35.14 9.32 -8.28
N GLN A 356 -34.08 9.31 -7.48
CA GLN A 356 -32.82 8.68 -7.86
C GLN A 356 -33.01 7.19 -8.14
N GLU A 357 -33.88 6.57 -7.35
CA GLU A 357 -34.17 5.15 -7.49
C GLU A 357 -34.77 4.86 -8.86
N VAL A 358 -35.67 5.74 -9.28
CA VAL A 358 -36.32 5.61 -10.57
C VAL A 358 -35.28 5.61 -11.68
N LEU A 359 -34.29 6.51 -11.56
CA LEU A 359 -33.24 6.59 -12.56
C LEU A 359 -32.44 5.30 -12.56
N LYS A 360 -32.20 4.75 -11.38
CA LYS A 360 -31.45 3.51 -11.25
C LYS A 360 -32.17 2.41 -12.02
N ALA A 361 -33.46 2.28 -11.75
CA ALA A 361 -34.29 1.26 -12.38
C ALA A 361 -34.32 1.39 -13.90
N THR A 362 -34.04 2.58 -14.40
CA THR A 362 -34.07 2.80 -15.83
C THR A 362 -32.69 2.93 -16.45
N THR A 363 -31.65 2.65 -15.68
CA THR A 363 -30.29 2.76 -16.20
C THR A 363 -29.38 1.62 -15.75
N SER A 364 -29.83 0.89 -14.73
CA SER A 364 -29.05 -0.20 -14.18
C SER A 364 -27.75 0.36 -13.62
N LYS A 365 -27.79 1.63 -13.23
CA LYS A 365 -26.61 2.31 -12.68
C LYS A 365 -26.87 2.67 -11.22
N PHE A 366 -25.88 2.39 -10.38
CA PHE A 366 -25.93 2.64 -8.94
C PHE A 366 -26.72 1.55 -8.24
N TYR A 367 -26.27 1.15 -7.05
CA TYR A 367 -26.93 0.12 -6.27
C TYR A 367 -28.24 0.64 -5.69
N PRO A 368 -29.36 -0.04 -6.01
CA PRO A 368 -30.73 0.30 -5.57
C PRO A 368 -31.00 -0.01 -4.11
N LEU A 369 -32.04 0.59 -3.55
CA LEU A 369 -32.41 0.32 -2.17
C LEU A 369 -33.05 -1.05 -2.18
N LYS A 370 -32.51 -1.97 -1.40
CA LYS A 370 -33.03 -3.32 -1.35
C LYS A 370 -33.22 -3.75 0.10
N GLN A 371 -34.45 -3.69 0.60
CA GLN A 371 -35.62 -3.23 -0.16
C GLN A 371 -36.55 -2.31 0.62
N TYR A 372 -36.32 -2.18 1.93
CA TYR A 372 -37.16 -1.33 2.77
C TYR A 372 -36.40 -0.16 3.42
N PHE A 373 -36.80 1.05 3.08
CA PHE A 373 -36.17 2.24 3.64
C PHE A 373 -37.10 2.99 4.58
N TYR A 374 -36.99 2.71 5.88
CA TYR A 374 -37.83 3.37 6.87
C TYR A 374 -37.02 4.42 7.62
N PHE A 375 -37.39 5.69 7.39
CA PHE A 375 -36.71 6.83 8.00
C PHE A 375 -37.60 7.62 8.96
N ASP A 376 -36.98 8.33 9.89
CA ASP A 376 -37.73 9.14 10.84
C ASP A 376 -36.83 10.25 11.38
N SER A 377 -37.41 11.42 11.60
CA SER A 377 -36.66 12.56 12.15
C SER A 377 -37.43 13.01 13.37
N LEU A 378 -37.76 12.05 14.22
CA LEU A 378 -38.52 12.32 15.42
C LEU A 378 -37.91 13.38 16.32
N GLU A 379 -36.62 13.61 16.19
CA GLU A 379 -35.95 14.61 17.01
C GLU A 379 -36.48 16.00 16.71
N SER A 380 -37.05 16.17 15.52
CA SER A 380 -37.60 17.45 15.07
C SER A 380 -38.83 17.87 15.85
N LEU A 381 -39.55 16.90 16.40
CA LEU A 381 -40.76 17.17 17.17
C LEU A 381 -40.47 18.18 18.28
N PRO A 382 -41.18 19.33 18.24
CA PRO A 382 -41.05 20.44 19.20
C PRO A 382 -41.34 20.06 20.64
N SER A 383 -40.66 20.73 21.57
CA SER A 383 -40.84 20.48 22.99
C SER A 383 -40.95 21.79 23.76
N SER A 384 -40.87 22.91 23.04
CA SER A 384 -40.97 24.24 23.66
C SER A 384 -42.39 24.77 23.51
N VAL A 385 -43.28 23.96 22.94
CA VAL A 385 -44.67 24.34 22.75
C VAL A 385 -45.51 23.14 23.18
N THR A 386 -46.81 23.36 23.35
CA THR A 386 -47.71 22.29 23.78
C THR A 386 -48.26 21.51 22.59
N ILE A 387 -47.96 20.22 22.56
CA ILE A 387 -48.42 19.36 21.48
C ILE A 387 -49.57 18.50 21.98
N SER A 388 -50.80 18.88 21.62
CA SER A 388 -51.98 18.15 22.02
C SER A 388 -52.96 18.06 20.85
N GLU A 389 -53.96 17.20 20.99
CA GLU A 389 -54.98 17.03 19.96
C GLU A 389 -55.56 18.38 19.60
N GLU A 390 -55.57 19.28 20.58
CA GLU A 390 -56.12 20.62 20.42
C GLU A 390 -55.27 21.52 19.54
N THR A 391 -53.99 21.65 19.90
CA THR A 391 -53.07 22.50 19.14
C THR A 391 -52.83 22.03 17.71
N CYS A 392 -52.90 20.72 17.48
CA CYS A 392 -52.66 20.18 16.15
C CYS A 392 -53.89 20.05 15.29
N LYS A 393 -55.00 20.63 15.73
CA LYS A 393 -56.24 20.56 14.96
C LYS A 393 -56.14 21.41 13.70
N PRO A 394 -56.82 20.98 12.61
CA PRO A 394 -56.79 21.73 11.35
C PRO A 394 -57.27 23.16 11.54
N ARG A 395 -56.97 24.02 10.57
CA ARG A 395 -57.37 25.41 10.66
C ARG A 395 -57.94 25.91 9.35
N GLY A 396 -57.92 25.04 8.33
CA GLY A 396 -58.44 25.42 7.03
C GLY A 396 -57.46 26.23 6.19
N CYS A 397 -56.20 26.25 6.60
CA CYS A 397 -55.18 27.00 5.88
C CYS A 397 -54.24 26.04 5.16
N ARG A 398 -53.34 26.59 4.34
CA ARG A 398 -52.41 25.76 3.59
C ARG A 398 -51.35 25.12 4.48
N TYR A 399 -51.36 25.44 5.76
CA TYR A 399 -50.36 24.89 6.68
C TYR A 399 -50.90 23.81 7.61
N ASP A 400 -52.03 23.22 7.25
CA ASP A 400 -52.61 22.17 8.09
C ASP A 400 -51.72 20.94 8.13
N GLY A 401 -51.14 20.59 6.99
CA GLY A 401 -50.27 19.44 6.90
C GLY A 401 -49.08 19.56 7.82
N GLN A 402 -48.71 20.80 8.13
CA GLN A 402 -47.57 21.06 9.01
C GLN A 402 -48.06 21.16 10.46
N ILE A 403 -49.08 21.98 10.67
CA ILE A 403 -49.64 22.17 12.00
C ILE A 403 -49.98 20.82 12.62
N ALA A 404 -50.39 19.88 11.78
CA ALA A 404 -50.75 18.55 12.26
C ALA A 404 -49.61 17.91 13.06
N VAL A 405 -48.40 18.39 12.83
CA VAL A 405 -47.23 17.84 13.52
C VAL A 405 -46.69 18.74 14.63
N PHE A 406 -46.41 19.99 14.29
CA PHE A 406 -45.86 20.96 15.24
C PHE A 406 -46.91 21.74 16.03
N GLY A 407 -48.05 22.02 15.42
CA GLY A 407 -49.09 22.75 16.10
C GLY A 407 -49.18 24.19 15.64
N SER A 408 -50.35 24.80 15.84
CA SER A 408 -50.58 26.19 15.44
C SER A 408 -49.64 27.14 16.18
N GLU A 409 -49.49 26.91 17.48
CA GLU A 409 -48.63 27.72 18.33
C GLU A 409 -47.23 27.84 17.73
N PHE A 410 -46.69 26.72 17.27
CA PHE A 410 -45.35 26.68 16.67
C PHE A 410 -45.33 27.39 15.32
N GLN A 411 -46.36 27.15 14.53
CA GLN A 411 -46.50 27.75 13.20
C GLN A 411 -46.24 29.25 13.24
N GLU A 412 -46.51 29.88 14.38
CA GLU A 412 -46.29 31.31 14.53
C GLU A 412 -44.81 31.63 14.50
N LYS A 413 -44.03 30.87 15.26
CA LYS A 413 -42.58 31.06 15.32
C LYS A 413 -41.99 31.02 13.92
N ILE A 414 -42.35 29.99 13.16
CA ILE A 414 -41.86 29.82 11.79
C ILE A 414 -42.18 31.06 10.94
N ALA A 415 -43.43 31.51 11.05
CA ALA A 415 -43.89 32.67 10.29
C ALA A 415 -43.11 33.94 10.60
N SER A 416 -42.76 34.12 11.88
CA SER A 416 -42.05 35.32 12.30
C SER A 416 -40.53 35.24 12.21
N LEU A 417 -40.03 34.29 11.43
CA LEU A 417 -38.58 34.13 11.27
C LEU A 417 -37.98 35.18 10.36
N SER A 418 -36.72 35.52 10.62
CA SER A 418 -35.98 36.50 9.83
C SER A 418 -34.74 35.78 9.31
N THR A 419 -34.87 35.08 8.20
CA THR A 419 -33.76 34.34 7.62
C THR A 419 -32.87 35.11 6.66
N PHE A 420 -31.77 34.48 6.29
CA PHE A 420 -30.80 35.07 5.37
C PHE A 420 -30.20 33.90 4.61
N LEU A 421 -30.62 33.73 3.36
CA LEU A 421 -30.12 32.66 2.51
C LEU A 421 -28.95 33.16 1.67
N VAL A 422 -27.78 32.55 1.86
CA VAL A 422 -26.60 32.93 1.11
C VAL A 422 -26.38 31.95 -0.04
N GLY A 423 -26.73 32.39 -1.24
CA GLY A 423 -26.60 31.55 -2.42
C GLY A 423 -27.97 31.30 -3.00
N ALA A 424 -28.07 31.29 -4.34
CA ALA A 424 -29.34 31.06 -5.00
C ALA A 424 -29.22 30.04 -6.13
N GLY A 425 -28.36 29.05 -5.94
CA GLY A 425 -28.20 28.03 -6.95
C GLY A 425 -29.07 26.82 -6.70
N ALA A 426 -28.54 25.64 -7.00
CA ALA A 426 -29.28 24.40 -6.81
C ALA A 426 -29.95 24.37 -5.44
N ILE A 427 -29.14 24.27 -4.40
CA ILE A 427 -29.65 24.21 -3.04
C ILE A 427 -30.51 25.43 -2.75
N GLY A 428 -30.08 26.60 -3.24
CA GLY A 428 -30.82 27.82 -3.02
C GLY A 428 -32.30 27.73 -3.35
N CYS A 429 -32.59 27.29 -4.56
CA CYS A 429 -33.97 27.15 -5.00
C CYS A 429 -34.77 26.23 -4.10
N GLU A 430 -34.26 25.01 -3.93
CA GLU A 430 -34.92 24.03 -3.08
C GLU A 430 -35.19 24.60 -1.69
N MET A 431 -34.22 25.32 -1.16
CA MET A 431 -34.36 25.92 0.16
C MET A 431 -35.54 26.87 0.19
N LEU A 432 -35.55 27.83 -0.72
CA LEU A 432 -36.64 28.80 -0.80
C LEU A 432 -37.96 28.03 -0.90
N LYS A 433 -38.02 27.09 -1.84
CA LYS A 433 -39.22 26.29 -2.02
C LYS A 433 -39.72 25.76 -0.68
N ASN A 434 -38.86 25.05 0.04
CA ASN A 434 -39.24 24.50 1.33
C ASN A 434 -39.72 25.59 2.28
N TRP A 435 -39.00 26.72 2.32
CA TRP A 435 -39.36 27.82 3.20
C TRP A 435 -40.75 28.37 2.88
N ALA A 436 -41.08 28.41 1.59
CA ALA A 436 -42.37 28.90 1.14
C ALA A 436 -43.46 28.01 1.69
N MET A 437 -43.35 26.72 1.42
CA MET A 437 -44.33 25.77 1.89
C MET A 437 -44.47 25.77 3.41
N MET A 438 -43.36 25.97 4.12
CA MET A 438 -43.38 26.00 5.59
C MET A 438 -43.93 27.32 6.09
N GLY A 439 -44.04 28.28 5.18
CA GLY A 439 -44.55 29.59 5.55
C GLY A 439 -43.55 30.41 6.34
N VAL A 440 -42.28 30.33 5.96
CA VAL A 440 -41.24 31.08 6.65
C VAL A 440 -41.35 32.56 6.32
N ALA A 441 -41.12 33.41 7.31
CA ALA A 441 -41.19 34.86 7.12
C ALA A 441 -42.56 35.33 6.65
N THR A 442 -43.57 34.49 6.82
CA THR A 442 -44.92 34.82 6.41
C THR A 442 -45.57 35.75 7.42
N GLY A 443 -45.16 35.62 8.67
CA GLY A 443 -45.71 36.45 9.72
C GLY A 443 -45.40 37.93 9.54
N GLU A 444 -45.53 38.68 10.63
CA GLU A 444 -45.29 40.12 10.64
C GLU A 444 -43.81 40.48 10.68
N SER A 445 -43.13 40.08 11.75
CA SER A 445 -41.71 40.37 11.91
C SER A 445 -40.87 39.47 11.02
N GLY A 446 -41.54 38.59 10.28
CA GLY A 446 -40.84 37.69 9.39
C GLY A 446 -40.23 38.44 8.21
N HIS A 447 -39.22 37.82 7.60
CA HIS A 447 -38.55 38.44 6.45
C HIS A 447 -37.38 37.58 5.96
N ILE A 448 -37.37 37.31 4.66
CA ILE A 448 -36.32 36.51 4.03
C ILE A 448 -35.39 37.42 3.24
N SER A 449 -34.11 37.10 3.24
CA SER A 449 -33.12 37.88 2.50
C SER A 449 -32.24 36.93 1.71
N VAL A 450 -32.39 36.95 0.39
CA VAL A 450 -31.61 36.08 -0.48
C VAL A 450 -30.58 36.90 -1.24
N THR A 451 -29.35 36.42 -1.30
CA THR A 451 -28.30 37.14 -2.02
C THR A 451 -27.51 36.20 -2.92
N ASP A 452 -26.98 36.75 -4.01
CA ASP A 452 -26.20 35.97 -4.96
C ASP A 452 -25.72 36.90 -6.06
N MET A 453 -24.48 36.76 -6.49
CA MET A 453 -23.96 37.64 -7.52
C MET A 453 -23.83 37.00 -8.90
N ASP A 454 -24.53 35.89 -9.12
CA ASP A 454 -24.45 35.23 -10.43
C ASP A 454 -25.79 35.30 -11.16
N SER A 455 -25.71 35.06 -12.46
CA SER A 455 -26.88 35.08 -13.32
C SER A 455 -27.25 33.67 -13.76
N ILE A 456 -28.47 33.51 -14.25
CA ILE A 456 -28.94 32.22 -14.69
C ILE A 456 -28.30 31.80 -16.02
N GLU A 457 -27.96 30.51 -16.13
CA GLU A 457 -27.34 29.95 -17.33
C GLU A 457 -28.11 28.68 -17.71
N LYS A 458 -28.01 28.29 -18.97
CA LYS A 458 -28.71 27.11 -19.45
C LYS A 458 -28.53 25.92 -18.51
N SER A 459 -27.28 25.49 -18.34
CA SER A 459 -26.94 24.35 -17.50
C SER A 459 -27.54 24.41 -16.09
N ASN A 460 -27.88 25.62 -15.63
CA ASN A 460 -28.44 25.80 -14.31
C ASN A 460 -29.88 25.34 -14.20
N LEU A 461 -30.59 25.37 -15.32
CA LEU A 461 -32.00 25.00 -15.36
C LEU A 461 -32.26 23.51 -15.13
N ASN A 462 -31.19 22.75 -14.93
CA ASN A 462 -31.30 21.32 -14.70
C ASN A 462 -31.47 21.00 -13.22
N ARG A 463 -30.85 21.78 -12.35
CA ARG A 463 -30.90 21.55 -10.90
C ARG A 463 -31.65 22.66 -10.19
N GLN A 464 -31.81 23.79 -10.87
CA GLN A 464 -32.49 24.93 -10.28
C GLN A 464 -33.81 25.13 -11.01
N PHE A 465 -34.87 24.51 -10.48
CA PHE A 465 -36.19 24.58 -11.11
C PHE A 465 -36.93 25.91 -11.01
N LEU A 466 -36.65 26.69 -9.98
CA LEU A 466 -37.30 28.00 -9.84
C LEU A 466 -37.03 28.90 -11.03
N PHE A 467 -36.10 28.49 -11.90
CA PHE A 467 -35.77 29.30 -13.07
C PHE A 467 -36.23 28.62 -14.36
N ARG A 468 -36.40 29.43 -15.41
CA ARG A 468 -36.83 28.93 -16.70
C ARG A 468 -35.91 29.46 -17.79
N PRO A 469 -35.86 28.78 -18.93
CA PRO A 469 -35.01 29.19 -20.04
C PRO A 469 -35.15 30.67 -20.40
N ARG A 470 -36.37 31.17 -20.38
CA ARG A 470 -36.61 32.58 -20.68
C ARG A 470 -36.06 33.47 -19.59
N ASP A 471 -35.56 32.86 -18.52
CA ASP A 471 -35.00 33.62 -17.40
C ASP A 471 -33.50 33.80 -17.52
N VAL A 472 -32.86 32.99 -18.36
CA VAL A 472 -31.42 33.07 -18.57
C VAL A 472 -30.96 34.51 -18.62
N GLY A 473 -29.79 34.80 -18.07
CA GLY A 473 -29.28 36.15 -18.08
C GLY A 473 -29.74 37.03 -16.92
N LYS A 474 -30.81 36.62 -16.25
CA LYS A 474 -31.34 37.38 -15.13
C LYS A 474 -30.66 36.95 -13.85
N LEU A 475 -30.71 37.78 -12.82
CA LEU A 475 -30.11 37.46 -11.53
C LEU A 475 -30.84 36.29 -10.90
N LYS A 476 -30.11 35.46 -10.16
CA LYS A 476 -30.72 34.32 -9.51
C LYS A 476 -31.54 34.75 -8.31
N SER A 477 -30.91 35.48 -7.39
CA SER A 477 -31.59 35.93 -6.19
C SER A 477 -32.90 36.65 -6.49
N GLU A 478 -32.87 37.51 -7.51
CA GLU A 478 -34.06 38.28 -7.88
C GLU A 478 -35.15 37.45 -8.53
N CYS A 479 -34.75 36.62 -9.49
CA CYS A 479 -35.70 35.78 -10.18
C CYS A 479 -36.30 34.71 -9.28
N ALA A 480 -35.49 34.12 -8.41
CA ALA A 480 -35.95 33.09 -7.49
C ALA A 480 -36.94 33.70 -6.52
N SER A 481 -36.66 34.92 -6.09
CA SER A 481 -37.52 35.63 -5.15
C SER A 481 -38.93 35.73 -5.73
N THR A 482 -39.03 36.30 -6.93
CA THR A 482 -40.32 36.46 -7.58
C THR A 482 -41.01 35.11 -7.73
N ALA A 483 -40.25 34.14 -8.22
CA ALA A 483 -40.77 32.80 -8.44
C ALA A 483 -41.40 32.19 -7.18
N VAL A 484 -40.89 32.59 -6.02
CA VAL A 484 -41.40 32.07 -4.76
C VAL A 484 -42.71 32.74 -4.37
N SER A 485 -42.85 34.02 -4.73
CA SER A 485 -44.06 34.77 -4.42
C SER A 485 -45.29 34.15 -5.08
N ILE A 486 -45.07 33.37 -6.12
CA ILE A 486 -46.15 32.72 -6.85
C ILE A 486 -46.55 31.40 -6.20
N MET A 487 -45.60 30.76 -5.53
CA MET A 487 -45.87 29.48 -4.86
C MET A 487 -46.67 29.75 -3.59
N ASN A 488 -46.32 30.82 -2.90
CA ASN A 488 -47.01 31.21 -1.69
C ASN A 488 -47.04 32.73 -1.63
N PRO A 489 -48.09 33.34 -2.19
CA PRO A 489 -48.27 34.79 -2.24
C PRO A 489 -48.05 35.50 -0.90
N SER A 490 -48.26 34.77 0.20
CA SER A 490 -48.08 35.35 1.52
C SER A 490 -46.66 35.87 1.73
N LEU A 491 -45.79 35.63 0.76
CA LEU A 491 -44.40 36.06 0.86
C LEU A 491 -44.09 37.36 0.12
N THR A 492 -45.01 37.80 -0.74
CA THR A 492 -44.79 39.03 -1.49
C THR A 492 -44.49 40.20 -0.53
N GLY A 493 -43.40 40.91 -0.80
CA GLY A 493 -43.02 42.02 0.05
C GLY A 493 -42.35 41.56 1.34
N LYS A 494 -42.14 40.25 1.44
CA LYS A 494 -41.51 39.66 2.62
C LYS A 494 -40.12 39.15 2.26
N ILE A 495 -39.78 39.22 0.97
CA ILE A 495 -38.47 38.76 0.50
C ILE A 495 -37.69 39.89 -0.16
N THR A 496 -36.45 40.08 0.27
CA THR A 496 -35.58 41.10 -0.31
C THR A 496 -34.42 40.37 -0.96
N SER A 497 -34.14 40.70 -2.21
CA SER A 497 -33.05 40.06 -2.92
C SER A 497 -31.86 41.01 -3.03
N TYR A 498 -30.67 40.42 -3.19
CA TYR A 498 -29.44 41.19 -3.30
C TYR A 498 -28.57 40.55 -4.36
N GLN A 499 -27.63 41.31 -4.90
CA GLN A 499 -26.72 40.80 -5.93
C GLN A 499 -25.29 40.88 -5.41
N GLU A 500 -25.16 41.15 -4.11
CA GLU A 500 -23.84 41.27 -3.49
C GLU A 500 -23.22 39.91 -3.20
N ARG A 501 -21.92 39.82 -3.44
CA ARG A 501 -21.15 38.60 -3.18
C ARG A 501 -20.78 38.61 -1.71
N VAL A 502 -21.31 37.66 -0.94
CA VAL A 502 -21.00 37.62 0.49
C VAL A 502 -19.51 37.44 0.74
N GLY A 503 -18.96 38.36 1.53
CA GLY A 503 -17.54 38.32 1.85
C GLY A 503 -17.12 39.61 2.55
N PRO A 504 -15.81 39.90 2.61
CA PRO A 504 -15.28 41.11 3.26
C PRO A 504 -15.79 42.43 2.67
N GLU A 505 -15.98 42.47 1.36
CA GLU A 505 -16.46 43.70 0.71
C GLU A 505 -17.90 43.98 1.08
N SER A 506 -18.77 43.01 0.84
CA SER A 506 -20.18 43.16 1.11
C SER A 506 -20.47 43.48 2.57
N GLU A 507 -19.44 43.51 3.40
CA GLU A 507 -19.66 43.81 4.82
C GLU A 507 -20.31 45.17 4.97
N GLY A 508 -20.40 45.90 3.87
CA GLY A 508 -21.01 47.21 3.89
C GLY A 508 -22.52 47.06 4.00
N ILE A 509 -23.07 46.13 3.21
CA ILE A 509 -24.50 45.88 3.20
C ILE A 509 -24.89 44.99 4.39
N PHE A 510 -24.21 43.86 4.51
CA PHE A 510 -24.47 42.89 5.58
C PHE A 510 -23.66 43.26 6.81
N GLY A 511 -23.95 44.44 7.37
CA GLY A 511 -23.25 44.90 8.55
C GLY A 511 -23.87 44.47 9.85
N ASP A 512 -23.37 45.02 10.95
CA ASP A 512 -23.86 44.67 12.26
C ASP A 512 -25.36 44.80 12.37
N GLU A 513 -25.90 45.93 11.93
CA GLU A 513 -27.34 46.15 12.01
C GLU A 513 -28.12 45.09 11.23
N PHE A 514 -27.61 44.73 10.05
CA PHE A 514 -28.25 43.72 9.21
C PHE A 514 -28.36 42.38 9.95
N PHE A 515 -27.25 41.96 10.56
CA PHE A 515 -27.18 40.71 11.29
C PHE A 515 -27.99 40.67 12.58
N GLU A 516 -27.82 41.69 13.41
CA GLU A 516 -28.54 41.76 14.68
C GLU A 516 -30.03 41.50 14.54
N LYS A 517 -30.52 41.46 13.31
CA LYS A 517 -31.94 41.23 13.04
C LYS A 517 -32.23 39.79 12.63
N LEU A 518 -31.29 39.18 11.93
CA LEU A 518 -31.44 37.82 11.46
C LEU A 518 -31.74 36.81 12.56
N SER A 519 -32.55 35.80 12.22
CA SER A 519 -32.92 34.74 13.16
C SER A 519 -31.85 33.67 13.00
N LEU A 520 -31.47 33.41 11.76
CA LEU A 520 -30.47 32.40 11.45
C LEU A 520 -29.99 32.60 10.02
N VAL A 521 -28.91 31.92 9.66
CA VAL A 521 -28.35 32.01 8.32
C VAL A 521 -28.21 30.62 7.71
N THR A 522 -28.49 30.52 6.41
CA THR A 522 -28.41 29.26 5.69
C THR A 522 -27.50 29.37 4.47
N ASN A 523 -26.54 28.46 4.35
CA ASN A 523 -25.63 28.48 3.21
C ASN A 523 -26.10 27.60 2.08
N ALA A 524 -25.95 28.11 0.87
CA ALA A 524 -26.31 27.41 -0.36
C ALA A 524 -25.17 27.75 -1.31
N LEU A 525 -23.96 27.74 -0.77
CA LEU A 525 -22.75 28.09 -1.51
C LEU A 525 -22.12 26.93 -2.27
N ASP A 526 -21.14 27.25 -3.10
CA ASP A 526 -20.44 26.25 -3.91
C ASP A 526 -18.93 26.23 -3.70
N ASN A 527 -18.44 27.02 -2.75
CA ASN A 527 -17.01 27.06 -2.48
C ASN A 527 -16.71 27.12 -0.98
N VAL A 528 -15.63 26.47 -0.57
CA VAL A 528 -15.24 26.43 0.83
C VAL A 528 -14.89 27.78 1.43
N GLU A 529 -14.23 28.63 0.66
CA GLU A 529 -13.85 29.95 1.12
C GLU A 529 -15.04 30.76 1.62
N ALA A 530 -16.14 30.72 0.88
CA ALA A 530 -17.35 31.45 1.25
C ALA A 530 -17.98 30.90 2.51
N ARG A 531 -18.09 29.58 2.60
CA ARG A 531 -18.66 28.93 3.77
C ARG A 531 -17.91 29.40 5.00
N MET A 532 -16.58 29.37 4.90
CA MET A 532 -15.71 29.81 5.98
C MET A 532 -16.05 31.22 6.43
N TYR A 533 -16.15 32.13 5.46
CA TYR A 533 -16.47 33.52 5.78
C TYR A 533 -17.76 33.64 6.57
N VAL A 534 -18.84 33.05 6.05
CA VAL A 534 -20.13 33.12 6.71
C VAL A 534 -19.99 32.58 8.12
N ASP A 535 -19.39 31.41 8.24
CA ASP A 535 -19.18 30.77 9.53
C ASP A 535 -18.61 31.77 10.52
N ARG A 536 -17.47 32.36 10.17
CA ARG A 536 -16.83 33.34 11.03
C ARG A 536 -17.82 34.40 11.47
N ARG A 537 -18.55 34.97 10.53
CA ARG A 537 -19.50 36.02 10.86
C ARG A 537 -20.56 35.54 11.83
N CYS A 538 -21.18 34.41 11.52
CA CYS A 538 -22.22 33.87 12.40
C CYS A 538 -21.72 33.69 13.81
N VAL A 539 -20.49 33.23 13.95
CA VAL A 539 -19.92 33.02 15.27
C VAL A 539 -19.73 34.35 15.98
N PHE A 540 -19.38 35.38 15.22
CA PHE A 540 -19.19 36.68 15.82
C PHE A 540 -20.53 37.30 16.25
N PHE A 541 -21.55 37.10 15.43
CA PHE A 541 -22.87 37.65 15.72
C PHE A 541 -23.74 36.67 16.50
N GLU A 542 -23.13 35.56 16.92
CA GLU A 542 -23.83 34.54 17.69
C GLU A 542 -25.15 34.12 17.06
N LYS A 543 -25.13 33.92 15.75
CA LYS A 543 -26.33 33.51 15.02
C LYS A 543 -26.17 32.07 14.54
N PRO A 544 -27.27 31.31 14.49
CA PRO A 544 -27.24 29.91 14.04
C PRO A 544 -26.95 29.86 12.55
N LEU A 545 -26.43 28.74 12.09
CA LEU A 545 -26.10 28.56 10.67
C LEU A 545 -26.40 27.17 10.19
N LEU A 546 -26.99 27.08 9.00
CA LEU A 546 -27.30 25.79 8.42
C LEU A 546 -26.40 25.62 7.20
N GLU A 547 -25.63 24.54 7.18
CA GLU A 547 -24.72 24.26 6.10
C GLU A 547 -25.10 22.97 5.37
N SER A 548 -24.76 22.89 4.09
CA SER A 548 -25.08 21.71 3.30
C SER A 548 -24.28 21.71 2.01
N GLY A 549 -23.89 20.53 1.55
CA GLY A 549 -23.12 20.46 0.33
C GLY A 549 -23.50 19.25 -0.49
N THR A 550 -23.12 19.26 -1.76
CA THR A 550 -23.43 18.14 -2.64
C THR A 550 -22.27 17.89 -3.59
N LEU A 551 -22.16 16.65 -4.04
CA LEU A 551 -21.13 16.25 -4.99
C LEU A 551 -21.67 15.04 -5.73
N GLY A 552 -22.44 15.28 -6.77
CA GLY A 552 -23.03 14.17 -7.50
C GLY A 552 -24.12 13.57 -6.66
N THR A 553 -24.00 12.29 -6.34
CA THR A 553 -25.01 11.62 -5.53
C THR A 553 -24.75 11.79 -4.04
N LYS A 554 -23.56 12.29 -3.70
CA LYS A 554 -23.20 12.50 -2.30
C LYS A 554 -23.65 13.87 -1.83
N GLY A 555 -23.97 13.98 -0.55
CA GLY A 555 -24.39 15.25 0.01
C GLY A 555 -24.18 15.23 1.51
N ASN A 556 -24.02 16.39 2.12
CA ASN A 556 -23.82 16.45 3.56
C ASN A 556 -24.50 17.65 4.18
N THR A 557 -24.88 17.51 5.44
CA THR A 557 -25.55 18.56 6.19
C THR A 557 -24.84 18.78 7.49
N GLN A 558 -24.83 20.03 7.95
CA GLN A 558 -24.20 20.38 9.20
C GLN A 558 -24.91 21.55 9.85
N VAL A 559 -25.25 21.40 11.12
CA VAL A 559 -25.92 22.46 11.86
C VAL A 559 -24.97 23.01 12.92
N VAL A 560 -24.89 24.33 13.02
CA VAL A 560 -24.02 24.96 14.00
C VAL A 560 -24.84 25.93 14.84
N VAL A 561 -25.23 25.50 16.03
CA VAL A 561 -26.02 26.31 16.94
C VAL A 561 -25.15 26.98 17.99
N PRO A 562 -25.32 28.30 18.16
CA PRO A 562 -24.58 29.13 19.12
C PRO A 562 -24.47 28.55 20.52
N HIS A 563 -23.34 28.82 21.16
CA HIS A 563 -23.09 28.37 22.52
C HIS A 563 -23.40 26.90 22.78
N LEU A 564 -23.37 26.08 21.73
CA LEU A 564 -23.65 24.66 21.86
C LEU A 564 -22.67 23.81 21.05
N THR A 565 -22.77 23.90 19.73
CA THR A 565 -21.92 23.13 18.83
C THR A 565 -20.72 23.91 18.34
N GLU A 566 -19.77 23.20 17.72
CA GLU A 566 -18.59 23.82 17.16
C GLU A 566 -19.04 24.45 15.85
N SER A 567 -18.26 25.38 15.31
CA SER A 567 -18.64 26.01 14.06
C SER A 567 -18.16 25.18 12.89
N TYR A 568 -18.50 25.63 11.68
CA TYR A 568 -18.13 24.94 10.47
C TYR A 568 -16.63 24.86 10.30
N GLY A 569 -15.93 25.95 10.59
CA GLY A 569 -14.49 25.98 10.44
C GLY A 569 -13.70 25.39 11.59
N SER A 570 -14.38 24.75 12.55
CA SER A 570 -13.69 24.17 13.69
C SER A 570 -13.03 22.86 13.30
N SER A 571 -13.54 22.24 12.22
CA SER A 571 -12.98 20.99 11.73
C SER A 571 -12.27 21.25 10.41
N GLN A 572 -11.38 20.34 10.03
CA GLN A 572 -10.63 20.53 8.80
C GLN A 572 -11.00 19.62 7.64
N ASP A 573 -10.82 20.17 6.44
CA ASP A 573 -11.08 19.45 5.21
C ASP A 573 -9.85 19.45 4.31
N PRO A 574 -9.70 18.40 3.49
CA PRO A 574 -8.59 18.25 2.56
C PRO A 574 -8.61 19.32 1.47
N PRO A 575 -7.47 20.00 1.24
CA PRO A 575 -7.35 21.05 0.22
C PRO A 575 -7.45 20.54 -1.22
N GLU A 576 -7.40 21.46 -2.18
CA GLU A 576 -7.48 21.10 -3.59
C GLU A 576 -6.18 20.48 -4.10
N LYS A 577 -6.30 19.31 -4.71
CA LYS A 577 -5.16 18.57 -5.26
C LYS A 577 -4.55 19.28 -6.46
N SER A 578 -3.39 19.90 -6.26
CA SER A 578 -2.71 20.60 -7.34
C SER A 578 -1.39 19.92 -7.70
N PHE A 579 -1.24 19.57 -8.98
CA PHE A 579 -0.03 18.90 -9.48
C PHE A 579 1.24 19.71 -9.30
N PRO A 580 2.38 19.03 -9.17
CA PRO A 580 3.69 19.67 -8.98
C PRO A 580 4.06 20.52 -10.20
N ILE A 581 4.48 21.76 -9.95
CA ILE A 581 4.84 22.70 -11.01
C ILE A 581 5.76 22.09 -12.07
N CYS A 582 6.66 21.21 -11.63
CA CYS A 582 7.61 20.56 -12.53
C CYS A 582 7.08 19.32 -13.23
N THR A 583 5.83 18.96 -12.94
CA THR A 583 5.23 17.79 -13.57
C THR A 583 4.41 18.25 -14.75
N LEU A 584 3.80 19.42 -14.60
CA LEU A 584 2.99 19.98 -15.66
C LEU A 584 3.92 20.65 -16.66
N LYS A 585 4.97 21.27 -16.16
CA LYS A 585 5.92 21.96 -17.01
C LYS A 585 6.77 21.05 -17.90
N ASN A 586 7.32 19.98 -17.33
CA ASN A 586 8.18 19.11 -18.11
C ASN A 586 7.90 17.61 -18.12
N PHE A 587 7.40 17.05 -17.01
CA PHE A 587 7.19 15.61 -16.95
C PHE A 587 5.77 15.08 -16.74
N PRO A 588 4.82 15.48 -17.58
CA PRO A 588 3.44 15.00 -17.44
C PRO A 588 3.31 13.53 -17.85
N ASN A 589 2.39 12.80 -17.22
CA ASN A 589 2.17 11.39 -17.53
C ASN A 589 0.70 11.03 -17.59
N ARG A 590 -0.16 11.96 -17.17
CA ARG A 590 -1.60 11.74 -17.19
C ARG A 590 -2.24 12.85 -18.00
N ILE A 591 -3.30 12.51 -18.73
CA ILE A 591 -3.99 13.49 -19.56
C ILE A 591 -4.41 14.72 -18.75
N GLU A 592 -4.64 14.54 -17.45
CA GLU A 592 -5.04 15.65 -16.59
C GLU A 592 -3.91 16.67 -16.52
N HIS A 593 -2.68 16.19 -16.68
CA HIS A 593 -1.51 17.04 -16.63
C HIS A 593 -1.44 18.00 -17.81
N THR A 594 -1.64 17.45 -19.00
CA THR A 594 -1.61 18.23 -20.24
C THR A 594 -2.78 19.21 -20.30
N ILE A 595 -3.92 18.80 -19.76
CA ILE A 595 -5.09 19.64 -19.74
C ILE A 595 -4.85 20.87 -18.86
N ALA A 596 -4.24 20.67 -17.71
CA ALA A 596 -3.94 21.77 -16.80
C ALA A 596 -2.93 22.67 -17.48
N TRP A 597 -2.03 22.05 -18.22
CA TRP A 597 -0.99 22.76 -18.95
C TRP A 597 -1.68 23.58 -20.03
N ALA A 598 -2.52 22.92 -20.81
CA ALA A 598 -3.27 23.55 -21.89
C ALA A 598 -4.00 24.77 -21.39
N ARG A 599 -4.57 24.68 -20.19
CA ARG A 599 -5.29 25.80 -19.61
C ARG A 599 -4.36 26.96 -19.23
N ASP A 600 -3.13 26.67 -18.84
CA ASP A 600 -2.21 27.77 -18.50
C ASP A 600 -1.77 28.37 -19.81
N LEU A 601 -1.67 27.54 -20.84
CA LEU A 601 -1.26 28.02 -22.16
C LEU A 601 -2.30 29.02 -22.63
N PHE A 602 -3.57 28.66 -22.46
CA PHE A 602 -4.67 29.52 -22.85
C PHE A 602 -4.53 30.87 -22.17
N GLU A 603 -4.47 30.84 -20.86
CA GLU A 603 -4.34 32.05 -20.05
C GLU A 603 -3.05 32.80 -20.40
N GLY A 604 -2.01 32.07 -20.76
CA GLY A 604 -0.72 32.68 -21.08
C GLY A 604 -0.57 33.31 -22.44
N LEU A 605 -1.48 33.00 -23.36
CA LEU A 605 -1.42 33.56 -24.71
C LEU A 605 -2.58 34.49 -25.07
N PHE A 606 -3.68 34.39 -24.34
CA PHE A 606 -4.84 35.21 -24.65
C PHE A 606 -5.40 35.98 -23.46
N LYS A 607 -4.72 35.95 -22.33
CA LYS A 607 -5.20 36.65 -21.14
C LYS A 607 -4.10 37.45 -20.48
N GLN A 608 -3.14 36.76 -19.87
CA GLN A 608 -2.02 37.40 -19.19
C GLN A 608 -1.36 38.53 -19.97
N PRO A 609 -0.91 38.26 -21.20
CA PRO A 609 -0.25 39.28 -22.03
C PRO A 609 -1.13 40.49 -22.32
N ILE A 610 -2.36 40.23 -22.75
CA ILE A 610 -3.30 41.30 -23.06
C ILE A 610 -3.43 42.26 -21.87
N ASP A 611 -3.65 41.71 -20.68
CA ASP A 611 -3.80 42.51 -19.49
C ASP A 611 -2.64 43.49 -19.30
N ASN A 612 -1.43 43.03 -19.56
CA ASN A 612 -0.27 43.88 -19.39
C ASN A 612 -0.28 45.02 -20.41
N VAL A 613 -0.89 44.78 -21.56
CA VAL A 613 -0.97 45.80 -22.59
C VAL A 613 -1.90 46.92 -22.13
N ASN A 614 -3.09 46.54 -21.67
CA ASN A 614 -4.06 47.52 -21.21
C ASN A 614 -3.58 48.20 -19.94
N MET A 615 -2.95 47.45 -19.05
CA MET A 615 -2.44 48.02 -17.82
C MET A 615 -1.38 49.06 -18.12
N TYR A 616 -0.64 48.83 -19.21
CA TYR A 616 0.41 49.75 -19.62
C TYR A 616 -0.22 51.02 -20.17
N LEU A 617 -1.45 50.89 -20.68
CA LEU A 617 -2.17 52.03 -21.24
C LEU A 617 -3.19 52.55 -20.25
N SER A 618 -2.89 52.47 -18.96
CA SER A 618 -3.80 52.94 -17.93
C SER A 618 -3.04 53.45 -16.72
N SER A 619 -2.17 52.62 -16.17
CA SER A 619 -1.38 52.98 -15.01
C SER A 619 -0.09 53.67 -15.43
N PRO A 620 0.15 54.89 -14.91
CA PRO A 620 1.34 55.69 -15.23
C PRO A 620 2.65 55.01 -14.82
N ASN A 621 2.82 54.80 -13.53
CA ASN A 621 4.02 54.18 -13.00
C ASN A 621 3.95 52.65 -13.04
N PHE A 622 3.19 52.13 -13.99
CA PHE A 622 3.03 50.69 -14.13
C PHE A 622 4.37 50.00 -14.38
N LEU A 623 5.16 50.58 -15.27
CA LEU A 623 6.47 50.01 -15.61
C LEU A 623 7.34 49.91 -14.37
N GLU A 624 7.55 51.05 -13.70
CA GLU A 624 8.37 51.09 -12.50
C GLU A 624 7.89 50.11 -11.43
N THR A 625 6.63 50.23 -11.06
CA THR A 625 6.04 49.38 -10.04
C THR A 625 6.05 47.88 -10.38
N SER A 626 6.33 47.56 -11.63
CA SER A 626 6.37 46.16 -12.06
C SER A 626 7.64 45.48 -11.54
N LEU A 627 8.79 46.09 -11.85
CA LEU A 627 10.08 45.57 -11.42
C LEU A 627 10.13 45.46 -9.90
N LYS A 628 9.32 46.28 -9.25
CA LYS A 628 9.26 46.33 -7.80
C LYS A 628 8.37 45.22 -7.22
N THR A 629 7.40 44.75 -7.99
CA THR A 629 6.50 43.71 -7.51
C THR A 629 6.47 42.46 -8.40
N SER A 630 6.03 42.63 -9.64
CA SER A 630 5.93 41.53 -10.58
C SER A 630 7.08 40.53 -10.44
N SER A 631 6.74 39.25 -10.43
CA SER A 631 7.71 38.18 -10.28
C SER A 631 8.62 38.04 -11.51
N ASN A 632 8.02 38.13 -12.68
CA ASN A 632 8.78 38.00 -13.92
C ASN A 632 8.69 39.29 -14.75
N PRO A 633 9.42 40.33 -14.32
CA PRO A 633 9.44 41.62 -15.02
C PRO A 633 9.75 41.45 -16.49
N ARG A 634 10.51 40.40 -16.81
CA ARG A 634 10.88 40.11 -18.19
C ARG A 634 9.61 39.80 -18.97
N GLU A 635 8.85 38.83 -18.49
CA GLU A 635 7.61 38.40 -19.13
C GLU A 635 6.70 39.60 -19.40
N VAL A 636 6.62 40.52 -18.44
CA VAL A 636 5.78 41.71 -18.60
C VAL A 636 6.25 42.55 -19.78
N LEU A 637 7.48 43.04 -19.69
CA LEU A 637 8.06 43.88 -20.74
C LEU A 637 7.93 43.24 -22.12
N GLU A 638 8.13 41.94 -22.19
CA GLU A 638 8.04 41.23 -23.46
C GLU A 638 6.61 41.13 -23.96
N ASN A 639 5.68 40.81 -23.06
CA ASN A 639 4.27 40.68 -23.43
C ASN A 639 3.77 41.92 -24.17
N ILE A 640 4.27 43.08 -23.77
CA ILE A 640 3.86 44.34 -24.38
C ILE A 640 4.54 44.53 -25.72
N ARG A 641 5.86 44.39 -25.71
CA ARG A 641 6.65 44.54 -26.91
C ARG A 641 6.11 43.69 -28.05
N ASP A 642 5.83 42.42 -27.77
CA ASP A 642 5.33 41.48 -28.77
C ASP A 642 3.85 41.62 -29.14
N TYR A 643 3.03 42.04 -28.18
CA TYR A 643 1.60 42.18 -28.45
C TYR A 643 1.19 43.54 -28.98
N LEU A 644 2.11 44.51 -28.91
CA LEU A 644 1.81 45.85 -29.39
C LEU A 644 2.44 46.22 -30.73
N VAL A 645 3.67 45.78 -30.95
CA VAL A 645 4.36 46.09 -32.20
C VAL A 645 5.07 44.92 -32.86
N THR A 646 5.95 44.27 -32.11
CA THR A 646 6.71 43.13 -32.63
C THR A 646 5.85 42.11 -33.36
N GLU A 647 4.68 41.80 -32.81
CA GLU A 647 3.81 40.81 -33.43
C GLU A 647 2.34 41.19 -33.55
N LYS A 648 2.05 42.49 -33.60
CA LYS A 648 0.66 42.92 -33.72
C LYS A 648 0.11 42.54 -35.10
N PRO A 649 -0.91 41.68 -35.15
CA PRO A 649 -1.51 41.25 -36.41
C PRO A 649 -2.33 42.35 -37.08
N LEU A 650 -2.64 42.15 -38.36
CA LEU A 650 -3.43 43.11 -39.12
C LEU A 650 -4.39 42.38 -40.05
N SER A 651 -4.35 41.05 -40.03
CA SER A 651 -5.22 40.22 -40.85
C SER A 651 -5.29 38.82 -40.29
N PHE A 652 -6.45 38.18 -40.40
CA PHE A 652 -6.61 36.82 -39.89
C PHE A 652 -5.51 35.95 -40.47
N GLU A 653 -5.10 36.29 -41.69
CA GLU A 653 -4.05 35.55 -42.38
C GLU A 653 -2.72 35.73 -41.67
N GLU A 654 -2.51 36.91 -41.10
CA GLU A 654 -1.28 37.20 -40.38
C GLU A 654 -1.34 36.58 -38.99
N CYS A 655 -2.54 36.17 -38.60
CA CYS A 655 -2.74 35.54 -37.30
C CYS A 655 -2.46 34.05 -37.43
N ILE A 656 -2.81 33.49 -38.59
CA ILE A 656 -2.58 32.08 -38.85
C ILE A 656 -1.09 31.80 -38.86
N MET A 657 -0.30 32.81 -39.21
CA MET A 657 1.15 32.68 -39.22
C MET A 657 1.59 32.60 -37.77
N TRP A 658 1.01 33.46 -36.94
CA TRP A 658 1.32 33.49 -35.52
C TRP A 658 0.95 32.15 -34.89
N ALA A 659 -0.24 31.66 -35.23
CA ALA A 659 -0.72 30.38 -34.71
C ALA A 659 0.25 29.27 -35.07
N ARG A 660 0.63 29.19 -36.34
CA ARG A 660 1.55 28.17 -36.82
C ARG A 660 2.89 28.24 -36.08
N LEU A 661 3.32 29.45 -35.75
CA LEU A 661 4.58 29.62 -35.03
C LEU A 661 4.48 28.98 -33.65
N GLN A 662 3.37 29.26 -32.97
CA GLN A 662 3.15 28.72 -31.64
C GLN A 662 3.29 27.21 -31.65
N PHE A 663 2.66 26.57 -32.63
CA PHE A 663 2.72 25.12 -32.74
C PHE A 663 4.12 24.59 -32.47
N ASP A 664 5.08 25.01 -33.29
CA ASP A 664 6.46 24.55 -33.11
C ASP A 664 7.04 25.03 -31.78
N LYS A 665 6.52 26.12 -31.24
CA LYS A 665 7.06 26.66 -29.99
C LYS A 665 6.66 25.87 -28.74
N PHE A 666 5.54 25.17 -28.81
CA PHE A 666 5.07 24.41 -27.65
C PHE A 666 4.87 22.92 -27.88
N PHE A 667 5.07 22.48 -29.12
CA PHE A 667 4.91 21.06 -29.44
C PHE A 667 6.10 20.50 -30.21
N ASN A 668 7.12 21.34 -30.40
CA ASN A 668 8.29 20.91 -31.14
C ASN A 668 9.61 21.40 -30.54
N ASN A 669 9.84 22.70 -30.61
CA ASN A 669 11.07 23.29 -30.09
C ASN A 669 11.25 23.06 -28.59
N ASN A 670 10.19 23.33 -27.82
CA ASN A 670 10.25 23.14 -26.37
C ASN A 670 10.62 21.70 -26.07
N ILE A 671 10.02 20.77 -26.81
CA ILE A 671 10.29 19.34 -26.63
C ILE A 671 11.76 19.06 -26.92
N GLN A 672 12.23 19.51 -28.08
CA GLN A 672 13.63 19.32 -28.48
C GLN A 672 14.59 19.81 -27.42
N GLN A 673 14.34 21.01 -26.92
CA GLN A 673 15.17 21.61 -25.89
C GLN A 673 15.27 20.73 -24.65
N LEU A 674 14.17 20.08 -24.29
CA LEU A 674 14.13 19.21 -23.12
C LEU A 674 15.01 17.98 -23.38
N LEU A 675 14.67 17.25 -24.44
CA LEU A 675 15.42 16.06 -24.82
C LEU A 675 16.91 16.38 -24.92
N PHE A 676 17.23 17.66 -25.06
CA PHE A 676 18.62 18.08 -25.16
C PHE A 676 19.23 18.10 -23.77
N ASN A 677 18.48 18.62 -22.80
CA ASN A 677 18.98 18.69 -21.43
C ASN A 677 18.94 17.31 -20.80
N PHE A 678 17.98 16.50 -21.25
CA PHE A 678 17.80 15.15 -20.74
C PHE A 678 17.66 14.16 -21.89
N PRO A 679 18.80 13.67 -22.41
CA PRO A 679 18.86 12.71 -23.52
C PRO A 679 17.82 11.60 -23.40
N LYS A 680 17.26 11.19 -24.52
CA LYS A 680 16.23 10.16 -24.57
C LYS A 680 16.63 8.85 -23.89
N ASP A 681 17.86 8.76 -23.41
CA ASP A 681 18.33 7.54 -22.75
C ASP A 681 19.37 7.83 -21.67
N SER A 682 19.57 9.10 -21.34
CA SER A 682 20.53 9.46 -20.31
C SER A 682 20.10 8.76 -19.02
N VAL A 683 21.01 8.68 -18.06
CA VAL A 683 20.71 8.00 -16.81
C VAL A 683 21.00 8.87 -15.59
N THR A 684 20.48 8.45 -14.43
CA THR A 684 20.68 9.20 -13.19
C THR A 684 21.98 8.79 -12.49
N SER A 685 22.14 9.25 -11.26
CA SER A 685 23.32 8.93 -10.47
C SER A 685 23.28 7.47 -10.05
N THR A 686 22.06 6.95 -9.89
CA THR A 686 21.88 5.55 -9.50
C THR A 686 21.93 4.71 -10.77
N GLY A 687 22.40 5.32 -11.84
CA GLY A 687 22.50 4.63 -13.11
C GLY A 687 21.18 4.18 -13.70
N GLN A 688 20.08 4.78 -13.24
CA GLN A 688 18.77 4.41 -13.73
C GLN A 688 18.28 5.35 -14.85
N PRO A 689 17.53 4.79 -15.83
CA PRO A 689 17.02 5.59 -16.95
C PRO A 689 16.25 6.81 -16.45
N PHE A 690 16.71 8.00 -16.81
CA PHE A 690 16.05 9.22 -16.38
C PHE A 690 14.57 9.17 -16.76
N TRP A 691 14.28 8.66 -17.94
CA TRP A 691 12.91 8.55 -18.42
C TRP A 691 12.32 7.17 -18.11
N SER A 692 12.03 6.93 -16.84
CA SER A 692 11.43 5.65 -16.43
C SER A 692 10.37 5.91 -15.38
N GLY A 693 9.27 5.17 -15.48
CA GLY A 693 8.18 5.34 -14.54
C GLY A 693 7.42 6.64 -14.71
N PRO A 694 7.51 7.55 -13.72
CA PRO A 694 6.85 8.85 -13.69
C PRO A 694 7.24 9.82 -14.80
N LYS A 695 8.27 9.48 -15.57
CA LYS A 695 8.73 10.34 -16.65
C LYS A 695 8.66 9.63 -17.99
N ARG A 696 7.74 10.09 -18.84
CA ARG A 696 7.57 9.52 -20.17
C ARG A 696 8.42 10.31 -21.14
N ALA A 697 9.27 9.62 -21.91
CA ALA A 697 10.13 10.28 -22.88
C ALA A 697 9.28 10.90 -23.99
N PRO A 698 9.33 12.23 -24.12
CA PRO A 698 8.59 12.98 -25.14
C PRO A 698 9.10 12.73 -26.54
N THR A 699 8.55 13.47 -27.50
CA THR A 699 8.94 13.35 -28.88
C THR A 699 8.43 14.57 -29.63
N PRO A 700 9.34 15.46 -30.05
CA PRO A 700 8.89 16.65 -30.78
C PRO A 700 7.94 16.26 -31.92
N LEU A 701 6.94 17.08 -32.15
CA LEU A 701 5.96 16.80 -33.19
C LEU A 701 6.11 17.73 -34.39
N SER A 702 6.22 17.14 -35.58
CA SER A 702 6.35 17.90 -36.81
C SER A 702 4.94 18.27 -37.27
N PHE A 703 4.75 19.50 -37.71
CA PHE A 703 3.44 19.96 -38.16
C PHE A 703 2.85 19.11 -39.29
N ASP A 704 1.53 19.13 -39.41
CA ASP A 704 0.84 18.37 -40.44
C ASP A 704 -0.52 18.97 -40.75
N ILE A 705 -0.56 19.83 -41.76
CA ILE A 705 -1.79 20.51 -42.17
C ILE A 705 -3.02 19.61 -42.30
N HIS A 706 -2.83 18.30 -42.37
CA HIS A 706 -3.96 17.39 -42.50
C HIS A 706 -4.10 16.43 -41.33
N ASN A 707 -4.24 16.99 -40.12
CA ASN A 707 -4.38 16.21 -38.91
C ASN A 707 -5.34 16.94 -37.98
N ARG A 708 -6.45 16.30 -37.65
CA ARG A 708 -7.46 16.91 -36.78
C ARG A 708 -6.85 17.77 -35.67
N GLU A 709 -6.02 17.17 -34.82
CA GLU A 709 -5.41 17.92 -33.73
C GLU A 709 -4.59 19.11 -34.23
N HIS A 710 -3.68 18.85 -35.16
CA HIS A 710 -2.83 19.91 -35.69
C HIS A 710 -3.66 21.06 -36.27
N PHE A 711 -4.72 20.72 -36.98
CA PHE A 711 -5.59 21.73 -37.58
C PHE A 711 -6.42 22.44 -36.52
N ASP A 712 -7.14 21.67 -35.71
CA ASP A 712 -7.96 22.23 -34.65
C ASP A 712 -7.19 23.27 -33.84
N PHE A 713 -5.91 22.97 -33.56
CA PHE A 713 -5.09 23.88 -32.79
C PHE A 713 -4.89 25.21 -33.51
N ILE A 714 -4.42 25.15 -34.76
CA ILE A 714 -4.18 26.34 -35.57
C ILE A 714 -5.45 27.20 -35.65
N VAL A 715 -6.57 26.58 -35.98
CA VAL A 715 -7.83 27.28 -36.07
C VAL A 715 -8.16 28.00 -34.76
N ALA A 716 -8.19 27.24 -33.67
CA ALA A 716 -8.49 27.78 -32.35
C ALA A 716 -7.52 28.90 -32.01
N ALA A 717 -6.23 28.58 -32.00
CA ALA A 717 -5.19 29.54 -31.68
C ALA A 717 -5.32 30.83 -32.50
N ALA A 718 -5.43 30.69 -33.81
CA ALA A 718 -5.56 31.85 -34.68
C ALA A 718 -6.76 32.68 -34.30
N SER A 719 -7.93 32.05 -34.34
CA SER A 719 -9.18 32.73 -34.00
C SER A 719 -9.05 33.51 -32.70
N LEU A 720 -8.52 32.87 -31.66
CA LEU A 720 -8.35 33.52 -30.37
C LEU A 720 -7.45 34.73 -30.45
N TYR A 721 -6.32 34.60 -31.16
CA TYR A 721 -5.39 35.73 -31.29
C TYR A 721 -6.14 36.88 -31.94
N ALA A 722 -7.00 36.54 -32.90
CA ALA A 722 -7.79 37.54 -33.58
C ALA A 722 -8.64 38.25 -32.54
N PHE A 723 -9.47 37.49 -31.85
CA PHE A 723 -10.35 38.00 -30.82
C PHE A 723 -9.68 39.08 -29.98
N ASN A 724 -8.38 38.92 -29.75
CA ASN A 724 -7.62 39.88 -28.95
C ASN A 724 -7.51 41.25 -29.60
N TYR A 725 -7.26 41.27 -30.91
CA TYR A 725 -7.11 42.53 -31.62
C TYR A 725 -8.37 42.94 -32.38
N GLY A 726 -9.33 42.01 -32.47
CA GLY A 726 -10.57 42.29 -33.17
C GLY A 726 -10.49 42.14 -34.68
N LEU A 727 -10.30 40.91 -35.14
CA LEU A 727 -10.20 40.65 -36.57
C LEU A 727 -11.16 39.53 -36.96
N LYS A 728 -11.84 39.69 -38.07
CA LYS A 728 -12.79 38.69 -38.55
C LYS A 728 -12.14 37.33 -38.69
N SER A 729 -12.58 36.38 -37.88
CA SER A 729 -12.03 35.04 -37.94
C SER A 729 -12.73 34.28 -39.05
N GLU A 730 -11.96 33.48 -39.80
CA GLU A 730 -12.52 32.69 -40.90
C GLU A 730 -12.71 31.24 -40.47
N THR A 731 -13.48 30.50 -41.26
CA THR A 731 -13.75 29.09 -40.98
C THR A 731 -13.38 28.21 -42.17
N ASP A 732 -13.41 28.79 -43.36
CA ASP A 732 -13.10 28.07 -44.60
C ASP A 732 -11.66 27.52 -44.60
N PRO A 733 -11.53 26.19 -44.53
CA PRO A 733 -10.23 25.50 -44.52
C PRO A 733 -9.23 25.96 -45.57
N ALA A 734 -9.71 26.17 -46.79
CA ALA A 734 -8.85 26.60 -47.89
C ALA A 734 -8.03 27.83 -47.55
N ILE A 735 -8.59 28.71 -46.72
CA ILE A 735 -7.91 29.94 -46.33
C ILE A 735 -6.62 29.68 -45.55
N TYR A 736 -6.65 28.67 -44.69
CA TYR A 736 -5.47 28.33 -43.88
C TYR A 736 -4.36 27.76 -44.75
N GLU A 737 -4.71 26.79 -45.59
CA GLU A 737 -3.73 26.17 -46.48
C GLU A 737 -3.02 27.21 -47.34
N ARG A 738 -3.82 28.13 -47.88
CA ARG A 738 -3.32 29.19 -48.74
C ARG A 738 -2.26 30.10 -48.13
N VAL A 739 -1.99 29.93 -46.84
CA VAL A 739 -0.99 30.76 -46.16
C VAL A 739 -0.06 29.88 -45.32
N LEU A 740 -0.51 28.66 -45.04
CA LEU A 740 0.27 27.71 -44.26
C LEU A 740 1.15 26.85 -45.16
N ALA A 741 0.60 26.37 -46.26
CA ALA A 741 1.35 25.54 -47.20
C ALA A 741 2.60 26.29 -47.63
N GLY A 742 2.52 27.61 -47.59
CA GLY A 742 3.64 28.45 -47.97
C GLY A 742 4.30 29.08 -46.76
N TYR A 743 4.57 28.26 -45.74
CA TYR A 743 5.22 28.74 -44.53
C TYR A 743 6.61 28.13 -44.40
N ASN A 744 7.55 28.94 -43.91
CA ASN A 744 8.92 28.47 -43.74
C ASN A 744 9.38 28.87 -42.34
N PRO A 745 9.32 27.92 -41.40
CA PRO A 745 9.71 28.13 -40.00
C PRO A 745 11.22 28.31 -39.84
N PRO A 746 11.64 29.31 -39.05
CA PRO A 746 13.07 29.57 -38.82
C PRO A 746 13.68 28.39 -38.06
N PRO A 747 14.82 27.87 -38.55
CA PRO A 747 15.50 26.73 -37.90
C PRO A 747 15.65 26.87 -36.39
N PHE A 748 15.53 25.74 -35.69
CA PHE A 748 15.66 25.74 -34.24
C PHE A 748 16.77 24.84 -33.74
N ALA A 749 17.66 25.41 -32.94
CA ALA A 749 18.78 24.66 -32.37
C ALA A 749 18.74 24.85 -30.87
N PRO A 750 18.62 23.75 -30.12
CA PRO A 750 18.58 23.82 -28.66
C PRO A 750 19.85 24.44 -28.09
N LYS A 751 19.70 25.52 -27.33
CA LYS A 751 20.83 26.21 -26.73
C LYS A 751 21.43 25.45 -25.56
N SER A 752 22.61 25.89 -25.12
CA SER A 752 23.29 25.26 -24.00
C SER A 752 23.21 26.17 -22.78
N GLY A 753 22.83 25.60 -21.64
CA GLY A 753 22.71 26.38 -20.42
C GLY A 753 21.33 26.93 -20.16
N ILE A 754 20.32 26.05 -20.21
CA ILE A 754 18.93 26.45 -19.96
C ILE A 754 18.43 25.82 -18.68
N LYS A 755 17.68 26.59 -17.90
CA LYS A 755 17.13 26.12 -16.63
C LYS A 755 15.92 25.21 -16.83
N ILE A 756 16.06 23.96 -16.41
CA ILE A 756 14.96 23.00 -16.50
C ILE A 756 14.89 22.26 -15.16
N GLN A 757 13.88 22.59 -14.38
CA GLN A 757 13.68 22.01 -13.05
C GLN A 757 13.16 20.57 -13.06
N VAL A 758 13.55 19.82 -12.04
CA VAL A 758 13.14 18.43 -11.90
C VAL A 758 12.33 18.22 -10.62
N ASP A 772 21.88 41.38 -17.91
CA ASP A 772 20.43 41.24 -17.85
C ASP A 772 19.81 42.48 -17.23
N LYS A 773 20.60 43.18 -16.41
CA LYS A 773 20.14 44.39 -15.74
C LYS A 773 19.95 45.50 -16.77
N GLN A 774 20.60 45.36 -17.91
CA GLN A 774 20.51 46.33 -18.98
C GLN A 774 19.59 45.87 -20.10
N GLU A 775 19.74 44.61 -20.52
CA GLU A 775 18.92 44.05 -21.58
C GLU A 775 17.44 44.32 -21.34
N LEU A 776 16.91 43.72 -20.27
CA LEU A 776 15.51 43.87 -19.91
C LEU A 776 15.08 45.33 -19.85
N LYS A 777 15.87 46.15 -19.16
CA LYS A 777 15.54 47.57 -19.03
C LYS A 777 15.73 48.35 -20.32
N SER A 778 16.48 47.78 -21.25
CA SER A 778 16.72 48.43 -22.54
C SER A 778 15.56 48.18 -23.50
N ILE A 779 14.93 47.01 -23.34
CA ILE A 779 13.81 46.63 -24.19
C ILE A 779 12.60 47.51 -23.93
N ALA A 780 12.45 47.94 -22.68
CA ALA A 780 11.33 48.79 -22.29
C ALA A 780 11.42 50.15 -22.98
N ASP A 781 12.54 50.39 -23.64
CA ASP A 781 12.77 51.65 -24.33
C ASP A 781 12.41 51.54 -25.80
N SER A 782 12.28 50.31 -26.28
CA SER A 782 11.92 50.04 -27.67
C SER A 782 10.41 50.16 -27.85
N LEU A 783 9.72 50.35 -26.73
CA LEU A 783 8.27 50.45 -26.73
C LEU A 783 7.78 51.88 -26.88
N PRO A 784 6.66 52.09 -27.60
CA PRO A 784 6.13 53.44 -27.78
C PRO A 784 5.48 53.94 -26.48
N PRO A 785 5.54 55.26 -26.23
CA PRO A 785 4.97 55.86 -25.04
C PRO A 785 3.45 55.86 -25.10
N PRO A 786 2.79 55.52 -23.98
CA PRO A 786 1.33 55.46 -23.89
C PRO A 786 0.64 56.60 -24.65
N SER A 787 1.32 57.74 -24.70
CA SER A 787 0.83 58.93 -25.38
C SER A 787 0.46 58.65 -26.85
N SER A 788 1.30 57.88 -27.53
CA SER A 788 1.08 57.57 -28.93
C SER A 788 -0.16 56.72 -29.21
N LEU A 789 -0.63 56.00 -28.20
CA LEU A 789 -1.81 55.15 -28.36
C LEU A 789 -2.86 55.43 -27.29
N VAL A 790 -3.23 56.70 -27.17
CA VAL A 790 -4.23 57.13 -26.21
C VAL A 790 -5.61 56.60 -26.54
N GLY A 791 -6.28 56.04 -25.52
CA GLY A 791 -7.62 55.51 -25.71
C GLY A 791 -7.62 54.14 -26.34
N PHE A 792 -6.45 53.62 -26.66
CA PHE A 792 -6.39 52.30 -27.28
C PHE A 792 -6.34 51.18 -26.26
N ARG A 793 -7.06 50.11 -26.55
CA ARG A 793 -7.10 48.97 -25.64
C ARG A 793 -7.29 47.66 -26.40
N LEU A 794 -6.93 46.57 -25.74
CA LEU A 794 -7.07 45.22 -26.31
C LEU A 794 -8.15 44.43 -25.58
N THR A 795 -8.63 43.37 -26.21
CA THR A 795 -9.68 42.56 -25.63
C THR A 795 -9.17 41.25 -25.04
N PRO A 796 -9.01 41.19 -23.71
CA PRO A 796 -8.52 39.96 -23.07
C PRO A 796 -9.58 38.85 -23.15
N ALA A 797 -9.12 37.62 -23.30
CA ALA A 797 -10.03 36.48 -23.40
C ALA A 797 -10.31 35.94 -22.01
N GLU A 798 -11.57 36.02 -21.59
CA GLU A 798 -11.96 35.52 -20.29
C GLU A 798 -12.49 34.10 -20.44
N PHE A 799 -11.73 33.13 -19.93
CA PHE A 799 -12.11 31.72 -20.02
C PHE A 799 -13.60 31.49 -19.71
N GLU A 800 -14.25 30.71 -20.56
CA GLU A 800 -15.67 30.41 -20.38
C GLU A 800 -15.98 29.00 -20.86
N LYS A 801 -16.05 28.07 -19.91
CA LYS A 801 -16.33 26.67 -20.21
C LYS A 801 -17.65 26.44 -20.92
N ASP A 802 -18.72 27.06 -20.42
CA ASP A 802 -20.05 26.89 -20.99
C ASP A 802 -20.31 27.70 -22.27
N ASP A 803 -19.68 27.29 -23.37
CA ASP A 803 -19.86 27.95 -24.65
C ASP A 803 -19.05 27.22 -25.73
N ASP A 804 -19.32 27.52 -26.98
CA ASP A 804 -18.62 26.86 -28.08
C ASP A 804 -18.25 27.85 -29.17
N SER A 805 -18.94 28.99 -29.15
CA SER A 805 -18.68 30.04 -30.12
C SER A 805 -17.48 30.88 -29.68
N ASN A 806 -16.69 30.37 -28.73
CA ASN A 806 -15.53 31.11 -28.26
C ASN A 806 -14.20 30.41 -28.52
N HIS A 807 -14.28 29.16 -28.98
CA HIS A 807 -13.08 28.39 -29.28
C HIS A 807 -12.22 28.17 -28.04
N HIS A 808 -12.78 28.50 -26.87
CA HIS A 808 -12.05 28.32 -25.62
C HIS A 808 -11.72 26.86 -25.34
N ILE A 809 -12.76 26.04 -25.18
CA ILE A 809 -12.54 24.63 -24.91
C ILE A 809 -11.89 23.96 -26.11
N ASP A 810 -12.29 24.38 -27.31
CA ASP A 810 -11.73 23.82 -28.54
C ASP A 810 -10.21 23.96 -28.51
N PHE A 811 -9.73 25.11 -28.07
CA PHE A 811 -8.30 25.37 -28.00
C PHE A 811 -7.67 24.37 -27.04
N ILE A 812 -8.07 24.45 -25.77
CA ILE A 812 -7.55 23.60 -24.71
C ILE A 812 -7.54 22.11 -25.06
N THR A 813 -8.61 21.62 -25.65
CA THR A 813 -8.68 20.20 -26.02
C THR A 813 -7.53 19.87 -26.97
N ALA A 814 -7.44 20.64 -28.06
CA ALA A 814 -6.41 20.42 -29.04
C ALA A 814 -5.03 20.56 -28.40
N ALA A 815 -4.81 21.66 -27.70
CA ALA A 815 -3.53 21.90 -27.04
C ALA A 815 -3.16 20.76 -26.11
N SER A 816 -4.18 20.19 -25.47
CA SER A 816 -3.98 19.08 -24.53
C SER A 816 -3.66 17.79 -25.26
N ASN A 817 -4.42 17.50 -26.31
CA ASN A 817 -4.22 16.30 -27.09
C ASN A 817 -2.94 16.34 -27.92
N LEU A 818 -2.41 17.54 -28.12
CA LEU A 818 -1.17 17.68 -28.89
C LEU A 818 0.02 17.40 -27.99
N ARG A 819 -0.08 17.84 -26.73
CA ARG A 819 0.98 17.59 -25.76
C ARG A 819 0.87 16.12 -25.36
N ALA A 820 -0.33 15.57 -25.56
CA ALA A 820 -0.61 14.17 -25.24
C ALA A 820 0.22 13.31 -26.17
N MET A 821 0.25 13.67 -27.44
CA MET A 821 1.01 12.94 -28.44
C MET A 821 2.50 13.05 -28.14
N ASN A 822 2.92 14.21 -27.65
CA ASN A 822 4.32 14.41 -27.31
C ASN A 822 4.80 13.32 -26.36
N TYR A 823 4.09 13.15 -25.25
CA TYR A 823 4.47 12.17 -24.25
C TYR A 823 3.74 10.82 -24.33
N ASP A 824 3.33 10.43 -25.53
CA ASP A 824 2.64 9.16 -25.74
C ASP A 824 1.53 8.95 -24.71
N ILE A 825 0.73 9.98 -24.48
CA ILE A 825 -0.37 9.89 -23.53
C ILE A 825 -1.69 9.80 -24.29
N THR A 826 -2.60 8.98 -23.79
CA THR A 826 -3.89 8.81 -24.45
C THR A 826 -4.71 10.10 -24.37
N PRO A 827 -5.22 10.56 -25.51
CA PRO A 827 -6.03 11.78 -25.60
C PRO A 827 -7.41 11.64 -24.98
N ALA A 828 -8.19 12.72 -25.01
CA ALA A 828 -9.54 12.73 -24.46
C ALA A 828 -10.42 13.75 -25.19
N ASP A 829 -11.66 13.37 -25.48
CA ASP A 829 -12.59 14.26 -26.18
C ASP A 829 -12.80 15.55 -25.40
N ARG A 830 -13.39 16.55 -26.03
CA ARG A 830 -13.60 17.82 -25.36
C ARG A 830 -14.60 17.74 -24.23
N PHE A 831 -15.31 16.61 -24.12
CA PHE A 831 -16.27 16.44 -23.05
C PHE A 831 -15.53 16.28 -21.72
N LYS A 832 -14.52 15.42 -21.72
CA LYS A 832 -13.73 15.19 -20.52
C LYS A 832 -12.88 16.43 -20.27
N THR A 833 -12.23 16.91 -21.32
CA THR A 833 -11.37 18.07 -21.22
C THR A 833 -12.11 19.23 -20.59
N LYS A 834 -13.35 19.46 -21.01
CA LYS A 834 -14.15 20.55 -20.47
C LYS A 834 -14.32 20.34 -18.97
N PHE A 835 -14.66 19.11 -18.59
CA PHE A 835 -14.87 18.76 -17.18
C PHE A 835 -13.69 19.08 -16.30
N VAL A 836 -12.50 18.67 -16.74
CA VAL A 836 -11.29 18.90 -15.97
C VAL A 836 -10.73 20.32 -16.13
N ALA A 837 -10.72 20.83 -17.36
CA ALA A 837 -10.21 22.16 -17.62
C ALA A 837 -11.00 23.22 -16.88
N GLY A 838 -12.32 23.05 -16.83
CA GLY A 838 -13.15 24.01 -16.15
C GLY A 838 -13.40 23.66 -14.70
N LYS A 839 -12.79 22.58 -14.23
CA LYS A 839 -12.97 22.13 -12.85
C LYS A 839 -14.45 22.17 -12.45
N ILE A 840 -15.29 21.56 -13.26
CA ILE A 840 -16.74 21.49 -13.03
C ILE A 840 -17.12 20.59 -11.87
N VAL A 841 -18.12 20.99 -11.10
CA VAL A 841 -18.57 20.19 -9.98
C VAL A 841 -19.77 19.36 -10.38
N PRO A 842 -19.57 18.07 -10.66
CA PRO A 842 -20.68 17.20 -11.06
C PRO A 842 -21.78 17.23 -10.01
N ALA A 843 -23.03 17.34 -10.46
CA ALA A 843 -24.16 17.38 -9.54
C ALA A 843 -25.49 17.37 -10.24
N MET A 844 -26.54 17.02 -9.49
CA MET A 844 -27.89 16.96 -10.04
C MET A 844 -28.97 17.27 -8.99
N CYS A 845 -30.20 17.42 -9.47
CA CYS A 845 -31.34 17.73 -8.63
C CYS A 845 -31.62 16.81 -7.44
N THR A 846 -31.44 15.51 -7.63
CA THR A 846 -31.71 14.54 -6.56
C THR A 846 -31.01 14.86 -5.24
N SER A 847 -29.68 14.99 -5.27
CA SER A 847 -28.88 15.30 -4.08
C SER A 847 -29.30 16.63 -3.46
N THR A 848 -29.41 17.64 -4.31
CA THR A 848 -29.81 18.97 -3.88
C THR A 848 -31.10 18.95 -3.07
N ALA A 849 -32.04 18.09 -3.46
CA ALA A 849 -33.31 18.00 -2.76
C ALA A 849 -33.14 17.32 -1.42
N VAL A 850 -32.43 16.20 -1.41
CA VAL A 850 -32.21 15.46 -0.18
C VAL A 850 -31.61 16.36 0.90
N VAL A 851 -30.54 17.08 0.57
CA VAL A 851 -29.91 17.96 1.54
C VAL A 851 -30.87 19.03 2.03
N SER A 852 -31.53 19.69 1.10
CA SER A 852 -32.49 20.74 1.46
C SER A 852 -33.48 20.21 2.50
N GLY A 853 -33.99 19.01 2.27
CA GLY A 853 -34.93 18.43 3.21
C GLY A 853 -34.31 18.29 4.58
N LEU A 854 -33.20 17.56 4.64
CA LEU A 854 -32.48 17.34 5.90
C LEU A 854 -32.22 18.68 6.58
N VAL A 855 -31.82 19.67 5.79
CA VAL A 855 -31.51 21.01 6.32
C VAL A 855 -32.69 21.64 7.04
N CYS A 856 -33.86 21.57 6.42
CA CYS A 856 -35.06 22.16 7.02
C CYS A 856 -35.54 21.33 8.20
N LEU A 857 -35.29 20.03 8.16
CA LEU A 857 -35.68 19.16 9.27
C LEU A 857 -34.91 19.58 10.52
N GLU A 858 -33.82 20.32 10.32
CA GLU A 858 -33.01 20.80 11.42
C GLU A 858 -33.43 22.22 11.73
N LEU A 859 -33.80 22.95 10.68
CA LEU A 859 -34.25 24.33 10.83
C LEU A 859 -35.31 24.44 11.91
N VAL A 860 -36.22 23.47 11.93
CA VAL A 860 -37.29 23.45 12.90
C VAL A 860 -36.76 23.19 14.31
N LYS A 861 -35.58 22.60 14.40
CA LYS A 861 -34.99 22.32 15.71
C LYS A 861 -34.43 23.60 16.30
N LEU A 862 -34.04 24.53 15.43
CA LEU A 862 -33.50 25.81 15.86
C LEU A 862 -34.62 26.72 16.36
N VAL A 863 -35.76 26.71 15.67
CA VAL A 863 -36.89 27.56 16.06
C VAL A 863 -37.55 27.00 17.32
N ASP A 864 -37.28 25.73 17.60
CA ASP A 864 -37.83 25.07 18.79
C ASP A 864 -36.91 25.40 19.96
N GLY A 865 -35.72 25.90 19.65
CA GLY A 865 -34.77 26.25 20.69
C GLY A 865 -34.19 25.09 21.46
N LYS A 866 -34.06 23.93 20.81
CA LYS A 866 -33.50 22.76 21.48
C LYS A 866 -32.09 23.04 21.98
N LYS A 867 -31.88 22.83 23.28
CA LYS A 867 -30.58 23.07 23.89
C LYS A 867 -29.73 21.83 24.05
N LYS A 868 -30.34 20.66 23.94
CA LYS A 868 -29.59 19.41 24.06
C LYS A 868 -28.94 19.09 22.72
N ILE A 869 -27.62 18.89 22.74
CA ILE A 869 -26.88 18.60 21.53
C ILE A 869 -27.23 17.27 20.88
N GLU A 870 -27.58 16.28 21.70
CA GLU A 870 -27.93 14.96 21.20
C GLU A 870 -29.15 14.99 20.31
N GLU A 871 -29.82 16.13 20.25
CA GLU A 871 -31.03 16.26 19.45
C GLU A 871 -30.80 16.76 18.02
N TYR A 872 -29.65 17.38 17.79
CA TYR A 872 -29.33 17.87 16.45
C TYR A 872 -28.63 16.75 15.69
N LYS A 873 -28.65 16.84 14.36
CA LYS A 873 -28.01 15.82 13.53
C LYS A 873 -27.31 16.37 12.29
N ASN A 874 -26.13 15.83 12.01
CA ASN A 874 -25.38 16.24 10.83
C ASN A 874 -25.61 15.12 9.84
N GLY A 875 -25.91 15.47 8.59
CA GLY A 875 -26.17 14.45 7.61
C GLY A 875 -25.03 14.11 6.67
N PHE A 876 -25.02 12.88 6.20
CA PHE A 876 -24.01 12.40 5.27
C PHE A 876 -24.67 11.31 4.43
N PHE A 877 -24.66 11.43 3.11
CA PHE A 877 -25.29 10.42 2.28
C PHE A 877 -24.69 10.28 0.88
N ASN A 878 -24.98 9.16 0.24
CA ASN A 878 -24.52 8.89 -1.12
C ASN A 878 -25.59 8.07 -1.81
N LEU A 879 -26.43 8.74 -2.59
CA LEU A 879 -27.51 8.08 -3.30
C LEU A 879 -27.05 6.93 -4.18
N ALA A 880 -25.84 7.07 -4.74
CA ALA A 880 -25.29 6.04 -5.61
C ALA A 880 -25.33 4.64 -4.98
N ILE A 881 -25.21 4.58 -3.66
CA ILE A 881 -25.22 3.29 -2.98
C ILE A 881 -26.27 3.18 -1.88
N GLY A 882 -27.20 4.13 -1.85
CA GLY A 882 -28.24 4.09 -0.84
C GLY A 882 -27.68 4.16 0.56
N LEU A 883 -26.68 5.01 0.77
CA LEU A 883 -26.07 5.15 2.08
C LEU A 883 -26.50 6.44 2.78
N PHE A 884 -26.94 6.31 4.02
CA PHE A 884 -27.37 7.45 4.82
C PHE A 884 -26.82 7.27 6.23
N THR A 885 -26.31 8.34 6.81
CA THR A 885 -25.78 8.28 8.16
C THR A 885 -25.85 9.65 8.78
N PHE A 886 -26.16 9.68 10.08
CA PHE A 886 -26.25 10.94 10.79
C PHE A 886 -25.46 10.82 12.07
N SER A 887 -25.11 11.96 12.65
CA SER A 887 -24.34 11.98 13.88
C SER A 887 -24.55 13.27 14.67
N ASP A 888 -24.56 13.16 15.98
CA ASP A 888 -24.74 14.34 16.82
C ASP A 888 -23.58 15.28 16.50
N PRO A 889 -23.80 16.60 16.63
CA PRO A 889 -22.77 17.62 16.36
C PRO A 889 -21.72 17.68 17.48
N ILE A 890 -20.48 18.05 17.13
CA ILE A 890 -19.41 18.13 18.14
C ILE A 890 -19.61 19.37 19.00
N ALA A 891 -19.50 19.21 20.31
CA ALA A 891 -19.68 20.33 21.23
C ALA A 891 -18.52 21.31 21.15
N SER A 892 -18.83 22.59 21.30
CA SER A 892 -17.79 23.60 21.23
C SER A 892 -16.79 23.32 22.33
N PRO A 893 -15.49 23.48 22.04
CA PRO A 893 -14.47 23.23 23.06
C PRO A 893 -14.65 24.21 24.22
N LYS A 894 -14.74 23.67 25.43
CA LYS A 894 -14.91 24.50 26.60
C LYS A 894 -13.57 24.92 27.19
N MET A 895 -13.60 25.44 28.40
CA MET A 895 -12.39 25.91 29.06
C MET A 895 -12.75 26.46 30.44
N LYS A 896 -11.83 26.35 31.38
CA LYS A 896 -12.08 26.86 32.72
C LYS A 896 -11.20 28.06 33.05
N VAL A 897 -11.83 29.14 33.46
CA VAL A 897 -11.11 30.34 33.85
C VAL A 897 -11.77 30.77 35.15
N ASN A 898 -11.01 30.70 36.24
CA ASN A 898 -11.52 31.03 37.57
C ASN A 898 -12.64 30.09 37.98
N GLY A 899 -12.56 28.85 37.50
CA GLY A 899 -13.56 27.85 37.82
C GLY A 899 -14.80 27.92 36.94
N LYS A 900 -15.01 29.07 36.31
CA LYS A 900 -16.17 29.24 35.44
C LYS A 900 -15.87 28.57 34.11
N GLU A 901 -16.87 27.90 33.56
CA GLU A 901 -16.70 27.24 32.27
C GLU A 901 -17.00 28.24 31.16
N ILE A 902 -16.07 28.39 30.22
CA ILE A 902 -16.27 29.32 29.12
C ILE A 902 -16.19 28.61 27.78
N ASP A 903 -16.86 29.19 26.80
CA ASP A 903 -16.93 28.65 25.45
C ASP A 903 -15.82 29.25 24.59
N LYS A 904 -14.85 28.43 24.20
CA LYS A 904 -13.74 28.90 23.40
C LYS A 904 -14.17 29.43 22.04
N ILE A 905 -15.40 29.16 21.66
CA ILE A 905 -15.89 29.59 20.38
C ILE A 905 -16.92 30.71 20.42
N TRP A 906 -17.86 30.62 21.36
CA TRP A 906 -18.92 31.62 21.44
C TRP A 906 -18.88 32.73 22.51
N ASP A 907 -18.42 32.43 23.72
CA ASP A 907 -18.36 33.46 24.77
C ASP A 907 -17.40 34.58 24.40
N ARG A 908 -17.77 35.81 24.78
CA ARG A 908 -16.95 36.98 24.53
C ARG A 908 -17.33 38.03 25.58
N TYR A 909 -16.48 39.04 25.74
CA TYR A 909 -16.74 40.09 26.71
C TYR A 909 -17.30 41.33 26.02
N ASN A 910 -18.55 41.65 26.30
CA ASN A 910 -19.18 42.82 25.71
C ASN A 910 -19.08 44.04 26.60
N LEU A 911 -18.34 45.06 26.15
CA LEU A 911 -18.15 46.29 26.89
C LEU A 911 -18.39 47.48 25.99
N PRO A 912 -18.80 48.62 26.57
CA PRO A 912 -19.05 49.85 25.80
C PRO A 912 -17.70 50.53 25.53
N ASP A 913 -17.73 51.68 24.88
CA ASP A 913 -16.50 52.41 24.57
C ASP A 913 -15.98 53.14 25.82
N CYS A 914 -15.68 52.39 26.87
CA CYS A 914 -15.17 52.96 28.11
C CYS A 914 -13.69 53.32 28.04
N THR A 915 -13.15 53.83 29.14
CA THR A 915 -11.75 54.23 29.22
C THR A 915 -10.85 53.04 29.54
N LEU A 916 -9.59 53.11 29.10
CA LEU A 916 -8.65 52.02 29.36
C LEU A 916 -8.67 51.68 30.85
N GLN A 917 -8.57 52.70 31.68
CA GLN A 917 -8.57 52.50 33.13
C GLN A 917 -9.85 51.76 33.53
N GLU A 918 -10.97 52.20 32.98
CA GLU A 918 -12.25 51.56 33.29
C GLU A 918 -12.25 50.09 32.91
N LEU A 919 -11.94 49.78 31.66
CA LEU A 919 -11.91 48.39 31.19
C LEU A 919 -11.05 47.55 32.11
N ILE A 920 -9.89 48.07 32.47
CA ILE A 920 -8.99 47.34 33.36
C ILE A 920 -9.68 47.05 34.69
N ASP A 921 -10.25 48.09 35.30
CA ASP A 921 -10.95 47.91 36.58
C ASP A 921 -12.05 46.88 36.45
N TYR A 922 -12.77 46.94 35.35
CA TYR A 922 -13.88 46.00 35.10
C TYR A 922 -13.41 44.56 35.26
N PHE A 923 -12.50 44.14 34.38
CA PHE A 923 -11.99 42.80 34.42
C PHE A 923 -11.53 42.35 35.78
N GLN A 924 -10.89 43.26 36.50
CA GLN A 924 -10.38 42.94 37.84
C GLN A 924 -11.48 42.86 38.90
N LYS A 925 -12.47 43.73 38.81
CA LYS A 925 -13.53 43.73 39.81
C LYS A 925 -14.72 42.85 39.47
N GLU A 926 -15.07 42.76 38.20
CA GLU A 926 -16.21 41.96 37.82
C GLU A 926 -15.85 40.57 37.32
N GLU A 927 -14.68 40.43 36.69
CA GLU A 927 -14.24 39.13 36.17
C GLU A 927 -13.12 38.48 36.99
N GLY A 928 -12.48 39.23 37.86
CA GLY A 928 -11.42 38.67 38.67
C GLY A 928 -10.20 38.36 37.81
N LEU A 929 -9.95 39.24 36.84
CA LEU A 929 -8.83 39.07 35.94
C LEU A 929 -7.96 40.31 35.90
N GLU A 930 -6.65 40.12 36.03
CA GLU A 930 -5.71 41.22 36.00
C GLU A 930 -5.18 41.37 34.57
N VAL A 931 -5.77 42.29 33.80
CA VAL A 931 -5.33 42.49 32.42
C VAL A 931 -3.87 42.92 32.33
N THR A 932 -3.06 42.03 31.77
CA THR A 932 -1.63 42.25 31.62
C THR A 932 -1.25 42.75 30.23
N MET A 933 -2.13 42.53 29.25
CA MET A 933 -1.82 42.94 27.90
C MET A 933 -3.11 43.09 27.10
N LEU A 934 -3.28 44.24 26.44
CA LEU A 934 -4.47 44.50 25.63
C LEU A 934 -4.05 44.86 24.21
N SER A 935 -4.72 44.30 23.22
CA SER A 935 -4.34 44.60 21.84
C SER A 935 -5.46 44.52 20.82
N SER A 936 -5.21 45.14 19.67
CA SER A 936 -6.16 45.18 18.55
C SER A 936 -5.40 44.84 17.26
N GLY A 937 -5.62 43.62 16.74
CA GLY A 937 -4.94 43.20 15.54
C GLY A 937 -3.48 42.89 15.84
N VAL A 938 -2.58 43.73 15.37
CA VAL A 938 -1.15 43.53 15.60
C VAL A 938 -0.58 44.68 16.42
N SER A 939 -1.46 45.53 16.91
CA SER A 939 -1.06 46.67 17.70
C SER A 939 -1.24 46.40 19.19
N LEU A 940 -0.23 46.75 19.98
CA LEU A 940 -0.29 46.56 21.41
C LEU A 940 -0.75 47.87 22.05
N LEU A 941 -1.95 47.86 22.60
CA LEU A 941 -2.52 49.05 23.24
C LEU A 941 -2.05 49.24 24.68
N TYR A 942 -2.04 48.15 25.44
CA TYR A 942 -1.63 48.21 26.85
C TYR A 942 -0.87 46.96 27.31
N ALA A 943 -0.13 47.14 28.40
CA ALA A 943 0.66 46.08 29.00
C ALA A 943 1.15 46.59 30.35
N ASN A 944 0.82 45.90 31.43
CA ASN A 944 1.24 46.33 32.75
C ASN A 944 2.74 46.49 32.92
N PHE A 945 3.53 45.93 32.00
CA PHE A 945 4.98 46.06 32.10
C PHE A 945 5.53 47.23 31.30
N GLN A 946 4.66 48.14 30.89
CA GLN A 946 5.08 49.32 30.16
C GLN A 946 5.49 50.36 31.19
N PRO A 947 6.24 51.38 30.75
CA PRO A 947 6.69 52.45 31.65
C PRO A 947 5.51 53.27 32.16
N PRO A 948 5.61 53.78 33.41
CA PRO A 948 4.55 54.59 34.03
C PRO A 948 4.19 55.84 33.24
N LYS A 949 4.94 56.10 32.17
CA LYS A 949 4.68 57.26 31.33
C LYS A 949 3.62 56.89 30.31
N LYS A 950 3.94 55.92 29.46
CA LYS A 950 3.02 55.42 28.44
C LYS A 950 1.64 55.17 29.03
N LEU A 951 1.61 54.59 30.23
CA LEU A 951 0.35 54.26 30.90
C LEU A 951 -0.42 55.50 31.32
N ALA A 952 0.23 56.37 32.09
CA ALA A 952 -0.39 57.58 32.58
C ALA A 952 -1.08 58.39 31.48
N GLU A 953 -0.49 58.41 30.29
CA GLU A 953 -1.04 59.17 29.18
C GLU A 953 -2.15 58.47 28.42
N ARG A 954 -2.31 57.16 28.65
CA ARG A 954 -3.33 56.38 27.95
C ARG A 954 -4.52 55.98 28.83
N LEU A 955 -4.25 55.53 30.04
CA LEU A 955 -5.30 55.10 30.95
C LEU A 955 -6.59 55.91 30.91
N PRO A 956 -6.50 57.25 30.86
CA PRO A 956 -7.70 58.09 30.83
C PRO A 956 -8.44 58.10 29.50
N LEU A 957 -7.79 57.64 28.44
CA LEU A 957 -8.40 57.62 27.12
C LEU A 957 -9.49 56.56 26.97
N LYS A 958 -10.34 56.75 25.95
CA LYS A 958 -11.40 55.79 25.67
C LYS A 958 -10.81 54.80 24.67
N ILE A 959 -11.25 53.56 24.75
CA ILE A 959 -10.76 52.50 23.88
C ILE A 959 -10.60 52.96 22.43
N SER A 960 -11.69 53.43 21.83
CA SER A 960 -11.65 53.89 20.46
C SER A 960 -10.51 54.90 20.25
N GLU A 961 -10.41 55.87 21.15
CA GLU A 961 -9.36 56.88 21.06
C GLU A 961 -7.99 56.20 21.05
N LEU A 962 -7.77 55.33 22.01
CA LEU A 962 -6.51 54.61 22.15
C LEU A 962 -6.13 53.85 20.89
N VAL A 963 -7.13 53.24 20.26
CA VAL A 963 -6.90 52.48 19.04
C VAL A 963 -6.38 53.39 17.94
N GLU A 964 -7.15 54.43 17.62
CA GLU A 964 -6.76 55.36 16.58
C GLU A 964 -5.36 55.92 16.79
N GLN A 965 -5.06 56.31 18.03
CA GLN A 965 -3.74 56.85 18.34
C GLN A 965 -2.62 55.87 18.00
N ILE A 966 -2.60 54.74 18.71
CA ILE A 966 -1.57 53.72 18.51
C ILE A 966 -1.48 53.29 17.05
N THR A 967 -2.61 53.19 16.39
CA THR A 967 -2.67 52.78 14.99
C THR A 967 -2.23 53.90 14.05
N LYS A 968 -2.30 55.14 14.54
CA LYS A 968 -1.93 56.30 13.73
C LYS A 968 -2.86 56.40 12.53
N LYS A 969 -3.96 55.67 12.57
CA LYS A 969 -4.93 55.66 11.49
C LYS A 969 -6.34 55.69 12.07
N LYS A 970 -6.98 56.85 11.99
CA LYS A 970 -8.33 57.05 12.52
C LYS A 970 -9.33 56.02 12.03
N LEU A 971 -10.19 55.56 12.92
CA LEU A 971 -11.19 54.57 12.61
C LEU A 971 -12.10 54.97 11.45
N GLU A 972 -12.82 53.99 10.92
CA GLU A 972 -13.75 54.22 9.82
C GLU A 972 -15.13 54.40 10.44
N PRO A 973 -15.85 55.45 10.04
CA PRO A 973 -17.19 55.74 10.55
C PRO A 973 -18.28 54.71 10.26
N PHE A 974 -17.98 53.72 9.44
CA PHE A 974 -18.98 52.71 9.13
C PHE A 974 -18.95 51.53 10.10
N ARG A 975 -18.05 51.58 11.08
CA ARG A 975 -17.93 50.52 12.08
C ARG A 975 -18.92 50.71 13.21
N LYS A 976 -19.35 49.59 13.79
CA LYS A 976 -20.29 49.59 14.91
C LYS A 976 -19.66 48.84 16.07
N HIS A 977 -18.79 47.90 15.74
CA HIS A 977 -18.10 47.09 16.75
C HIS A 977 -16.59 47.32 16.71
N LEU A 978 -15.87 46.63 17.60
CA LEU A 978 -14.42 46.74 17.68
C LEU A 978 -13.89 45.60 18.55
N VAL A 979 -13.18 44.65 17.93
CA VAL A 979 -12.65 43.48 18.63
C VAL A 979 -11.28 43.68 19.25
N LEU A 980 -11.11 43.13 20.45
CA LEU A 980 -9.85 43.24 21.16
C LEU A 980 -9.48 41.93 21.82
N GLU A 981 -8.18 41.68 21.93
CA GLU A 981 -7.68 40.48 22.57
C GLU A 981 -7.01 40.89 23.87
N ILE A 982 -6.95 40.00 24.85
CA ILE A 982 -6.29 40.35 26.11
C ILE A 982 -5.52 39.20 26.75
N CYS A 983 -4.57 39.56 27.59
CA CYS A 983 -3.75 38.61 28.32
C CYS A 983 -3.87 39.05 29.76
N CYS A 984 -4.11 38.12 30.65
CA CYS A 984 -4.25 38.46 32.06
C CYS A 984 -3.96 37.28 32.96
N ASP A 985 -4.10 37.49 34.27
CA ASP A 985 -3.86 36.42 35.23
C ASP A 985 -5.15 36.16 36.01
N ASP A 986 -5.39 34.89 36.34
CA ASP A 986 -6.57 34.55 37.10
C ASP A 986 -6.37 35.04 38.52
N ALA A 987 -7.22 34.58 39.44
CA ALA A 987 -7.14 34.99 40.82
C ALA A 987 -5.89 34.43 41.50
N ASN A 988 -5.18 33.56 40.80
CA ASN A 988 -3.96 32.97 41.35
C ASN A 988 -2.73 33.64 40.78
N GLY A 989 -2.94 34.67 39.96
CA GLY A 989 -1.82 35.39 39.37
C GLY A 989 -1.19 34.64 38.21
N GLU A 990 -1.71 33.46 37.91
CA GLU A 990 -1.19 32.64 36.82
C GLU A 990 -1.86 33.01 35.51
N ASP A 991 -1.06 33.16 34.46
CA ASP A 991 -1.58 33.51 33.16
C ASP A 991 -2.71 32.56 32.77
N VAL A 992 -3.77 33.10 32.18
CA VAL A 992 -4.90 32.30 31.75
C VAL A 992 -5.45 32.83 30.42
N GLU A 993 -6.13 31.96 29.68
CA GLU A 993 -6.67 32.33 28.38
C GLU A 993 -8.16 32.66 28.46
N VAL A 994 -8.52 33.88 28.10
CA VAL A 994 -9.91 34.30 28.18
C VAL A 994 -10.45 34.69 26.80
N PRO A 995 -11.79 34.74 26.68
CA PRO A 995 -12.48 35.09 25.44
C PRO A 995 -12.08 36.47 24.93
N PHE A 996 -12.49 36.81 23.71
CA PHE A 996 -12.17 38.11 23.14
C PHE A 996 -13.12 39.18 23.67
N ILE A 997 -12.83 40.43 23.35
CA ILE A 997 -13.64 41.55 23.78
C ILE A 997 -14.24 42.25 22.57
N CYS A 998 -15.52 42.56 22.66
CA CYS A 998 -16.21 43.23 21.57
C CYS A 998 -16.70 44.57 22.09
N ILE A 999 -15.97 45.64 21.77
CA ILE A 999 -16.36 46.98 22.20
C ILE A 999 -17.47 47.45 21.29
N LYS A 1000 -18.66 47.62 21.85
CA LYS A 1000 -19.80 48.08 21.06
C LYS A 1000 -19.83 49.60 21.17
N LEU A 1001 -19.03 50.25 20.34
CA LEU A 1001 -18.96 51.71 20.32
C LEU A 1001 -20.09 52.29 19.49
N MET B 21 -9.96 -7.43 18.87
CA MET B 21 -11.12 -7.70 17.99
C MET B 21 -10.89 -7.19 16.57
N GLN B 22 -11.96 -7.07 15.81
CA GLN B 22 -11.89 -6.62 14.42
C GLN B 22 -13.10 -5.78 14.06
N ILE B 23 -12.86 -4.58 13.53
CA ILE B 23 -13.94 -3.69 13.14
C ILE B 23 -13.90 -3.35 11.66
N PHE B 24 -15.01 -2.82 11.15
CA PHE B 24 -15.12 -2.46 9.74
C PHE B 24 -15.45 -0.99 9.59
N VAL B 25 -14.80 -0.32 8.64
CA VAL B 25 -15.02 1.09 8.39
C VAL B 25 -15.43 1.30 6.95
N LYS B 26 -16.71 1.50 6.71
CA LYS B 26 -17.20 1.73 5.35
C LYS B 26 -17.21 3.22 5.09
N THR B 27 -16.74 3.62 3.90
CA THR B 27 -16.69 5.05 3.54
C THR B 27 -17.80 5.46 2.59
N LEU B 28 -18.00 6.77 2.45
CA LEU B 28 -19.02 7.30 1.57
C LEU B 28 -18.88 6.82 0.14
N THR B 29 -17.66 6.45 -0.24
CA THR B 29 -17.41 5.97 -1.58
C THR B 29 -17.59 4.45 -1.73
N GLY B 30 -18.33 3.86 -0.79
CA GLY B 30 -18.60 2.43 -0.84
C GLY B 30 -17.45 1.49 -0.56
N LYS B 31 -16.35 2.01 -0.03
CA LYS B 31 -15.18 1.20 0.26
C LYS B 31 -15.20 0.69 1.69
N THR B 32 -14.82 -0.57 1.89
CA THR B 32 -14.81 -1.15 3.22
C THR B 32 -13.37 -1.41 3.65
N ILE B 33 -13.04 -1.02 4.88
CA ILE B 33 -11.70 -1.19 5.42
C ILE B 33 -11.75 -2.00 6.71
N THR B 34 -10.94 -3.05 6.80
CA THR B 34 -10.92 -3.88 7.99
C THR B 34 -9.74 -3.53 8.89
N LEU B 35 -10.02 -3.37 10.18
CA LEU B 35 -9.00 -3.00 11.16
C LEU B 35 -8.91 -3.98 12.32
N GLU B 36 -7.72 -4.15 12.85
CA GLU B 36 -7.50 -5.02 14.00
C GLU B 36 -7.25 -4.11 15.19
N VAL B 37 -8.28 -3.94 16.02
CA VAL B 37 -8.19 -3.07 17.19
C VAL B 37 -8.64 -3.73 18.48
N GLU B 38 -8.41 -3.03 19.58
CA GLU B 38 -8.79 -3.50 20.91
C GLU B 38 -9.79 -2.50 21.51
N SER B 39 -10.69 -2.98 22.37
CA SER B 39 -11.68 -2.11 22.98
C SER B 39 -11.09 -0.94 23.74
N SER B 40 -9.86 -1.11 24.22
CA SER B 40 -9.19 -0.07 24.98
C SER B 40 -8.41 0.91 24.11
N ASP B 41 -8.34 0.63 22.81
CA ASP B 41 -7.64 1.51 21.88
C ASP B 41 -8.26 2.90 21.88
N THR B 42 -7.42 3.91 21.65
CA THR B 42 -7.89 5.29 21.62
C THR B 42 -8.27 5.67 20.20
N ILE B 43 -9.19 6.62 20.08
CA ILE B 43 -9.65 7.08 18.77
C ILE B 43 -8.48 7.59 17.94
N ASP B 44 -7.54 8.28 18.59
CA ASP B 44 -6.39 8.81 17.87
C ASP B 44 -5.63 7.64 17.29
N ASN B 45 -5.53 6.57 18.08
CA ASN B 45 -4.83 5.37 17.67
C ASN B 45 -5.55 4.67 16.54
N VAL B 46 -6.86 4.85 16.43
CA VAL B 46 -7.62 4.21 15.36
C VAL B 46 -7.43 5.00 14.08
N LYS B 47 -7.57 6.31 14.16
CA LYS B 47 -7.42 7.20 13.02
C LYS B 47 -6.11 6.91 12.28
N SER B 48 -5.06 6.63 13.04
CA SER B 48 -3.75 6.35 12.47
C SER B 48 -3.71 5.05 11.67
N LYS B 49 -4.33 4.00 12.21
CA LYS B 49 -4.36 2.74 11.52
C LYS B 49 -5.06 2.96 10.20
N ILE B 50 -6.00 3.90 10.19
CA ILE B 50 -6.75 4.23 8.99
C ILE B 50 -5.85 5.04 8.06
N GLN B 51 -5.02 5.90 8.62
CA GLN B 51 -4.11 6.72 7.83
C GLN B 51 -3.07 5.85 7.14
N ASP B 52 -2.73 4.73 7.76
CA ASP B 52 -1.74 3.83 7.17
C ASP B 52 -2.27 3.07 5.97
N LYS B 53 -3.58 2.84 5.95
CA LYS B 53 -4.21 2.14 4.85
C LYS B 53 -4.65 3.09 3.73
N GLU B 54 -5.40 4.13 4.10
CA GLU B 54 -5.92 5.08 3.12
C GLU B 54 -5.10 6.35 2.89
N GLY B 55 -4.33 6.76 3.89
CA GLY B 55 -3.52 7.97 3.74
C GLY B 55 -4.29 9.24 4.02
N ILE B 56 -5.25 9.16 4.93
CA ILE B 56 -6.06 10.31 5.30
C ILE B 56 -5.59 10.82 6.66
N PRO B 57 -5.11 12.08 6.73
CA PRO B 57 -4.65 12.63 8.01
C PRO B 57 -5.78 12.51 9.04
N PRO B 58 -5.45 12.13 10.28
CA PRO B 58 -6.46 12.00 11.32
C PRO B 58 -7.38 13.20 11.45
N ASP B 59 -6.84 14.39 11.15
CA ASP B 59 -7.60 15.64 11.25
C ASP B 59 -8.81 15.67 10.33
N GLN B 60 -8.66 15.07 9.15
CA GLN B 60 -9.73 15.07 8.16
C GLN B 60 -10.68 13.89 8.26
N GLN B 61 -10.38 12.97 9.16
CA GLN B 61 -11.18 11.78 9.36
C GLN B 61 -12.43 12.02 10.19
N ARG B 62 -13.58 11.57 9.68
CA ARG B 62 -14.85 11.73 10.39
C ARG B 62 -15.48 10.36 10.58
N LEU B 63 -15.18 9.73 11.70
CA LEU B 63 -15.71 8.40 12.01
C LEU B 63 -16.96 8.46 12.84
N ILE B 64 -18.02 7.83 12.35
CA ILE B 64 -19.30 7.79 13.05
C ILE B 64 -19.73 6.38 13.40
N PHE B 65 -20.19 6.20 14.62
CA PHE B 65 -20.64 4.91 15.09
C PHE B 65 -21.95 5.03 15.85
N ALA B 66 -23.00 4.41 15.32
CA ALA B 66 -24.30 4.44 15.96
C ALA B 66 -24.73 5.86 16.26
N GLY B 67 -24.72 6.70 15.23
CA GLY B 67 -25.16 8.08 15.39
C GLY B 67 -24.29 9.02 16.19
N LYS B 68 -23.10 8.57 16.58
CA LYS B 68 -22.19 9.41 17.34
C LYS B 68 -20.86 9.52 16.61
N GLN B 69 -20.31 10.73 16.54
CA GLN B 69 -19.03 10.91 15.87
C GLN B 69 -17.95 10.71 16.91
N LEU B 70 -16.89 10.01 16.55
CA LEU B 70 -15.81 9.72 17.47
C LEU B 70 -14.92 10.94 17.63
N GLU B 71 -14.48 11.17 18.87
CA GLU B 71 -13.62 12.30 19.19
C GLU B 71 -12.31 11.88 19.81
N ASP B 72 -11.24 12.59 19.48
CA ASP B 72 -9.91 12.28 20.02
C ASP B 72 -9.98 12.43 21.54
N GLY B 73 -9.19 11.61 22.24
CA GLY B 73 -9.18 11.66 23.69
C GLY B 73 -9.94 10.53 24.33
N ARG B 74 -11.01 10.10 23.67
CA ARG B 74 -11.82 9.00 24.18
C ARG B 74 -11.27 7.69 23.62
N THR B 75 -11.93 6.58 23.92
CA THR B 75 -11.49 5.27 23.43
C THR B 75 -12.65 4.49 22.82
N LEU B 76 -12.33 3.43 22.09
CA LEU B 76 -13.35 2.63 21.44
C LEU B 76 -14.41 2.14 22.43
N SER B 77 -13.99 1.76 23.62
CA SER B 77 -14.92 1.28 24.62
C SER B 77 -15.85 2.40 25.11
N ASP B 78 -15.34 3.63 25.17
CA ASP B 78 -16.15 4.76 25.61
C ASP B 78 -17.36 4.95 24.70
N TYR B 79 -17.30 4.36 23.51
CA TYR B 79 -18.38 4.44 22.53
C TYR B 79 -19.06 3.09 22.42
N ASN B 80 -18.72 2.20 23.34
CA ASN B 80 -19.27 0.86 23.39
C ASN B 80 -19.03 0.11 22.09
N ILE B 81 -18.00 0.52 21.36
CA ILE B 81 -17.66 -0.14 20.11
C ILE B 81 -17.14 -1.52 20.49
N GLN B 82 -17.89 -2.55 20.12
CA GLN B 82 -17.49 -3.92 20.44
C GLN B 82 -17.03 -4.67 19.19
N LYS B 83 -16.75 -5.96 19.35
CA LYS B 83 -16.29 -6.78 18.24
C LYS B 83 -17.20 -6.75 17.02
N GLU B 84 -16.59 -6.80 15.85
CA GLU B 84 -17.31 -6.82 14.58
C GLU B 84 -18.16 -5.59 14.30
N SER B 85 -17.97 -4.52 15.06
CA SER B 85 -18.74 -3.30 14.85
C SER B 85 -18.39 -2.59 13.56
N THR B 86 -19.34 -1.84 13.01
CA THR B 86 -19.14 -1.10 11.77
C THR B 86 -19.22 0.40 11.99
N LEU B 87 -18.27 1.12 11.41
CA LEU B 87 -18.21 2.58 11.51
C LEU B 87 -18.26 3.20 10.11
N HIS B 88 -18.61 4.48 10.06
CA HIS B 88 -18.66 5.18 8.78
C HIS B 88 -17.58 6.25 8.74
N LEU B 89 -16.96 6.41 7.58
CA LEU B 89 -15.95 7.42 7.39
C LEU B 89 -16.50 8.36 6.34
N VAL B 90 -17.03 9.49 6.79
CA VAL B 90 -17.63 10.46 5.88
C VAL B 90 -16.81 11.74 5.67
N LEU B 91 -17.28 12.58 4.75
CA LEU B 91 -16.61 13.85 4.43
C LEU B 91 -17.62 14.91 4.07
N ARG B 92 -17.20 16.17 4.20
CA ARG B 92 -18.07 17.29 3.86
C ARG B 92 -17.87 17.63 2.39
N LEU B 93 -18.93 18.10 1.75
CA LEU B 93 -18.87 18.43 0.34
C LEU B 93 -18.88 19.94 0.11
N ARG B 94 -18.15 20.35 -0.91
CA ARG B 94 -18.00 21.76 -1.27
C ARG B 94 -19.08 22.25 -2.23
N GLY B 95 -19.63 21.31 -3.01
CA GLY B 95 -20.65 21.66 -3.99
C GLY B 95 -21.96 22.16 -3.43
N GLY B 96 -22.59 23.08 -4.16
CA GLY B 96 -23.86 23.63 -3.73
C GLY B 96 -24.75 24.07 -4.88
N THR C 3 48.73 -23.47 -1.69
CA THR C 3 48.84 -23.81 -0.24
C THR C 3 47.52 -24.38 0.28
N ILE C 4 46.41 -23.70 -0.01
CA ILE C 4 45.09 -24.13 0.43
C ILE C 4 44.32 -24.77 -0.73
N ASP C 5 43.73 -25.94 -0.46
CA ASP C 5 42.97 -26.65 -1.49
C ASP C 5 41.65 -25.92 -1.80
N GLU C 6 41.68 -25.09 -2.84
CA GLU C 6 40.50 -24.32 -3.25
C GLU C 6 39.47 -25.17 -3.98
N GLY C 7 39.82 -26.40 -4.31
CA GLY C 7 38.88 -27.27 -5.00
C GLY C 7 37.92 -27.92 -4.01
N LEU C 8 38.30 -27.86 -2.73
CA LEU C 8 37.50 -28.45 -1.66
C LEU C 8 36.95 -27.36 -0.74
N TYR C 9 37.86 -26.57 -0.16
CA TYR C 9 37.49 -25.49 0.74
C TYR C 9 36.94 -24.26 0.02
N SER C 10 36.58 -24.45 -1.25
CA SER C 10 36.03 -23.35 -2.06
C SER C 10 34.98 -22.56 -1.29
N ARG C 11 33.82 -23.18 -1.09
CA ARG C 11 32.71 -22.55 -0.38
C ARG C 11 33.16 -21.96 0.96
N GLN C 12 33.63 -22.82 1.85
CA GLN C 12 34.07 -22.42 3.17
C GLN C 12 35.07 -21.28 3.19
N LEU C 13 35.84 -21.12 2.10
CA LEU C 13 36.84 -20.05 2.04
C LEU C 13 36.20 -18.68 1.88
N TYR C 14 35.00 -18.64 1.32
CA TYR C 14 34.29 -17.39 1.12
C TYR C 14 33.71 -16.87 2.42
N VAL C 15 33.61 -17.74 3.41
CA VAL C 15 33.07 -17.35 4.71
C VAL C 15 34.18 -17.15 5.73
N LEU C 16 35.30 -17.84 5.52
CA LEU C 16 36.43 -17.74 6.44
C LEU C 16 37.61 -16.93 5.91
N GLY C 17 37.99 -17.17 4.66
CA GLY C 17 39.11 -16.45 4.07
C GLY C 17 40.38 -17.27 4.16
N HIS C 18 41.35 -16.97 3.28
CA HIS C 18 42.60 -17.71 3.28
C HIS C 18 43.41 -17.50 4.56
N GLU C 19 43.82 -16.27 4.82
CA GLU C 19 44.60 -15.95 6.02
C GLU C 19 44.01 -16.61 7.26
N ALA C 20 42.68 -16.73 7.27
CA ALA C 20 41.97 -17.33 8.39
C ALA C 20 42.12 -18.84 8.45
N MET C 21 42.18 -19.50 7.28
CA MET C 21 42.33 -20.94 7.24
C MET C 21 43.78 -21.39 7.44
N LYS C 22 44.73 -20.51 7.12
CA LYS C 22 46.14 -20.82 7.31
C LYS C 22 46.45 -20.92 8.80
N GLN C 23 45.66 -20.25 9.62
CA GLN C 23 45.83 -20.31 11.07
C GLN C 23 45.29 -21.64 11.57
N MET C 24 44.21 -22.10 10.92
CA MET C 24 43.56 -23.36 11.26
C MET C 24 44.46 -24.56 10.98
N SER C 25 45.03 -24.60 9.78
CA SER C 25 45.91 -25.69 9.37
C SER C 25 47.11 -25.83 10.31
N GLN C 26 47.31 -24.83 11.16
CA GLN C 26 48.41 -24.85 12.11
C GLN C 26 47.92 -24.82 13.56
N SER C 27 46.69 -25.28 13.77
CA SER C 27 46.12 -25.31 15.11
C SER C 27 45.66 -26.72 15.44
N ASN C 28 46.10 -27.21 16.58
CA ASN C 28 45.71 -28.54 17.01
C ASN C 28 44.54 -28.44 17.96
N VAL C 29 43.57 -29.34 17.77
CA VAL C 29 42.39 -29.32 18.62
C VAL C 29 42.21 -30.62 19.41
N LEU C 30 41.74 -30.47 20.64
CA LEU C 30 41.49 -31.60 21.52
C LEU C 30 40.00 -31.63 21.88
N ILE C 31 39.41 -32.83 21.85
CA ILE C 31 38.00 -32.98 22.15
C ILE C 31 37.74 -34.04 23.22
N ILE C 32 37.46 -33.59 24.44
CA ILE C 32 37.17 -34.51 25.53
C ILE C 32 35.75 -34.99 25.36
N GLY C 33 35.57 -36.31 25.39
CA GLY C 33 34.25 -36.88 25.24
C GLY C 33 33.97 -37.20 23.77
N CYS C 34 33.35 -38.34 23.53
CA CYS C 34 33.02 -38.76 22.16
C CYS C 34 31.61 -39.32 22.01
N LYS C 35 30.64 -38.60 22.58
CA LYS C 35 29.25 -39.00 22.47
C LYS C 35 28.65 -38.17 21.35
N GLY C 36 27.32 -38.14 21.28
CA GLY C 36 26.67 -37.37 20.23
C GLY C 36 27.27 -35.98 20.06
N LEU C 37 27.38 -35.23 21.16
CA LEU C 37 27.92 -33.88 21.12
C LEU C 37 29.36 -33.83 20.66
N GLY C 38 30.21 -34.61 21.31
CA GLY C 38 31.61 -34.62 20.96
C GLY C 38 31.89 -35.01 19.51
N VAL C 39 31.25 -36.06 19.04
CA VAL C 39 31.45 -36.52 17.67
C VAL C 39 31.05 -35.45 16.66
N GLU C 40 29.92 -34.79 16.92
CA GLU C 40 29.43 -33.73 16.03
C GLU C 40 30.43 -32.61 15.96
N ILE C 41 30.91 -32.17 17.12
CA ILE C 41 31.89 -31.09 17.17
C ILE C 41 33.07 -31.48 16.29
N ALA C 42 33.57 -32.70 16.49
CA ALA C 42 34.71 -33.21 15.72
C ALA C 42 34.39 -33.19 14.24
N LYS C 43 33.32 -33.88 13.85
CA LYS C 43 32.89 -33.94 12.45
C LYS C 43 33.08 -32.60 11.75
N ASN C 44 32.66 -31.52 12.40
CA ASN C 44 32.78 -30.19 11.84
C ASN C 44 34.22 -29.68 11.86
N VAL C 45 34.88 -29.82 13.00
CA VAL C 45 36.26 -29.36 13.12
C VAL C 45 37.14 -30.07 12.09
N CYS C 46 36.83 -31.32 11.80
CA CYS C 46 37.58 -32.10 10.81
C CYS C 46 37.38 -31.46 9.45
N LEU C 47 36.14 -31.44 8.99
CA LEU C 47 35.81 -30.85 7.70
C LEU C 47 36.32 -29.41 7.60
N ALA C 48 36.40 -28.73 8.75
CA ALA C 48 36.87 -27.34 8.83
C ALA C 48 38.26 -27.12 8.26
N GLY C 49 39.20 -27.98 8.62
CA GLY C 49 40.56 -27.86 8.12
C GLY C 49 41.61 -27.44 9.13
N VAL C 50 41.50 -27.95 10.35
CA VAL C 50 42.47 -27.63 11.39
C VAL C 50 43.72 -28.48 11.17
N LYS C 51 44.77 -28.26 11.96
CA LYS C 51 46.00 -29.04 11.82
C LYS C 51 45.69 -30.51 12.06
N SER C 52 45.07 -30.80 13.20
CA SER C 52 44.70 -32.17 13.54
C SER C 52 43.69 -32.21 14.69
N VAL C 53 43.02 -33.34 14.81
CA VAL C 53 42.03 -33.54 15.86
C VAL C 53 42.50 -34.66 16.77
N THR C 54 42.36 -34.43 18.07
CA THR C 54 42.76 -35.42 19.06
C THR C 54 41.57 -35.74 19.96
N LEU C 55 41.26 -37.03 20.09
CA LEU C 55 40.14 -37.48 20.92
C LEU C 55 40.57 -38.10 22.24
N TYR C 56 39.64 -38.14 23.18
CA TYR C 56 39.90 -38.73 24.49
C TYR C 56 38.60 -39.15 25.13
N ASP C 57 38.34 -40.45 25.13
CA ASP C 57 37.13 -40.97 25.76
C ASP C 57 37.28 -42.46 26.00
N PRO C 58 37.86 -42.81 27.15
CA PRO C 58 38.10 -44.20 27.59
C PRO C 58 36.81 -45.01 27.73
N GLN C 59 35.80 -44.43 28.38
CA GLN C 59 34.52 -45.09 28.59
C GLN C 59 34.10 -46.01 27.45
N PRO C 60 33.34 -47.07 27.77
CA PRO C 60 32.84 -48.07 26.82
C PRO C 60 31.93 -47.49 25.73
N THR C 61 30.87 -48.23 25.42
CA THR C 61 29.92 -47.80 24.40
C THR C 61 28.53 -48.36 24.73
N ARG C 62 27.83 -47.69 25.65
CA ARG C 62 26.51 -48.13 26.05
C ARG C 62 25.58 -48.06 24.83
N ILE C 63 24.58 -48.93 24.79
CA ILE C 63 23.64 -48.96 23.68
C ILE C 63 22.92 -47.62 23.52
N GLU C 64 22.71 -46.91 24.63
CA GLU C 64 22.03 -45.62 24.61
C GLU C 64 22.84 -44.52 23.91
N ASP C 65 24.13 -44.75 23.76
CA ASP C 65 24.99 -43.77 23.11
C ASP C 65 24.66 -43.62 21.63
N LEU C 66 24.09 -44.66 21.04
CA LEU C 66 23.75 -44.65 19.62
C LEU C 66 22.54 -43.79 19.27
N SER C 67 22.03 -43.06 20.26
CA SER C 67 20.88 -42.18 20.04
C SER C 67 21.30 -40.91 19.31
N SER C 68 22.59 -40.62 19.32
CA SER C 68 23.11 -39.41 18.66
C SER C 68 24.53 -39.57 18.14
N GLN C 69 25.17 -40.70 18.44
CA GLN C 69 26.53 -40.95 17.97
C GLN C 69 26.48 -41.78 16.69
N TYR C 70 26.28 -41.09 15.56
CA TYR C 70 26.18 -41.74 14.25
C TYR C 70 27.41 -42.51 13.77
N PHE C 71 28.43 -42.63 14.62
CA PHE C 71 29.62 -43.38 14.23
C PHE C 71 29.82 -44.65 15.06
N LEU C 72 28.85 -44.93 15.93
CA LEU C 72 28.92 -46.12 16.77
C LEU C 72 27.87 -47.14 16.32
N THR C 73 28.32 -48.35 15.97
CA THR C 73 27.40 -49.39 15.52
C THR C 73 26.96 -50.28 16.67
N GLU C 74 25.98 -51.14 16.38
CA GLU C 74 25.40 -52.05 17.36
C GLU C 74 26.43 -52.92 18.12
N ASP C 75 27.43 -53.42 17.41
CA ASP C 75 28.45 -54.27 18.02
C ASP C 75 29.67 -53.58 18.62
N ASP C 76 29.77 -52.25 18.47
CA ASP C 76 30.91 -51.55 19.02
C ASP C 76 30.81 -51.43 20.53
N ILE C 77 29.66 -51.78 21.08
CA ILE C 77 29.47 -51.70 22.52
C ILE C 77 30.71 -52.22 23.25
N GLY C 78 30.98 -51.67 24.42
CA GLY C 78 32.13 -52.10 25.18
C GLY C 78 33.40 -51.32 24.84
N VAL C 79 33.80 -51.34 23.58
CA VAL C 79 35.02 -50.63 23.17
C VAL C 79 34.96 -49.15 23.50
N PRO C 80 36.12 -48.53 23.80
CA PRO C 80 36.20 -47.10 24.12
C PRO C 80 35.78 -46.24 22.94
N ARG C 81 34.75 -45.43 23.13
CA ARG C 81 34.24 -44.56 22.08
C ARG C 81 35.34 -43.80 21.34
N ALA C 82 36.40 -43.43 22.05
CA ALA C 82 37.50 -42.71 21.44
C ALA C 82 38.09 -43.49 20.27
N LYS C 83 38.61 -44.68 20.55
CA LYS C 83 39.22 -45.51 19.51
C LYS C 83 38.27 -45.97 18.41
N VAL C 84 37.00 -46.20 18.74
CA VAL C 84 36.04 -46.67 17.74
C VAL C 84 35.61 -45.61 16.72
N THR C 85 35.57 -44.35 17.13
CA THR C 85 35.16 -43.29 16.21
C THR C 85 36.32 -42.69 15.43
N VAL C 86 37.50 -42.64 16.04
CA VAL C 86 38.69 -42.08 15.40
C VAL C 86 38.95 -42.66 14.01
N SER C 87 38.52 -43.89 13.81
CA SER C 87 38.69 -44.57 12.52
C SER C 87 37.82 -44.02 11.40
N LYS C 88 36.69 -43.41 11.78
CA LYS C 88 35.78 -42.86 10.78
C LYS C 88 35.92 -41.34 10.61
N LEU C 89 36.31 -40.65 11.68
CA LEU C 89 36.49 -39.21 11.62
C LEU C 89 37.70 -38.92 10.73
N ALA C 90 38.66 -39.85 10.75
CA ALA C 90 39.87 -39.71 9.95
C ALA C 90 39.49 -39.79 8.48
N GLU C 91 38.42 -40.53 8.19
CA GLU C 91 37.92 -40.71 6.83
C GLU C 91 37.22 -39.47 6.28
N LEU C 92 36.92 -38.52 7.16
CA LEU C 92 36.25 -37.29 6.75
C LEU C 92 37.13 -36.42 5.88
N ASN C 93 38.07 -35.73 6.52
CA ASN C 93 38.98 -34.85 5.82
C ASN C 93 40.37 -35.46 5.81
N GLN C 94 40.89 -35.73 4.63
CA GLN C 94 42.22 -36.31 4.50
C GLN C 94 43.26 -35.32 5.03
N TYR C 95 43.14 -34.06 4.62
CA TYR C 95 44.06 -33.01 5.03
C TYR C 95 44.14 -32.85 6.54
N VAL C 96 43.34 -33.62 7.28
CA VAL C 96 43.34 -33.54 8.74
C VAL C 96 43.45 -34.92 9.38
N PRO C 97 44.55 -35.16 10.12
CA PRO C 97 44.77 -36.44 10.79
C PRO C 97 44.02 -36.49 12.11
N VAL C 98 43.57 -37.68 12.49
CA VAL C 98 42.83 -37.84 13.74
C VAL C 98 43.43 -38.96 14.58
N SER C 99 43.95 -38.58 15.74
CA SER C 99 44.58 -39.51 16.66
C SER C 99 43.81 -39.62 17.98
N VAL C 100 44.23 -40.55 18.83
CA VAL C 100 43.58 -40.75 20.11
C VAL C 100 44.61 -40.69 21.24
N VAL C 101 44.13 -40.50 22.47
CA VAL C 101 44.98 -40.43 23.64
C VAL C 101 44.25 -41.10 24.80
N ASP C 102 44.97 -41.91 25.58
CA ASP C 102 44.38 -42.62 26.72
C ASP C 102 44.65 -41.94 28.06
N GLU C 103 45.69 -41.11 28.10
CA GLU C 103 46.06 -40.40 29.33
C GLU C 103 45.68 -38.92 29.29
N LEU C 104 45.33 -38.37 30.45
CA LEU C 104 44.95 -36.97 30.58
C LEU C 104 45.98 -36.18 31.37
N SER C 105 47.04 -35.75 30.68
CA SER C 105 48.11 -34.98 31.32
C SER C 105 47.89 -33.48 31.27
N THR C 106 48.04 -32.84 32.43
CA THR C 106 47.86 -31.39 32.52
C THR C 106 48.81 -30.67 31.57
N GLU C 107 50.08 -31.08 31.57
CA GLU C 107 51.07 -30.47 30.71
C GLU C 107 50.76 -30.76 29.23
N TYR C 108 50.27 -31.95 28.96
CA TYR C 108 49.94 -32.39 27.60
C TYR C 108 49.07 -31.40 26.83
N LEU C 109 48.27 -30.61 27.55
CA LEU C 109 47.38 -29.65 26.93
C LEU C 109 48.05 -28.57 26.08
N LYS C 110 49.22 -28.11 26.48
CA LYS C 110 49.92 -27.06 25.75
C LYS C 110 50.26 -27.41 24.30
N ASN C 111 49.78 -28.57 23.84
CA ASN C 111 50.01 -29.01 22.47
C ASN C 111 48.89 -28.56 21.55
N PHE C 112 47.72 -28.30 22.14
CA PHE C 112 46.55 -27.87 21.38
C PHE C 112 46.28 -26.38 21.52
N LYS C 113 45.74 -25.78 20.46
CA LYS C 113 45.41 -24.36 20.45
C LYS C 113 44.05 -24.14 21.09
N CYS C 114 43.21 -25.17 21.01
CA CYS C 114 41.86 -25.11 21.58
C CYS C 114 41.50 -26.47 22.18
N VAL C 115 40.79 -26.44 23.30
CA VAL C 115 40.39 -27.66 23.97
C VAL C 115 38.88 -27.70 24.18
N VAL C 116 38.24 -28.73 23.64
CA VAL C 116 36.80 -28.89 23.77
C VAL C 116 36.52 -29.90 24.87
N VAL C 117 35.62 -29.55 25.79
CA VAL C 117 35.30 -30.42 26.91
C VAL C 117 33.81 -30.79 26.96
N THR C 118 33.52 -32.07 26.75
CA THR C 118 32.15 -32.56 26.79
C THR C 118 32.05 -33.72 27.76
N GLU C 119 30.88 -33.89 28.38
CA GLU C 119 30.67 -34.97 29.33
C GLU C 119 31.77 -35.00 30.40
N THR C 120 31.86 -33.93 31.19
CA THR C 120 32.87 -33.84 32.24
C THR C 120 32.32 -33.11 33.46
N SER C 121 32.66 -33.60 34.65
CA SER C 121 32.21 -32.98 35.88
C SER C 121 32.82 -31.60 36.05
N LEU C 122 32.09 -30.70 36.70
CA LEU C 122 32.55 -29.34 36.93
C LEU C 122 33.91 -29.37 37.60
N THR C 123 34.03 -30.18 38.65
CA THR C 123 35.28 -30.30 39.40
C THR C 123 36.45 -30.58 38.48
N LYS C 124 36.25 -31.48 37.52
CA LYS C 124 37.31 -31.82 36.58
C LYS C 124 37.49 -30.66 35.60
N GLN C 125 36.40 -29.96 35.30
CA GLN C 125 36.45 -28.84 34.38
C GLN C 125 37.37 -27.75 34.89
N LEU C 126 37.16 -27.33 36.13
CA LEU C 126 37.99 -26.29 36.74
C LEU C 126 39.46 -26.66 36.60
N GLU C 127 39.81 -27.84 37.09
CA GLU C 127 41.18 -28.33 37.03
C GLU C 127 41.77 -28.06 35.65
N ILE C 128 40.97 -28.30 34.61
CA ILE C 128 41.39 -28.11 33.23
C ILE C 128 41.49 -26.66 32.78
N ASN C 129 40.48 -25.85 33.09
CA ASN C 129 40.50 -24.45 32.71
C ASN C 129 41.61 -23.69 33.43
N ASP C 130 41.75 -23.93 34.73
CA ASP C 130 42.78 -23.26 35.52
C ASP C 130 44.10 -23.27 34.77
N PHE C 131 44.49 -24.45 34.29
CA PHE C 131 45.74 -24.60 33.54
C PHE C 131 45.65 -23.89 32.19
N THR C 132 44.66 -24.28 31.39
CA THR C 132 44.45 -23.73 30.06
C THR C 132 44.40 -22.20 30.05
N HIS C 133 43.67 -21.64 31.01
CA HIS C 133 43.54 -20.18 31.10
C HIS C 133 44.88 -19.51 31.36
N LYS C 134 45.61 -20.01 32.35
CA LYS C 134 46.91 -19.45 32.70
C LYS C 134 47.92 -19.47 31.56
N ASN C 135 47.94 -20.57 30.81
CA ASN C 135 48.86 -20.72 29.68
C ASN C 135 48.33 -20.12 28.38
N HIS C 136 47.21 -19.41 28.47
CA HIS C 136 46.60 -18.81 27.29
C HIS C 136 46.25 -19.89 26.28
N ILE C 137 45.27 -20.72 26.63
CA ILE C 137 44.83 -21.82 25.77
C ILE C 137 43.31 -21.79 25.64
N ALA C 138 42.82 -21.73 24.40
CA ALA C 138 41.39 -21.69 24.15
C ALA C 138 40.66 -22.84 24.84
N TYR C 139 39.69 -22.48 25.68
CA TYR C 139 38.91 -23.46 26.42
C TYR C 139 37.42 -23.35 26.07
N ILE C 140 36.82 -24.47 25.72
CA ILE C 140 35.39 -24.50 25.38
C ILE C 140 34.74 -25.71 26.05
N ALA C 141 33.59 -25.48 26.67
CA ALA C 141 32.87 -26.56 27.34
C ALA C 141 31.40 -26.51 26.94
N ALA C 142 30.85 -27.65 26.60
CA ALA C 142 29.46 -27.74 26.19
C ALA C 142 28.83 -29.04 26.65
N ASP C 143 27.50 -29.07 26.75
CA ASP C 143 26.81 -30.29 27.17
C ASP C 143 25.37 -30.36 26.69
N SER C 144 24.99 -31.54 26.21
CA SER C 144 23.64 -31.79 25.73
C SER C 144 22.88 -32.62 26.75
N ARG C 145 21.93 -31.99 27.43
CA ARG C 145 21.13 -32.67 28.42
C ARG C 145 19.66 -32.59 28.06
N GLY C 146 19.21 -33.56 27.26
CA GLY C 146 17.82 -33.58 26.84
C GLY C 146 17.52 -32.36 26.00
N LEU C 147 16.43 -31.67 26.31
CA LEU C 147 16.05 -30.47 25.57
C LEU C 147 16.80 -29.24 26.07
N PHE C 148 17.82 -29.47 26.90
CA PHE C 148 18.62 -28.39 27.45
C PHE C 148 20.06 -28.51 26.97
N GLY C 149 20.73 -27.36 26.88
CA GLY C 149 22.11 -27.33 26.43
C GLY C 149 22.88 -26.16 27.04
N SER C 150 24.20 -26.22 26.93
CA SER C 150 25.03 -25.15 27.47
C SER C 150 26.42 -25.14 26.86
N ILE C 151 26.92 -23.94 26.58
CA ILE C 151 28.25 -23.78 26.01
C ILE C 151 28.96 -22.67 26.78
N PHE C 152 30.24 -22.89 27.07
CA PHE C 152 31.05 -21.91 27.78
C PHE C 152 32.33 -21.67 26.99
N CYS C 153 32.79 -20.44 26.98
CA CYS C 153 34.03 -20.10 26.27
C CYS C 153 35.00 -19.30 27.11
N ASP C 154 36.27 -19.58 26.93
CA ASP C 154 37.35 -18.91 27.65
C ASP C 154 38.56 -18.92 26.71
N PHE C 155 38.80 -17.80 26.05
CA PHE C 155 39.93 -17.71 25.13
C PHE C 155 41.08 -16.88 25.69
N GLY C 156 41.20 -16.85 27.01
CA GLY C 156 42.27 -16.09 27.61
C GLY C 156 41.83 -14.68 27.97
N GLU C 157 42.52 -14.07 28.92
CA GLU C 157 42.18 -12.73 29.38
C GLU C 157 42.70 -11.63 28.44
N ASN C 158 43.24 -12.04 27.30
CA ASN C 158 43.77 -11.06 26.35
C ASN C 158 43.55 -11.46 24.89
N PHE C 159 42.49 -12.23 24.65
CA PHE C 159 42.18 -12.68 23.29
C PHE C 159 41.88 -11.49 22.40
N ILE C 160 42.36 -11.54 21.16
CA ILE C 160 42.14 -10.45 20.22
C ILE C 160 41.32 -10.89 19.01
N CYS C 161 40.34 -10.08 18.65
CA CYS C 161 39.48 -10.37 17.50
C CYS C 161 39.78 -9.34 16.41
N THR C 162 40.02 -9.82 15.19
CA THR C 162 40.33 -8.95 14.07
C THR C 162 39.16 -8.69 13.14
N ASP C 163 38.04 -9.36 13.39
CA ASP C 163 36.83 -9.20 12.59
C ASP C 163 35.67 -9.56 13.51
N THR C 164 34.93 -8.54 13.95
CA THR C 164 33.83 -8.75 14.88
C THR C 164 32.48 -9.16 14.30
N ASP C 165 32.24 -8.88 13.02
CA ASP C 165 30.96 -9.23 12.41
C ASP C 165 31.02 -10.15 11.21
N GLY C 166 32.18 -10.18 10.55
CA GLY C 166 32.33 -11.05 9.40
C GLY C 166 31.99 -10.41 8.06
N ASN C 167 31.06 -9.46 8.06
CA ASN C 167 30.69 -8.79 6.82
C ASN C 167 31.82 -7.89 6.34
N GLU C 168 32.28 -8.15 5.11
CA GLU C 168 33.36 -7.38 4.51
C GLU C 168 33.21 -5.88 4.74
N PRO C 169 34.34 -5.15 4.73
CA PRO C 169 34.33 -3.70 4.94
C PRO C 169 33.44 -2.97 3.94
N LEU C 170 32.80 -1.91 4.42
CA LEU C 170 31.91 -1.12 3.58
C LEU C 170 32.71 -0.20 2.67
N THR C 171 32.04 0.35 1.66
CA THR C 171 32.68 1.25 0.71
C THR C 171 31.60 2.12 0.08
N GLY C 172 31.99 3.30 -0.41
CA GLY C 172 31.02 4.18 -1.03
C GLY C 172 31.59 5.45 -1.64
N MET C 173 30.91 5.96 -2.66
CA MET C 173 31.32 7.18 -3.35
C MET C 173 30.82 8.42 -2.62
N ILE C 174 31.68 9.43 -2.56
CA ILE C 174 31.36 10.67 -1.89
C ILE C 174 30.96 11.78 -2.88
N ALA C 175 30.24 12.77 -2.37
CA ALA C 175 29.80 13.90 -3.18
C ALA C 175 30.55 15.14 -2.71
N SER C 176 30.79 15.23 -1.42
CA SER C 176 31.52 16.36 -0.84
C SER C 176 31.91 16.08 0.60
N ILE C 177 32.63 17.03 1.20
CA ILE C 177 33.07 16.92 2.57
C ILE C 177 33.55 18.28 3.05
N THR C 178 32.87 18.81 4.07
CA THR C 178 33.22 20.11 4.61
C THR C 178 34.51 20.03 5.42
N ASP C 179 35.08 21.20 5.71
CA ASP C 179 36.31 21.30 6.49
C ASP C 179 36.02 21.00 7.95
N ASP C 180 34.73 20.81 8.27
CA ASP C 180 34.31 20.51 9.63
C ASP C 180 34.31 19.01 9.86
N GLY C 181 34.42 18.27 8.76
CA GLY C 181 34.44 16.82 8.82
C GLY C 181 33.10 16.22 8.41
N VAL C 182 32.25 17.06 7.82
CA VAL C 182 30.93 16.63 7.38
C VAL C 182 30.93 16.01 5.98
N VAL C 183 31.20 14.70 5.92
CA VAL C 183 31.23 13.99 4.64
C VAL C 183 29.80 13.75 4.18
N THR C 184 29.55 14.08 2.93
CA THR C 184 28.22 13.89 2.36
C THR C 184 28.27 12.83 1.28
N MET C 185 27.48 11.77 1.44
CA MET C 185 27.46 10.69 0.47
C MET C 185 27.09 11.16 -0.91
N LEU C 186 27.20 10.26 -1.88
CA LEU C 186 26.88 10.61 -3.25
C LEU C 186 25.39 10.87 -3.35
N GLU C 187 24.85 10.68 -4.54
CA GLU C 187 23.44 10.91 -4.81
C GLU C 187 22.54 9.84 -4.18
N GLU C 188 21.90 10.21 -3.08
CA GLU C 188 20.98 9.31 -2.36
C GLU C 188 21.60 7.96 -2.02
N THR C 189 22.92 7.93 -1.89
CA THR C 189 23.63 6.71 -1.57
C THR C 189 23.77 6.58 -0.05
N ARG C 190 23.47 5.40 0.47
CA ARG C 190 23.59 5.14 1.90
C ARG C 190 24.97 4.58 2.19
N HIS C 191 25.59 5.03 3.27
CA HIS C 191 26.93 4.56 3.63
C HIS C 191 26.85 3.34 4.56
N GLY C 192 25.81 3.27 5.37
CA GLY C 192 25.63 2.15 6.26
C GLY C 192 26.67 2.01 7.35
N LEU C 193 27.21 3.13 7.79
CA LEU C 193 28.23 3.14 8.83
C LEU C 193 27.59 3.27 10.20
N GLU C 194 28.27 2.79 11.23
CA GLU C 194 27.78 2.87 12.60
C GLU C 194 28.75 3.78 13.34
N ASN C 195 28.26 4.50 14.35
CA ASN C 195 29.16 5.36 15.10
C ASN C 195 30.26 4.48 15.65
N GLY C 196 31.48 5.00 15.70
CA GLY C 196 32.59 4.21 16.22
C GLY C 196 33.30 3.42 15.15
N ASP C 197 32.95 3.66 13.89
CA ASP C 197 33.61 2.98 12.78
C ASP C 197 34.71 3.84 12.22
N PHE C 198 35.71 3.20 11.61
CA PHE C 198 36.84 3.92 11.03
C PHE C 198 36.85 3.77 9.52
N VAL C 199 37.27 4.83 8.83
CA VAL C 199 37.34 4.81 7.37
C VAL C 199 38.51 5.60 6.81
N LYS C 200 38.99 5.15 5.65
CA LYS C 200 40.09 5.82 4.96
C LYS C 200 39.47 6.38 3.68
N PHE C 201 40.21 7.25 2.99
CA PHE C 201 39.69 7.85 1.76
C PHE C 201 40.62 7.66 0.58
N THR C 202 40.10 7.93 -0.63
CA THR C 202 40.87 7.79 -1.85
C THR C 202 40.19 8.58 -2.96
N GLU C 203 41.00 9.22 -3.81
CA GLU C 203 40.50 10.01 -4.92
C GLU C 203 39.65 11.20 -4.47
N VAL C 204 40.13 11.94 -3.47
CA VAL C 204 39.41 13.10 -2.96
C VAL C 204 40.14 14.41 -3.28
N LYS C 205 39.61 15.16 -4.24
CA LYS C 205 40.25 16.43 -4.60
C LYS C 205 39.92 17.48 -3.54
N GLY C 206 40.70 18.54 -3.50
CA GLY C 206 40.46 19.59 -2.53
C GLY C 206 41.10 19.31 -1.18
N MET C 207 41.37 18.03 -0.93
CA MET C 207 41.99 17.61 0.32
C MET C 207 42.82 16.36 0.05
N PRO C 208 43.99 16.53 -0.58
CA PRO C 208 44.90 15.43 -0.93
C PRO C 208 45.43 14.64 0.27
N GLY C 209 45.84 15.35 1.31
CA GLY C 209 46.37 14.71 2.50
C GLY C 209 45.40 13.75 3.17
N LEU C 210 44.13 13.79 2.75
CA LEU C 210 43.11 12.93 3.30
C LEU C 210 43.19 11.54 2.67
N ASN C 211 43.59 11.50 1.40
CA ASN C 211 43.71 10.26 0.65
C ASN C 211 44.96 9.47 1.00
N ASP C 212 45.47 9.66 2.22
CA ASP C 212 46.67 8.95 2.64
C ASP C 212 46.37 7.52 3.09
N GLY C 213 45.35 7.37 3.94
CA GLY C 213 45.00 6.04 4.40
C GLY C 213 44.68 5.96 5.89
N THR C 214 45.23 6.89 6.67
CA THR C 214 45.00 6.92 8.11
C THR C 214 43.50 6.92 8.43
N PRO C 215 43.03 5.89 9.15
CA PRO C 215 41.63 5.75 9.54
C PRO C 215 41.11 6.92 10.40
N ARG C 216 39.81 7.14 10.38
CA ARG C 216 39.18 8.20 11.15
C ARG C 216 37.86 7.75 11.76
N LYS C 217 37.67 8.05 13.04
CA LYS C 217 36.45 7.68 13.77
C LYS C 217 35.26 8.41 13.16
N VAL C 218 34.17 7.67 12.92
CA VAL C 218 32.96 8.21 12.31
C VAL C 218 31.81 8.53 13.28
N GLU C 219 31.14 9.65 13.03
CA GLU C 219 30.01 10.08 13.84
C GLU C 219 28.82 10.27 12.90
N VAL C 220 27.99 9.24 12.79
CA VAL C 220 26.82 9.27 11.91
C VAL C 220 25.83 10.41 12.18
N LYS C 221 25.69 11.30 11.21
CA LYS C 221 24.79 12.45 11.32
C LYS C 221 23.46 12.15 10.64
N GLY C 222 23.43 11.06 9.89
CA GLY C 222 22.22 10.67 9.19
C GLY C 222 22.48 9.45 8.30
N PRO C 223 21.48 8.99 7.54
CA PRO C 223 21.67 7.82 6.66
C PRO C 223 22.46 8.16 5.40
N TYR C 224 22.69 9.44 5.17
CA TYR C 224 23.44 9.89 4.00
C TYR C 224 24.68 10.71 4.35
N THR C 225 24.85 11.00 5.64
CA THR C 225 26.00 11.79 6.04
C THR C 225 26.59 11.41 7.38
N PHE C 226 27.90 11.51 7.47
CA PHE C 226 28.62 11.20 8.70
C PHE C 226 29.79 12.16 8.88
N SER C 227 30.24 12.32 10.12
CA SER C 227 31.36 13.21 10.45
C SER C 227 32.64 12.45 10.76
N ILE C 228 33.78 13.10 10.52
CA ILE C 228 35.07 12.50 10.79
C ILE C 228 35.89 13.47 11.62
N GLY C 229 35.25 14.57 12.00
CA GLY C 229 35.93 15.58 12.78
C GLY C 229 36.53 16.65 11.89
N SER C 230 36.83 17.81 12.47
CA SER C 230 37.42 18.91 11.71
C SER C 230 38.66 18.46 10.95
N VAL C 231 38.77 18.91 9.70
CA VAL C 231 39.90 18.57 8.84
C VAL C 231 40.25 19.77 7.96
N LYS C 232 39.98 20.97 8.48
CA LYS C 232 40.25 22.21 7.75
C LYS C 232 41.74 22.46 7.54
N ASP C 233 42.57 21.71 8.27
CA ASP C 233 44.02 21.83 8.18
C ASP C 233 44.55 21.00 7.00
N LEU C 234 43.64 20.43 6.23
CA LEU C 234 44.02 19.62 5.08
C LEU C 234 43.37 20.18 3.82
N GLY C 235 42.50 21.17 4.01
CA GLY C 235 41.81 21.79 2.90
C GLY C 235 40.62 22.59 3.39
N SER C 236 39.90 23.20 2.45
CA SER C 236 38.72 24.00 2.78
C SER C 236 37.43 23.25 2.46
N ALA C 237 37.50 22.34 1.49
CA ALA C 237 36.36 21.56 1.07
C ALA C 237 36.74 20.53 0.01
N GLY C 238 36.57 19.25 0.35
CA GLY C 238 36.90 18.18 -0.59
C GLY C 238 35.73 17.85 -1.50
N TYR C 239 36.02 17.26 -2.64
CA TYR C 239 34.96 16.89 -3.59
C TYR C 239 35.03 15.45 -4.06
N ASN C 240 33.87 14.94 -4.49
CA ASN C 240 33.72 13.57 -4.97
C ASN C 240 34.91 12.64 -4.78
N GLY C 241 34.80 11.74 -3.82
CA GLY C 241 35.85 10.78 -3.55
C GLY C 241 35.29 9.39 -3.33
N VAL C 242 35.98 8.60 -2.50
CA VAL C 242 35.55 7.25 -2.17
C VAL C 242 36.12 6.87 -0.82
N PHE C 243 35.26 6.40 0.07
CA PHE C 243 35.71 6.01 1.40
C PHE C 243 35.73 4.49 1.50
N THR C 244 36.41 3.99 2.53
CA THR C 244 36.51 2.56 2.77
C THR C 244 36.62 2.31 4.28
N GLN C 245 35.78 1.42 4.79
CA GLN C 245 35.79 1.09 6.21
C GLN C 245 36.99 0.24 6.58
N VAL C 246 37.61 0.56 7.71
CA VAL C 246 38.76 -0.18 8.19
C VAL C 246 38.32 -0.92 9.46
N LYS C 247 38.24 -2.24 9.37
CA LYS C 247 37.82 -3.06 10.51
C LYS C 247 38.91 -3.05 11.58
N VAL C 248 38.71 -2.29 12.65
CA VAL C 248 39.71 -2.23 13.73
C VAL C 248 39.49 -3.34 14.74
N PRO C 249 40.54 -4.15 14.97
CA PRO C 249 40.49 -5.25 15.92
C PRO C 249 40.18 -4.78 17.34
N THR C 250 39.95 -5.73 18.25
CA THR C 250 39.65 -5.41 19.63
C THR C 250 39.93 -6.60 20.52
N LYS C 251 40.34 -6.34 21.75
CA LYS C 251 40.64 -7.41 22.69
C LYS C 251 39.43 -7.72 23.57
N ILE C 252 39.17 -9.01 23.73
CA ILE C 252 38.05 -9.49 24.53
C ILE C 252 38.64 -10.23 25.73
N SER C 253 38.35 -9.75 26.93
CA SER C 253 38.87 -10.38 28.14
C SER C 253 37.93 -11.44 28.68
N PHE C 254 38.40 -12.68 28.71
CA PHE C 254 37.59 -13.79 29.22
C PHE C 254 37.90 -14.08 30.68
N LYS C 255 36.86 -14.40 31.43
CA LYS C 255 37.02 -14.74 32.84
C LYS C 255 37.21 -16.25 32.96
N SER C 256 37.96 -16.69 33.96
CA SER C 256 38.18 -18.12 34.15
C SER C 256 36.88 -18.78 34.55
N LEU C 257 36.74 -20.07 34.23
CA LEU C 257 35.53 -20.81 34.58
C LEU C 257 35.26 -20.69 36.07
N ARG C 258 36.32 -20.51 36.85
CA ARG C 258 36.19 -20.39 38.30
C ARG C 258 35.63 -19.04 38.73
N GLU C 259 36.21 -17.95 38.24
CA GLU C 259 35.74 -16.61 38.62
C GLU C 259 34.50 -16.17 37.86
N SER C 260 34.31 -16.73 36.67
CA SER C 260 33.15 -16.38 35.86
C SER C 260 31.95 -17.15 36.39
N LEU C 261 32.23 -18.29 37.02
CA LEU C 261 31.18 -19.13 37.60
C LEU C 261 30.46 -18.30 38.66
N LYS C 262 31.16 -17.29 39.17
CA LYS C 262 30.62 -16.40 40.19
C LYS C 262 29.71 -15.38 39.50
N ASP C 263 30.34 -14.54 38.67
CA ASP C 263 29.63 -13.51 37.91
C ASP C 263 29.64 -13.95 36.44
N PRO C 264 28.66 -14.77 36.06
CA PRO C 264 28.55 -15.28 34.69
C PRO C 264 28.00 -14.25 33.71
N GLU C 265 28.55 -14.23 32.50
CA GLU C 265 28.08 -13.31 31.47
C GLU C 265 27.26 -14.13 30.48
N TYR C 266 25.95 -13.97 30.52
CA TYR C 266 25.05 -14.72 29.65
C TYR C 266 24.88 -14.16 28.24
N VAL C 267 24.65 -15.06 27.29
CA VAL C 267 24.41 -14.71 25.90
C VAL C 267 23.02 -15.27 25.62
N TYR C 268 22.01 -14.43 25.80
CA TYR C 268 20.62 -14.82 25.60
C TYR C 268 20.29 -15.22 24.16
N PRO C 269 19.94 -16.50 23.95
CA PRO C 269 19.58 -17.05 22.62
C PRO C 269 18.12 -16.80 22.29
N ASP C 270 17.37 -16.33 23.29
CA ASP C 270 15.95 -16.04 23.10
C ASP C 270 15.50 -15.00 24.14
N PHE C 271 15.33 -13.77 23.69
CA PHE C 271 14.92 -12.69 24.57
C PHE C 271 13.52 -12.91 25.12
N GLY C 272 12.91 -14.01 24.71
CA GLY C 272 11.58 -14.34 25.19
C GLY C 272 11.64 -15.12 26.49
N LYS C 273 12.75 -15.82 26.70
CA LYS C 273 12.97 -16.63 27.90
C LYS C 273 14.09 -15.99 28.70
N MET C 274 14.13 -14.68 28.64
CA MET C 274 15.14 -13.87 29.31
C MET C 274 15.52 -14.33 30.72
N MET C 275 14.53 -14.78 31.49
CA MET C 275 14.78 -15.20 32.86
C MET C 275 15.11 -16.67 33.07
N ARG C 276 15.61 -17.34 32.05
CA ARG C 276 15.94 -18.75 32.20
C ARG C 276 17.43 -19.09 32.31
N PRO C 277 18.29 -18.37 31.57
CA PRO C 277 19.73 -18.67 31.66
C PRO C 277 20.27 -18.77 33.10
N PRO C 278 19.92 -17.81 33.97
CA PRO C 278 20.43 -17.89 35.34
C PRO C 278 20.06 -19.23 35.98
N GLN C 279 18.78 -19.58 35.91
CA GLN C 279 18.29 -20.83 36.47
C GLN C 279 19.10 -22.00 35.95
N TYR C 280 19.35 -22.02 34.64
CA TYR C 280 20.13 -23.10 34.04
C TYR C 280 21.57 -23.12 34.52
N HIS C 281 22.11 -21.95 34.83
CA HIS C 281 23.48 -21.85 35.31
C HIS C 281 23.62 -22.67 36.57
N ILE C 282 22.59 -22.60 37.42
CA ILE C 282 22.57 -23.33 38.68
C ILE C 282 22.33 -24.82 38.39
N ALA C 283 21.21 -25.11 37.75
CA ALA C 283 20.83 -26.48 37.43
C ALA C 283 21.97 -27.32 36.84
N PHE C 284 22.69 -26.77 35.88
CA PHE C 284 23.79 -27.48 35.24
C PHE C 284 24.92 -27.83 36.21
N GLN C 285 25.16 -26.96 37.18
CA GLN C 285 26.19 -27.21 38.18
C GLN C 285 25.64 -28.27 39.14
N ALA C 286 24.36 -28.15 39.45
CA ALA C 286 23.69 -29.09 40.35
C ALA C 286 23.78 -30.47 39.72
N LEU C 287 23.70 -30.50 38.40
CA LEU C 287 23.77 -31.75 37.66
C LEU C 287 25.16 -32.36 37.88
N SER C 288 26.15 -31.49 38.06
CA SER C 288 27.52 -31.93 38.30
C SER C 288 27.67 -32.54 39.70
N ALA C 289 27.20 -31.80 40.71
CA ALA C 289 27.27 -32.26 42.09
C ALA C 289 26.58 -33.62 42.26
N PHE C 290 25.34 -33.70 41.80
CA PHE C 290 24.56 -34.94 41.88
C PHE C 290 25.36 -36.09 41.27
N ALA C 291 26.06 -35.81 40.18
CA ALA C 291 26.86 -36.82 39.50
C ALA C 291 27.85 -37.50 40.44
N ASP C 292 28.68 -36.70 41.10
CA ASP C 292 29.69 -37.20 42.03
C ASP C 292 29.06 -38.02 43.15
N ALA C 293 27.96 -37.52 43.69
CA ALA C 293 27.26 -38.20 44.78
C ALA C 293 26.81 -39.61 44.38
N HIS C 294 26.36 -39.76 43.14
CA HIS C 294 25.90 -41.04 42.65
C HIS C 294 26.86 -41.72 41.69
N GLU C 295 28.16 -41.55 41.94
CA GLU C 295 29.19 -42.16 41.11
C GLU C 295 29.08 -41.81 39.63
N GLY C 296 29.15 -40.51 39.33
CA GLY C 296 29.08 -40.06 37.96
C GLY C 296 27.84 -40.38 37.15
N SER C 297 26.77 -40.83 37.81
CA SER C 297 25.54 -41.15 37.09
C SER C 297 24.57 -39.99 37.22
N LEU C 298 23.77 -39.76 36.18
CA LEU C 298 22.80 -38.66 36.19
C LEU C 298 21.40 -39.13 36.54
N PRO C 299 20.56 -38.21 37.06
CA PRO C 299 19.18 -38.50 37.46
C PRO C 299 18.48 -39.40 36.46
N ARG C 300 17.69 -40.33 36.97
CA ARG C 300 16.98 -41.27 36.11
C ARG C 300 15.84 -40.59 35.37
N PRO C 301 15.62 -40.97 34.10
CA PRO C 301 14.57 -40.44 33.24
C PRO C 301 13.21 -40.24 33.92
N ARG C 302 12.81 -38.98 34.04
CA ARG C 302 11.53 -38.61 34.63
C ARG C 302 11.35 -39.12 36.06
N ASN C 303 12.47 -39.33 36.76
CA ASN C 303 12.42 -39.82 38.14
C ASN C 303 12.09 -38.67 39.10
N ASP C 304 11.18 -38.91 40.04
CA ASP C 304 10.78 -37.88 41.00
C ASP C 304 11.68 -37.78 42.22
N ILE C 305 12.21 -38.92 42.65
CA ILE C 305 13.09 -38.96 43.82
C ILE C 305 14.39 -38.21 43.49
N ASP C 306 15.00 -38.56 42.37
CA ASP C 306 16.24 -37.93 41.94
C ASP C 306 16.01 -36.43 41.77
N ALA C 307 14.85 -36.08 41.23
CA ALA C 307 14.49 -34.69 41.01
C ALA C 307 14.53 -33.94 42.34
N ALA C 308 13.82 -34.48 43.32
CA ALA C 308 13.75 -33.88 44.65
C ALA C 308 15.16 -33.60 45.18
N GLU C 309 16.03 -34.61 45.09
CA GLU C 309 17.41 -34.48 45.55
C GLU C 309 18.16 -33.45 44.72
N PHE C 310 18.01 -33.56 43.40
CA PHE C 310 18.65 -32.64 42.48
C PHE C 310 18.31 -31.22 42.92
N PHE C 311 17.02 -30.98 43.11
CA PHE C 311 16.52 -29.67 43.52
C PHE C 311 17.22 -29.14 44.78
N GLU C 312 17.57 -30.04 45.68
CA GLU C 312 18.25 -29.64 46.90
C GLU C 312 19.63 -29.13 46.56
N PHE C 313 20.34 -29.87 45.71
CA PHE C 313 21.68 -29.46 45.29
C PHE C 313 21.66 -28.05 44.72
N CYS C 314 20.53 -27.67 44.12
CA CYS C 314 20.39 -26.34 43.55
C CYS C 314 20.44 -25.31 44.67
N LYS C 315 19.60 -25.51 45.68
CA LYS C 315 19.56 -24.61 46.83
C LYS C 315 20.94 -24.56 47.47
N LYS C 316 21.64 -25.69 47.41
CA LYS C 316 22.99 -25.81 47.96
C LYS C 316 23.91 -24.79 47.31
N ILE C 317 24.12 -24.94 46.00
CA ILE C 317 24.99 -24.04 45.25
C ILE C 317 24.36 -22.66 45.04
N ALA C 318 23.06 -22.58 45.25
CA ALA C 318 22.36 -21.31 45.07
C ALA C 318 22.87 -20.30 46.09
N SER C 319 23.06 -20.76 47.32
CA SER C 319 23.53 -19.90 48.41
C SER C 319 25.05 -19.73 48.41
N THR C 320 25.77 -20.84 48.23
CA THR C 320 27.23 -20.82 48.21
C THR C 320 27.77 -19.88 47.12
N LEU C 321 27.00 -19.76 46.04
CA LEU C 321 27.39 -18.90 44.93
C LEU C 321 26.77 -17.53 45.21
N GLN C 322 25.93 -17.47 46.24
CA GLN C 322 25.26 -16.24 46.64
C GLN C 322 24.45 -15.65 45.50
N PHE C 323 23.88 -16.53 44.69
CA PHE C 323 23.07 -16.11 43.54
C PHE C 323 21.67 -15.71 44.02
N ASP C 324 21.46 -14.40 44.20
CA ASP C 324 20.18 -13.89 44.64
C ASP C 324 19.13 -14.08 43.54
N VAL C 325 18.49 -15.24 43.52
CA VAL C 325 17.47 -15.55 42.52
C VAL C 325 16.36 -16.43 43.08
N GLU C 326 15.20 -16.39 42.45
CA GLU C 326 14.06 -17.19 42.86
C GLU C 326 14.08 -18.48 42.06
N LEU C 327 14.66 -19.54 42.60
CA LEU C 327 14.73 -20.81 41.89
C LEU C 327 13.36 -21.25 41.39
N ASP C 328 13.30 -21.69 40.13
CA ASP C 328 12.05 -22.14 39.54
C ASP C 328 12.01 -23.66 39.59
N GLU C 329 11.46 -24.19 40.69
CA GLU C 329 11.38 -25.63 40.89
C GLU C 329 10.92 -26.42 39.66
N LYS C 330 9.74 -26.12 39.15
CA LYS C 330 9.20 -26.81 37.98
C LYS C 330 10.17 -26.82 36.80
N LEU C 331 10.76 -25.67 36.52
CA LEU C 331 11.70 -25.56 35.40
C LEU C 331 12.95 -26.37 35.67
N ILE C 332 13.62 -26.09 36.78
CA ILE C 332 14.85 -26.78 37.14
C ILE C 332 14.66 -28.31 37.21
N LYS C 333 13.59 -28.75 37.86
CA LYS C 333 13.31 -30.18 37.97
C LYS C 333 13.20 -30.83 36.59
N GLU C 334 12.82 -30.03 35.60
CA GLU C 334 12.67 -30.54 34.24
C GLU C 334 14.03 -30.98 33.68
N ILE C 335 15.09 -30.29 34.10
CA ILE C 335 16.44 -30.62 33.66
C ILE C 335 16.86 -31.93 34.29
N SER C 336 16.34 -32.19 35.48
CA SER C 336 16.67 -33.42 36.19
C SER C 336 16.01 -34.60 35.48
N TYR C 337 14.74 -34.46 35.15
CA TYR C 337 14.02 -35.52 34.46
C TYR C 337 14.73 -35.83 33.15
N GLN C 338 15.00 -34.78 32.37
CA GLN C 338 15.66 -34.91 31.08
C GLN C 338 17.18 -35.00 31.16
N ALA C 339 17.72 -35.06 32.38
CA ALA C 339 19.17 -35.15 32.57
C ALA C 339 19.86 -36.16 31.67
N ARG C 340 19.32 -37.37 31.59
CA ARG C 340 19.90 -38.43 30.76
C ARG C 340 19.54 -38.29 29.29
N GLY C 341 18.77 -37.26 28.96
CA GLY C 341 18.37 -37.05 27.58
C GLY C 341 19.55 -36.78 26.67
N ASP C 342 19.57 -37.48 25.54
CA ASP C 342 20.64 -37.32 24.57
C ASP C 342 20.01 -37.30 23.18
N LEU C 343 19.56 -36.12 22.78
CA LEU C 343 18.91 -35.94 21.49
C LEU C 343 19.94 -35.61 20.42
N VAL C 344 19.71 -36.10 19.21
CA VAL C 344 20.63 -35.85 18.10
C VAL C 344 20.53 -34.42 17.58
N ALA C 345 19.32 -33.87 17.65
CA ALA C 345 19.09 -32.51 17.19
C ALA C 345 19.86 -31.58 18.10
N MET C 346 19.76 -31.79 19.41
CA MET C 346 20.48 -30.96 20.36
C MET C 346 21.98 -31.04 20.13
N SER C 347 22.44 -32.21 19.69
CA SER C 347 23.84 -32.43 19.42
C SER C 347 24.22 -31.69 18.14
N ALA C 348 23.32 -31.72 17.17
CA ALA C 348 23.57 -31.04 15.92
C ALA C 348 23.66 -29.55 16.17
N PHE C 349 22.69 -29.04 16.91
CA PHE C 349 22.63 -27.63 17.23
C PHE C 349 23.88 -27.17 17.98
N LEU C 350 24.04 -27.64 19.20
CA LEU C 350 25.20 -27.29 20.00
C LEU C 350 26.51 -27.66 19.33
N GLY C 351 26.45 -28.66 18.45
CA GLY C 351 27.66 -29.09 17.75
C GLY C 351 28.21 -28.07 16.78
N GLY C 352 27.42 -27.74 15.76
CA GLY C 352 27.85 -26.76 14.78
C GLY C 352 28.20 -25.46 15.46
N ALA C 353 27.45 -25.13 16.50
CA ALA C 353 27.69 -23.91 17.26
C ALA C 353 29.10 -23.94 17.84
N VAL C 354 29.34 -24.89 18.74
CA VAL C 354 30.65 -25.03 19.38
C VAL C 354 31.77 -25.09 18.36
N ALA C 355 31.57 -25.90 17.32
CA ALA C 355 32.56 -26.05 16.26
C ALA C 355 33.00 -24.67 15.73
N GLN C 356 32.02 -23.81 15.47
CA GLN C 356 32.32 -22.48 14.95
C GLN C 356 33.17 -21.70 15.95
N GLU C 357 32.91 -21.90 17.25
CA GLU C 357 33.66 -21.21 18.30
C GLU C 357 35.13 -21.60 18.28
N VAL C 358 35.39 -22.89 18.03
CA VAL C 358 36.75 -23.40 17.96
C VAL C 358 37.52 -22.68 16.86
N LEU C 359 36.90 -22.55 15.69
CA LEU C 359 37.52 -21.87 14.58
C LEU C 359 37.83 -20.42 14.95
N LYS C 360 36.93 -19.81 15.73
CA LYS C 360 37.11 -18.43 16.16
C LYS C 360 38.35 -18.29 17.03
N ALA C 361 38.50 -19.20 17.98
CA ALA C 361 39.64 -19.20 18.90
C ALA C 361 40.98 -19.44 18.16
N THR C 362 40.90 -20.04 16.97
CA THR C 362 42.10 -20.34 16.20
C THR C 362 42.30 -19.44 14.98
N THR C 363 41.53 -18.36 14.89
CA THR C 363 41.63 -17.44 13.76
C THR C 363 41.44 -15.99 14.17
N SER C 364 40.91 -15.78 15.38
CA SER C 364 40.65 -14.43 15.87
C SER C 364 39.66 -13.74 14.93
N LYS C 365 38.81 -14.55 14.30
CA LYS C 365 37.81 -14.05 13.38
C LYS C 365 36.42 -14.34 13.92
N PHE C 366 35.56 -13.33 13.89
CA PHE C 366 34.18 -13.41 14.37
C PHE C 366 34.12 -13.27 15.89
N TYR C 367 33.11 -12.58 16.38
CA TYR C 367 32.93 -12.35 17.82
C TYR C 367 32.51 -13.63 18.53
N PRO C 368 33.31 -14.10 19.49
CA PRO C 368 33.08 -15.32 20.27
C PRO C 368 31.95 -15.19 21.30
N LEU C 369 31.46 -16.33 21.77
CA LEU C 369 30.41 -16.33 22.79
C LEU C 369 31.06 -15.95 24.11
N LYS C 370 30.64 -14.84 24.69
CA LYS C 370 31.20 -14.38 25.95
C LYS C 370 30.11 -14.12 26.98
N GLN C 371 29.89 -15.07 27.89
CA GLN C 371 30.65 -16.33 27.96
C GLN C 371 29.78 -17.56 28.25
N TYR C 372 28.52 -17.33 28.63
CA TYR C 372 27.60 -18.42 28.94
C TYR C 372 26.41 -18.53 28.00
N PHE C 373 26.34 -19.62 27.25
CA PHE C 373 25.26 -19.85 26.32
C PHE C 373 24.34 -20.98 26.77
N TYR C 374 23.26 -20.62 27.45
CA TYR C 374 22.30 -21.61 27.94
C TYR C 374 21.05 -21.62 27.06
N PHE C 375 20.84 -22.72 26.35
CA PHE C 375 19.71 -22.89 25.43
C PHE C 375 18.74 -23.98 25.85
N ASP C 376 17.49 -23.87 25.42
CA ASP C 376 16.49 -24.89 25.73
C ASP C 376 15.37 -24.86 24.69
N SER C 377 14.87 -26.05 24.33
CA SER C 377 13.79 -26.17 23.37
C SER C 377 12.69 -26.93 24.08
N LEU C 378 12.40 -26.49 25.30
CA LEU C 378 11.38 -27.12 26.13
C LEU C 378 10.01 -27.24 25.46
N GLU C 379 9.78 -26.43 24.43
CA GLU C 379 8.51 -26.48 23.74
C GLU C 379 8.36 -27.81 23.01
N SER C 380 9.49 -28.45 22.73
CA SER C 380 9.52 -29.72 22.02
C SER C 380 8.92 -30.87 22.83
N LEU C 381 8.93 -30.72 24.15
CA LEU C 381 8.38 -31.75 25.04
C LEU C 381 6.94 -32.09 24.66
N PRO C 382 6.70 -33.36 24.25
CA PRO C 382 5.40 -33.87 23.85
C PRO C 382 4.31 -33.73 24.90
N SER C 383 3.08 -33.58 24.45
CA SER C 383 1.94 -33.43 25.33
C SER C 383 0.76 -34.28 24.84
N SER C 384 0.97 -34.99 23.74
CA SER C 384 -0.07 -35.86 23.19
C SER C 384 0.16 -37.31 23.62
N VAL C 385 1.17 -37.51 24.46
CA VAL C 385 1.50 -38.83 24.97
C VAL C 385 1.76 -38.68 26.46
N THR C 386 1.80 -39.80 27.18
CA THR C 386 2.03 -39.76 28.62
C THR C 386 3.51 -39.78 28.97
N ILE C 387 3.97 -38.73 29.63
CA ILE C 387 5.37 -38.63 30.02
C ILE C 387 5.54 -38.91 31.51
N SER C 388 5.94 -40.13 31.83
CA SER C 388 6.14 -40.52 33.22
C SER C 388 7.45 -41.32 33.37
N GLU C 389 7.84 -41.57 34.62
CA GLU C 389 9.06 -42.33 34.90
C GLU C 389 8.97 -43.70 34.22
N GLU C 390 7.75 -44.16 34.00
CA GLU C 390 7.49 -45.45 33.38
C GLU C 390 7.74 -45.46 31.87
N THR C 391 7.15 -44.49 31.16
CA THR C 391 7.28 -44.41 29.70
C THR C 391 8.69 -44.02 29.23
N CYS C 392 9.41 -43.28 30.06
CA CYS C 392 10.76 -42.84 29.69
C CYS C 392 11.86 -43.80 30.15
N LYS C 393 11.47 -44.99 30.60
CA LYS C 393 12.44 -45.98 31.08
C LYS C 393 13.23 -46.57 29.91
N PRO C 394 14.52 -46.86 30.14
CA PRO C 394 15.36 -47.43 29.09
C PRO C 394 14.73 -48.70 28.51
N ARG C 395 15.21 -49.13 27.36
CA ARG C 395 14.69 -50.32 26.70
C ARG C 395 15.81 -51.17 26.12
N GLY C 396 17.05 -50.71 26.29
CA GLY C 396 18.19 -51.45 25.79
C GLY C 396 18.44 -51.28 24.30
N CYS C 397 17.77 -50.30 23.69
CA CYS C 397 17.91 -50.02 22.26
C CYS C 397 18.71 -48.75 22.02
N ARG C 398 19.05 -48.50 20.76
CA ARG C 398 19.83 -47.31 20.43
C ARG C 398 19.01 -46.03 20.56
N TYR C 399 17.74 -46.14 20.94
CA TYR C 399 16.91 -44.95 21.09
C TYR C 399 16.63 -44.60 22.54
N ASP C 400 17.46 -45.09 23.46
CA ASP C 400 17.26 -44.80 24.87
C ASP C 400 17.51 -43.33 25.17
N GLY C 401 18.51 -42.75 24.51
CA GLY C 401 18.83 -41.36 24.74
C GLY C 401 17.69 -40.43 24.33
N GLN C 402 16.83 -40.93 23.44
CA GLN C 402 15.69 -40.18 22.96
C GLN C 402 14.47 -40.48 23.81
N ILE C 403 14.18 -41.78 23.97
CA ILE C 403 13.05 -42.21 24.77
C ILE C 403 13.08 -41.55 26.14
N ALA C 404 14.30 -41.36 26.66
CA ALA C 404 14.46 -40.73 27.96
C ALA C 404 13.75 -39.40 28.04
N VAL C 405 13.53 -38.76 26.89
CA VAL C 405 12.86 -37.47 26.84
C VAL C 405 11.40 -37.56 26.40
N PHE C 406 11.16 -38.15 25.23
CA PHE C 406 9.81 -38.26 24.69
C PHE C 406 9.04 -39.48 25.16
N GLY C 407 9.74 -40.59 25.40
CA GLY C 407 9.07 -41.79 25.83
C GLY C 407 8.91 -42.82 24.72
N SER C 408 8.76 -44.07 25.11
CA SER C 408 8.61 -45.16 24.16
C SER C 408 7.39 -44.98 23.28
N GLU C 409 6.28 -44.60 23.90
CA GLU C 409 5.01 -44.39 23.20
C GLU C 409 5.19 -43.46 22.00
N PHE C 410 5.92 -42.37 22.22
CA PHE C 410 6.18 -41.37 21.18
C PHE C 410 7.10 -41.94 20.10
N GLN C 411 8.16 -42.62 20.55
CA GLN C 411 9.13 -43.22 19.65
C GLN C 411 8.46 -43.97 18.51
N GLU C 412 7.27 -44.51 18.77
CA GLU C 412 6.56 -45.26 17.74
C GLU C 412 6.11 -44.33 16.62
N LYS C 413 5.53 -43.19 17.00
CA LYS C 413 5.08 -42.21 16.03
C LYS C 413 6.24 -41.85 15.10
N ILE C 414 7.38 -41.51 15.67
CA ILE C 414 8.56 -41.15 14.90
C ILE C 414 8.91 -42.24 13.90
N ALA C 415 8.91 -43.49 14.36
CA ALA C 415 9.24 -44.63 13.53
C ALA C 415 8.30 -44.82 12.35
N SER C 416 7.01 -44.56 12.57
CA SER C 416 6.01 -44.74 11.53
C SER C 416 5.80 -43.55 10.61
N LEU C 417 6.75 -42.60 10.62
CA LEU C 417 6.66 -41.41 9.77
C LEU C 417 6.93 -41.70 8.30
N SER C 418 6.29 -40.91 7.43
CA SER C 418 6.49 -41.05 6.01
C SER C 418 6.94 -39.68 5.50
N THR C 419 8.25 -39.44 5.55
CA THR C 419 8.81 -38.16 5.13
C THR C 419 9.17 -38.09 3.65
N PHE C 420 9.54 -36.88 3.23
CA PHE C 420 9.92 -36.59 1.86
C PHE C 420 10.90 -35.44 1.90
N LEU C 421 12.19 -35.76 1.77
CA LEU C 421 13.24 -34.77 1.81
C LEU C 421 13.55 -34.27 0.40
N VAL C 422 13.37 -32.98 0.19
CA VAL C 422 13.63 -32.37 -1.12
C VAL C 422 15.00 -31.68 -1.05
N GLY C 423 15.98 -32.32 -1.66
CA GLY C 423 17.33 -31.78 -1.66
C GLY C 423 18.25 -32.73 -0.92
N ALA C 424 19.46 -32.93 -1.45
CA ALA C 424 20.41 -33.83 -0.83
C ALA C 424 21.77 -33.17 -0.69
N GLY C 425 21.75 -31.85 -0.47
CA GLY C 425 22.99 -31.12 -0.33
C GLY C 425 23.44 -31.02 1.11
N ALA C 426 24.09 -29.90 1.45
CA ALA C 426 24.59 -29.68 2.80
C ALA C 426 23.54 -30.04 3.83
N ILE C 427 22.45 -29.28 3.84
CA ILE C 427 21.36 -29.50 4.77
C ILE C 427 20.78 -30.91 4.58
N GLY C 428 20.69 -31.34 3.34
CA GLY C 428 20.14 -32.67 3.07
C GLY C 428 20.81 -33.77 3.87
N CYS C 429 22.13 -33.81 3.83
CA CYS C 429 22.88 -34.83 4.55
C CYS C 429 22.61 -34.78 6.05
N GLU C 430 22.85 -33.61 6.65
CA GLU C 430 22.65 -33.42 8.09
C GLU C 430 21.23 -33.86 8.48
N MET C 431 20.26 -33.55 7.63
CA MET C 431 18.88 -33.92 7.89
C MET C 431 18.76 -35.43 7.98
N LEU C 432 19.20 -36.13 6.94
CA LEU C 432 19.13 -37.60 6.93
C LEU C 432 19.81 -38.15 8.17
N LYS C 433 21.01 -37.65 8.46
CA LYS C 433 21.75 -38.09 9.64
C LYS C 433 20.85 -38.01 10.88
N ASN C 434 20.28 -36.83 11.12
CA ASN C 434 19.41 -36.64 12.27
C ASN C 434 18.23 -37.61 12.25
N TRP C 435 17.61 -37.78 11.09
CA TRP C 435 16.47 -38.69 10.95
C TRP C 435 16.84 -40.13 11.29
N ALA C 436 18.05 -40.52 10.89
CA ALA C 436 18.54 -41.88 11.14
C ALA C 436 18.67 -42.12 12.64
N MET C 437 19.35 -41.19 13.32
CA MET C 437 19.55 -41.30 14.75
C MET C 437 18.23 -41.26 15.51
N MET C 438 17.25 -40.54 14.97
CA MET C 438 15.93 -40.41 15.59
C MET C 438 15.08 -41.64 15.31
N GLY C 439 15.50 -42.44 14.33
CA GLY C 439 14.76 -43.64 13.99
C GLY C 439 13.54 -43.35 13.15
N VAL C 440 13.63 -42.33 12.30
CA VAL C 440 12.53 -41.96 11.44
C VAL C 440 12.31 -43.02 10.38
N ALA C 441 11.04 -43.26 10.04
CA ALA C 441 10.69 -44.26 9.03
C ALA C 441 11.20 -45.65 9.38
N THR C 442 11.63 -45.85 10.62
CA THR C 442 12.15 -47.13 11.06
C THR C 442 11.02 -48.13 11.28
N GLY C 443 9.85 -47.61 11.63
CA GLY C 443 8.70 -48.47 11.87
C GLY C 443 8.23 -49.17 10.61
N GLU C 444 7.00 -49.68 10.66
CA GLU C 444 6.41 -50.41 9.55
C GLU C 444 5.91 -49.51 8.43
N SER C 445 4.95 -48.64 8.74
CA SER C 445 4.39 -47.73 7.76
C SER C 445 5.38 -46.60 7.47
N GLY C 446 6.50 -46.62 8.17
CA GLY C 446 7.51 -45.60 7.96
C GLY C 446 8.10 -45.70 6.58
N HIS C 447 8.70 -44.61 6.12
CA HIS C 447 9.32 -44.57 4.80
C HIS C 447 9.85 -43.18 4.46
N ILE C 448 11.11 -43.12 4.03
CA ILE C 448 11.76 -41.88 3.66
C ILE C 448 11.88 -41.81 2.14
N SER C 449 11.78 -40.60 1.60
CA SER C 449 11.91 -40.40 0.16
C SER C 449 12.79 -39.18 -0.08
N VAL C 450 14.00 -39.42 -0.55
CA VAL C 450 14.93 -38.33 -0.84
C VAL C 450 15.04 -38.13 -2.35
N THR C 451 15.06 -36.88 -2.79
CA THR C 451 15.17 -36.59 -4.21
C THR C 451 16.18 -35.48 -4.46
N ASP C 452 16.82 -35.52 -5.63
CA ASP C 452 17.81 -34.52 -6.00
C ASP C 452 18.29 -34.87 -7.40
N MET C 453 18.50 -33.86 -8.23
CA MET C 453 18.95 -34.11 -9.59
C MET C 453 20.40 -33.70 -9.84
N ASP C 454 21.20 -33.57 -8.78
CA ASP C 454 22.59 -33.19 -8.97
C ASP C 454 23.53 -34.31 -8.54
N SER C 455 24.79 -34.18 -8.96
CA SER C 455 25.80 -35.18 -8.64
C SER C 455 26.84 -34.60 -7.70
N ILE C 456 27.57 -35.49 -7.03
CA ILE C 456 28.59 -35.08 -6.07
C ILE C 456 29.81 -34.44 -6.74
N GLU C 457 30.31 -33.38 -6.13
CA GLU C 457 31.47 -32.65 -6.64
C GLU C 457 32.46 -32.46 -5.50
N LYS C 458 33.71 -32.22 -5.85
CA LYS C 458 34.76 -32.06 -4.84
C LYS C 458 34.37 -31.06 -3.76
N SER C 459 34.07 -29.83 -4.17
CA SER C 459 33.70 -28.77 -3.22
C SER C 459 32.56 -29.15 -2.28
N ASN C 460 31.73 -30.11 -2.70
CA ASN C 460 30.58 -30.56 -1.90
C ASN C 460 30.96 -31.37 -0.68
N LEU C 461 32.09 -32.06 -0.75
CA LEU C 461 32.58 -32.89 0.35
C LEU C 461 33.01 -32.11 1.59
N ASN C 462 32.91 -30.80 1.52
CA ASN C 462 33.30 -29.95 2.63
C ASN C 462 32.13 -29.74 3.62
N ARG C 463 30.91 -29.69 3.10
CA ARG C 463 29.73 -29.46 3.92
C ARG C 463 28.81 -30.67 3.93
N GLN C 464 29.03 -31.57 2.98
CA GLN C 464 28.22 -32.77 2.87
C GLN C 464 29.08 -33.99 3.21
N PHE C 465 29.09 -34.35 4.50
CA PHE C 465 29.91 -35.46 5.00
C PHE C 465 29.46 -36.86 4.58
N LEU C 466 28.17 -37.05 4.33
CA LEU C 466 27.68 -38.37 3.93
C LEU C 466 28.31 -38.85 2.62
N PHE C 467 29.06 -37.97 1.96
CA PHE C 467 29.71 -38.33 0.72
C PHE C 467 31.22 -38.37 0.89
N ARG C 468 31.88 -39.09 0.00
CA ARG C 468 33.32 -39.22 0.02
C ARG C 468 33.93 -38.94 -1.36
N PRO C 469 35.22 -38.57 -1.41
CA PRO C 469 35.86 -38.28 -2.70
C PRO C 469 35.64 -39.37 -3.74
N ARG C 470 35.73 -40.62 -3.32
CA ARG C 470 35.53 -41.73 -4.24
C ARG C 470 34.07 -41.80 -4.71
N ASP C 471 33.24 -40.93 -4.14
CA ASP C 471 31.82 -40.88 -4.50
C ASP C 471 31.52 -39.85 -5.58
N VAL C 472 32.43 -38.90 -5.77
CA VAL C 472 32.26 -37.87 -6.79
C VAL C 472 31.63 -38.46 -8.05
N GLY C 473 30.81 -37.67 -8.74
CA GLY C 473 30.17 -38.15 -9.96
C GLY C 473 28.90 -38.95 -9.78
N LYS C 474 28.68 -39.48 -8.58
CA LYS C 474 27.49 -40.27 -8.29
C LYS C 474 26.35 -39.35 -7.85
N LEU C 475 25.12 -39.86 -7.90
CA LEU C 475 23.96 -39.07 -7.48
C LEU C 475 24.03 -38.83 -5.98
N LYS C 476 23.51 -37.68 -5.55
CA LYS C 476 23.51 -37.34 -4.13
C LYS C 476 22.45 -38.14 -3.41
N SER C 477 21.22 -38.06 -3.90
CA SER C 477 20.10 -38.76 -3.28
C SER C 477 20.36 -40.25 -3.10
N GLU C 478 20.95 -40.87 -4.11
CA GLU C 478 21.23 -42.30 -4.06
C GLU C 478 22.38 -42.64 -3.11
N CYS C 479 23.48 -41.92 -3.22
CA CYS C 479 24.64 -42.16 -2.38
C CYS C 479 24.40 -41.86 -0.90
N ALA C 480 23.65 -40.81 -0.63
CA ALA C 480 23.34 -40.43 0.76
C ALA C 480 22.42 -41.48 1.35
N SER C 481 21.50 -41.99 0.53
CA SER C 481 20.56 -43.01 0.98
C SER C 481 21.33 -44.19 1.53
N THR C 482 22.22 -44.75 0.71
CA THR C 482 23.04 -45.89 1.10
C THR C 482 23.87 -45.57 2.35
N ALA C 483 24.51 -44.40 2.34
CA ALA C 483 25.35 -43.96 3.45
C ALA C 483 24.62 -43.94 4.79
N VAL C 484 23.32 -43.70 4.75
CA VAL C 484 22.50 -43.65 5.96
C VAL C 484 22.18 -45.07 6.47
N SER C 485 21.96 -45.99 5.53
CA SER C 485 21.64 -47.38 5.88
C SER C 485 22.74 -47.99 6.75
N ILE C 486 23.94 -47.41 6.66
CA ILE C 486 25.08 -47.89 7.42
C ILE C 486 25.08 -47.31 8.83
N MET C 487 24.58 -46.09 8.97
CA MET C 487 24.52 -45.43 10.28
C MET C 487 23.45 -46.09 11.14
N ASN C 488 22.36 -46.48 10.50
CA ASN C 488 21.26 -47.15 11.19
C ASN C 488 20.63 -48.14 10.24
N PRO C 489 21.16 -49.37 10.21
CA PRO C 489 20.67 -50.44 9.35
C PRO C 489 19.15 -50.61 9.33
N SER C 490 18.48 -50.17 10.40
CA SER C 490 17.03 -50.29 10.47
C SER C 490 16.33 -49.53 9.35
N LEU C 491 17.09 -48.77 8.57
CA LEU C 491 16.53 -47.99 7.47
C LEU C 491 16.61 -48.66 6.11
N THR C 492 17.39 -49.74 5.99
CA THR C 492 17.53 -50.43 4.72
C THR C 492 16.18 -50.88 4.18
N GLY C 493 15.89 -50.52 2.93
CA GLY C 493 14.63 -50.88 2.32
C GLY C 493 13.52 -49.94 2.77
N LYS C 494 13.89 -48.94 3.56
CA LYS C 494 12.93 -47.98 4.07
C LYS C 494 13.14 -46.63 3.40
N ILE C 495 14.22 -46.49 2.64
CA ILE C 495 14.52 -45.24 1.97
C ILE C 495 14.53 -45.39 0.45
N THR C 496 13.77 -44.54 -0.24
CA THR C 496 13.71 -44.58 -1.69
C THR C 496 14.34 -43.29 -2.21
N SER C 497 15.26 -43.41 -3.15
CA SER C 497 15.92 -42.22 -3.71
C SER C 497 15.39 -41.91 -5.10
N TYR C 498 15.48 -40.65 -5.49
CA TYR C 498 15.04 -40.20 -6.80
C TYR C 498 16.06 -39.23 -7.35
N GLN C 499 16.01 -39.01 -8.66
CA GLN C 499 16.94 -38.10 -9.30
C GLN C 499 16.14 -36.98 -9.97
N GLU C 500 14.83 -36.97 -9.71
CA GLU C 500 13.94 -35.98 -10.30
C GLU C 500 14.08 -34.61 -9.65
N ARG C 501 14.02 -33.57 -10.49
CA ARG C 501 14.11 -32.19 -10.03
C ARG C 501 12.70 -31.77 -9.64
N VAL C 502 12.46 -31.55 -8.35
CA VAL C 502 11.14 -31.16 -7.88
C VAL C 502 10.65 -29.89 -8.57
N GLY C 503 9.49 -29.98 -9.18
CA GLY C 503 8.92 -28.84 -9.88
C GLY C 503 7.71 -29.26 -10.68
N PRO C 504 7.26 -28.43 -11.64
CA PRO C 504 6.10 -28.71 -12.48
C PRO C 504 6.21 -29.99 -13.33
N GLU C 505 7.43 -30.32 -13.74
CA GLU C 505 7.65 -31.51 -14.56
C GLU C 505 7.54 -32.78 -13.74
N SER C 506 8.29 -32.83 -12.65
CA SER C 506 8.28 -34.00 -11.78
C SER C 506 6.91 -34.28 -11.17
N GLU C 507 5.92 -33.43 -11.47
CA GLU C 507 4.58 -33.65 -10.91
C GLU C 507 4.04 -35.00 -11.35
N GLY C 508 4.75 -35.65 -12.26
CA GLY C 508 4.34 -36.96 -12.72
C GLY C 508 4.64 -37.99 -11.64
N ILE C 509 5.86 -37.90 -11.11
CA ILE C 509 6.31 -38.82 -10.06
C ILE C 509 5.65 -38.44 -8.75
N PHE C 510 5.86 -37.20 -8.33
CA PHE C 510 5.32 -36.69 -7.08
C PHE C 510 3.88 -36.20 -7.28
N GLY C 511 3.01 -37.11 -7.69
CA GLY C 511 1.62 -36.76 -7.92
C GLY C 511 0.78 -36.82 -6.67
N ASP C 512 -0.53 -36.73 -6.85
CA ASP C 512 -1.48 -36.76 -5.75
C ASP C 512 -1.32 -38.00 -4.88
N GLU C 513 -1.22 -39.17 -5.50
CA GLU C 513 -1.06 -40.41 -4.75
C GLU C 513 0.21 -40.40 -3.92
N PHE C 514 1.28 -39.84 -4.48
CA PHE C 514 2.56 -39.76 -3.78
C PHE C 514 2.43 -38.95 -2.49
N PHE C 515 1.82 -37.77 -2.61
CA PHE C 515 1.62 -36.87 -1.49
C PHE C 515 0.65 -37.37 -0.41
N GLU C 516 -0.52 -37.83 -0.83
CA GLU C 516 -1.54 -38.33 0.09
C GLU C 516 -1.00 -39.35 1.08
N LYS C 517 0.26 -39.74 0.92
CA LYS C 517 0.89 -40.71 1.81
C LYS C 517 1.87 -40.05 2.76
N LEU C 518 2.55 -39.01 2.29
CA LEU C 518 3.52 -38.30 3.09
C LEU C 518 2.97 -37.79 4.43
N SER C 519 3.84 -37.78 5.44
CA SER C 519 3.48 -37.31 6.78
C SER C 519 3.81 -35.82 6.79
N LEU C 520 4.94 -35.48 6.19
CA LEU C 520 5.40 -34.10 6.11
C LEU C 520 6.50 -33.96 5.07
N VAL C 521 6.86 -32.73 4.74
CA VAL C 521 7.91 -32.46 3.76
C VAL C 521 8.97 -31.53 4.35
N THR C 522 10.22 -31.78 3.98
CA THR C 522 11.33 -30.98 4.48
C THR C 522 12.17 -30.47 3.32
N ASN C 523 12.42 -29.17 3.29
CA ASN C 523 13.23 -28.58 2.22
C ASN C 523 14.71 -28.48 2.58
N ALA C 524 15.55 -28.82 1.62
CA ALA C 524 16.99 -28.75 1.78
C ALA C 524 17.48 -28.18 0.44
N LEU C 525 16.73 -27.19 -0.04
CA LEU C 525 16.99 -26.54 -1.33
C LEU C 525 17.99 -25.40 -1.24
N ASP C 526 18.43 -24.92 -2.42
CA ASP C 526 19.39 -23.83 -2.51
C ASP C 526 18.88 -22.65 -3.33
N ASN C 527 17.61 -22.68 -3.73
CA ASN C 527 17.05 -21.59 -4.52
C ASN C 527 15.61 -21.27 -4.10
N VAL C 528 15.26 -19.99 -4.10
CA VAL C 528 13.93 -19.55 -3.70
C VAL C 528 12.81 -20.12 -4.56
N GLU C 529 13.03 -20.22 -5.86
CA GLU C 529 12.00 -20.74 -6.77
C GLU C 529 11.49 -22.13 -6.38
N ALA C 530 12.41 -23.00 -5.97
CA ALA C 530 12.05 -24.35 -5.59
C ALA C 530 11.25 -24.38 -4.30
N ARG C 531 11.70 -23.60 -3.31
CA ARG C 531 11.01 -23.53 -2.04
C ARG C 531 9.57 -23.15 -2.30
N MET C 532 9.39 -22.11 -3.11
CA MET C 532 8.07 -21.62 -3.47
C MET C 532 7.20 -22.74 -4.02
N TYR C 533 7.75 -23.47 -4.98
CA TYR C 533 7.01 -24.56 -5.60
C TYR C 533 6.54 -25.57 -4.55
N VAL C 534 7.47 -26.06 -3.74
CA VAL C 534 7.14 -27.02 -2.70
C VAL C 534 6.05 -26.47 -1.80
N ASP C 535 6.25 -25.23 -1.37
CA ASP C 535 5.30 -24.53 -0.51
C ASP C 535 3.89 -24.66 -1.08
N ARG C 536 3.72 -24.20 -2.32
CA ARG C 536 2.42 -24.26 -2.98
C ARG C 536 1.80 -25.65 -2.91
N ARG C 537 2.58 -26.66 -3.25
CA ARG C 537 2.10 -28.04 -3.23
C ARG C 537 1.67 -28.48 -1.82
N CYS C 538 2.53 -28.26 -0.84
CA CYS C 538 2.21 -28.63 0.55
C CYS C 538 0.90 -27.98 0.98
N VAL C 539 0.69 -26.74 0.56
CA VAL C 539 -0.54 -26.03 0.91
C VAL C 539 -1.72 -26.69 0.22
N PHE C 540 -1.54 -27.11 -1.02
CA PHE C 540 -2.62 -27.76 -1.74
C PHE C 540 -2.97 -29.13 -1.15
N PHE C 541 -1.95 -29.87 -0.71
CA PHE C 541 -2.14 -31.20 -0.14
C PHE C 541 -2.27 -31.15 1.37
N GLU C 542 -2.31 -29.94 1.93
CA GLU C 542 -2.46 -29.77 3.36
C GLU C 542 -1.44 -30.60 4.15
N LYS C 543 -0.19 -30.55 3.72
CA LYS C 543 0.87 -31.28 4.38
C LYS C 543 1.84 -30.30 5.04
N PRO C 544 2.36 -30.64 6.23
CA PRO C 544 3.30 -29.77 6.94
C PRO C 544 4.59 -29.63 6.15
N LEU C 545 5.34 -28.57 6.40
CA LEU C 545 6.59 -28.35 5.69
C LEU C 545 7.63 -27.75 6.60
N LEU C 546 8.87 -28.25 6.49
CA LEU C 546 9.97 -27.73 7.28
C LEU C 546 10.92 -27.03 6.34
N GLU C 547 11.22 -25.77 6.63
CA GLU C 547 12.10 -24.99 5.79
C GLU C 547 13.32 -24.51 6.57
N SER C 548 14.43 -24.33 5.85
CA SER C 548 15.67 -23.86 6.46
C SER C 548 16.64 -23.39 5.40
N GLY C 549 17.42 -22.37 5.72
CA GLY C 549 18.37 -21.85 4.77
C GLY C 549 19.66 -21.41 5.44
N THR C 550 20.73 -21.31 4.67
CA THR C 550 22.01 -20.87 5.20
C THR C 550 22.71 -19.90 4.27
N LEU C 551 23.58 -19.07 4.85
CA LEU C 551 24.34 -18.10 4.09
C LEU C 551 25.59 -17.80 4.88
N GLY C 552 26.59 -18.67 4.77
CA GLY C 552 27.81 -18.47 5.52
C GLY C 552 27.54 -18.86 6.97
N THR C 553 27.72 -17.90 7.89
CA THR C 553 27.48 -18.16 9.31
C THR C 553 26.02 -17.93 9.68
N LYS C 554 25.25 -17.33 8.76
CA LYS C 554 23.84 -17.07 9.00
C LYS C 554 22.99 -18.26 8.58
N GLY C 555 21.86 -18.43 9.25
CA GLY C 555 20.96 -19.53 8.95
C GLY C 555 19.59 -19.24 9.51
N ASN C 556 18.55 -19.75 8.86
CA ASN C 556 17.19 -19.52 9.33
C ASN C 556 16.33 -20.78 9.21
N THR C 557 15.30 -20.84 10.06
CA THR C 557 14.38 -21.96 10.08
C THR C 557 12.95 -21.44 10.07
N GLN C 558 12.08 -22.18 9.40
CA GLN C 558 10.69 -21.82 9.33
C GLN C 558 9.82 -23.06 9.25
N VAL C 559 8.82 -23.11 10.12
CA VAL C 559 7.89 -24.22 10.14
C VAL C 559 6.53 -23.73 9.66
N VAL C 560 5.89 -24.53 8.81
CA VAL C 560 4.58 -24.18 8.29
C VAL C 560 3.65 -25.38 8.48
N VAL C 561 2.80 -25.29 9.50
CA VAL C 561 1.84 -26.34 9.82
C VAL C 561 0.46 -25.99 9.28
N PRO C 562 -0.18 -26.94 8.57
CA PRO C 562 -1.51 -26.80 7.97
C PRO C 562 -2.57 -26.23 8.90
N HIS C 563 -3.48 -25.46 8.32
CA HIS C 563 -4.57 -24.84 9.06
C HIS C 563 -4.16 -24.14 10.34
N LEU C 564 -2.90 -23.73 10.43
CA LEU C 564 -2.42 -23.06 11.62
C LEU C 564 -1.58 -21.83 11.27
N THR C 565 -0.42 -22.08 10.67
CA THR C 565 0.49 -21.00 10.30
C THR C 565 0.38 -20.61 8.83
N GLU C 566 0.97 -19.48 8.48
CA GLU C 566 0.95 -19.03 7.10
C GLU C 566 1.96 -19.92 6.37
N SER C 567 1.95 -19.88 5.05
CA SER C 567 2.90 -20.69 4.28
C SER C 567 4.18 -19.91 4.05
N TYR C 568 5.16 -20.58 3.47
CA TYR C 568 6.45 -19.96 3.19
C TYR C 568 6.28 -18.76 2.26
N GLY C 569 5.45 -18.92 1.24
CA GLY C 569 5.25 -17.87 0.27
C GLY C 569 4.31 -16.74 0.67
N SER C 570 3.79 -16.80 1.89
CA SER C 570 2.89 -15.76 2.37
C SER C 570 3.63 -14.46 2.68
N SER C 571 4.93 -14.57 2.94
CA SER C 571 5.73 -13.39 3.23
C SER C 571 6.69 -13.15 2.07
N GLN C 572 7.26 -11.95 2.03
CA GLN C 572 8.18 -11.56 0.97
C GLN C 572 9.57 -11.25 1.54
N ASP C 573 10.63 -11.50 0.77
CA ASP C 573 12.01 -11.24 1.18
C ASP C 573 12.67 -10.32 0.16
N PRO C 574 13.79 -9.67 0.53
CA PRO C 574 14.45 -8.78 -0.44
C PRO C 574 14.93 -9.56 -1.66
N PRO C 575 14.63 -9.05 -2.87
CA PRO C 575 15.04 -9.71 -4.12
C PRO C 575 16.55 -9.65 -4.39
N GLU C 576 16.97 -10.23 -5.51
CA GLU C 576 18.39 -10.25 -5.87
C GLU C 576 18.89 -8.94 -6.45
N LYS C 577 19.97 -8.42 -5.86
CA LYS C 577 20.57 -7.15 -6.28
C LYS C 577 21.19 -7.24 -7.66
N SER C 578 20.53 -6.66 -8.65
CA SER C 578 21.04 -6.66 -10.01
C SER C 578 21.37 -5.24 -10.47
N PHE C 579 22.60 -5.05 -10.94
CA PHE C 579 23.08 -3.75 -11.40
C PHE C 579 22.32 -3.20 -12.59
N PRO C 580 22.26 -1.86 -12.71
CA PRO C 580 21.56 -1.19 -13.81
C PRO C 580 22.17 -1.55 -15.15
N ILE C 581 21.32 -1.93 -16.10
CA ILE C 581 21.76 -2.32 -17.43
C ILE C 581 22.77 -1.35 -18.03
N CYS C 582 22.59 -0.07 -17.76
CA CYS C 582 23.45 0.98 -18.27
C CYS C 582 24.71 1.25 -17.45
N THR C 583 24.88 0.52 -16.35
CA THR C 583 26.06 0.69 -15.52
C THR C 583 27.07 -0.37 -15.93
N LEU C 584 26.55 -1.55 -16.30
CA LEU C 584 27.38 -2.65 -16.72
C LEU C 584 27.78 -2.44 -18.17
N LYS C 585 26.86 -1.92 -18.97
CA LYS C 585 27.13 -1.69 -20.39
C LYS C 585 28.11 -0.56 -20.66
N ASN C 586 27.95 0.58 -20.00
CA ASN C 586 28.83 1.70 -20.26
C ASN C 586 29.54 2.38 -19.10
N PHE C 587 28.94 2.41 -17.91
CA PHE C 587 29.57 3.12 -16.81
C PHE C 587 29.92 2.35 -15.54
N PRO C 588 30.68 1.25 -15.66
CA PRO C 588 31.06 0.48 -14.47
C PRO C 588 32.09 1.21 -13.60
N ASN C 589 32.03 0.97 -12.29
CA ASN C 589 32.97 1.60 -11.36
C ASN C 589 33.46 0.64 -10.28
N ARG C 590 32.85 -0.55 -10.21
CA ARG C 590 33.24 -1.56 -9.23
C ARG C 590 33.58 -2.84 -9.98
N ILE C 591 34.62 -3.53 -9.51
CA ILE C 591 35.06 -4.76 -10.16
C ILE C 591 33.91 -5.75 -10.37
N GLU C 592 32.89 -5.69 -9.51
CA GLU C 592 31.73 -6.56 -9.62
C GLU C 592 31.00 -6.30 -10.94
N HIS C 593 31.05 -5.05 -11.37
CA HIS C 593 30.41 -4.63 -12.62
C HIS C 593 31.04 -5.29 -13.84
N THR C 594 32.37 -5.19 -13.91
CA THR C 594 33.12 -5.78 -15.00
C THR C 594 32.95 -7.30 -15.03
N ILE C 595 32.89 -7.90 -13.85
CA ILE C 595 32.74 -9.33 -13.73
C ILE C 595 31.39 -9.79 -14.29
N ALA C 596 30.32 -9.07 -13.95
CA ALA C 596 29.01 -9.41 -14.46
C ALA C 596 29.00 -9.22 -15.96
N TRP C 597 29.74 -8.19 -16.40
CA TRP C 597 29.87 -7.86 -17.81
C TRP C 597 30.58 -9.03 -18.48
N ALA C 598 31.73 -9.38 -17.91
CA ALA C 598 32.54 -10.48 -18.41
C ALA C 598 31.70 -11.72 -18.58
N ARG C 599 30.81 -11.97 -17.62
CA ARG C 599 29.94 -13.15 -17.67
C ARG C 599 28.94 -13.10 -18.81
N ASP C 600 28.47 -11.90 -19.17
CA ASP C 600 27.53 -11.79 -20.27
C ASP C 600 28.33 -11.98 -21.56
N LEU C 601 29.57 -11.49 -21.54
CA LEU C 601 30.46 -11.60 -22.70
C LEU C 601 30.64 -13.09 -23.02
N PHE C 602 30.89 -13.87 -21.96
CA PHE C 602 31.07 -15.31 -22.09
C PHE C 602 29.84 -15.92 -22.74
N GLU C 603 28.68 -15.67 -22.15
CA GLU C 603 27.42 -16.20 -22.66
C GLU C 603 27.12 -15.70 -24.08
N GLY C 604 27.54 -14.46 -24.37
CA GLY C 604 27.28 -13.87 -25.66
C GLY C 604 28.19 -14.27 -26.81
N LEU C 605 29.32 -14.90 -26.50
CA LEU C 605 30.27 -15.33 -27.53
C LEU C 605 30.40 -16.84 -27.68
N PHE C 606 30.04 -17.57 -26.62
CA PHE C 606 30.18 -19.02 -26.66
C PHE C 606 28.91 -19.80 -26.32
N LYS C 607 27.81 -19.10 -26.09
CA LYS C 607 26.57 -19.77 -25.75
C LYS C 607 25.42 -19.30 -26.62
N GLN C 608 24.97 -18.07 -26.39
CA GLN C 608 23.86 -17.48 -27.15
C GLN C 608 23.93 -17.73 -28.66
N PRO C 609 25.06 -17.35 -29.30
CA PRO C 609 25.20 -17.54 -30.74
C PRO C 609 25.08 -19.00 -31.19
N ILE C 610 25.80 -19.88 -30.50
CA ILE C 610 25.79 -21.30 -30.82
C ILE C 610 24.37 -21.85 -30.84
N ASP C 611 23.61 -21.55 -29.80
CA ASP C 611 22.23 -22.03 -29.71
C ASP C 611 21.40 -21.67 -30.93
N ASN C 612 21.56 -20.45 -31.44
CA ASN C 612 20.80 -20.01 -32.61
C ASN C 612 21.19 -20.83 -33.83
N VAL C 613 22.44 -21.27 -33.86
CA VAL C 613 22.94 -22.08 -34.97
C VAL C 613 22.25 -23.44 -34.99
N ASN C 614 22.25 -24.12 -33.84
CA ASN C 614 21.64 -25.43 -33.72
C ASN C 614 20.11 -25.34 -33.84
N MET C 615 19.54 -24.26 -33.32
CA MET C 615 18.10 -24.05 -33.39
C MET C 615 17.69 -23.87 -34.85
N TYR C 616 18.60 -23.29 -35.63
CA TYR C 616 18.35 -23.07 -37.05
C TYR C 616 18.43 -24.41 -37.79
N LEU C 617 19.18 -25.34 -37.22
CA LEU C 617 19.35 -26.68 -37.80
C LEU C 617 18.47 -27.68 -37.05
N SER C 618 17.28 -27.23 -36.64
CA SER C 618 16.36 -28.09 -35.92
C SER C 618 14.90 -27.66 -36.14
N SER C 619 14.62 -26.38 -35.87
CA SER C 619 13.27 -25.84 -36.03
C SER C 619 13.07 -25.27 -37.44
N PRO C 620 12.03 -25.75 -38.15
CA PRO C 620 11.70 -25.33 -39.51
C PRO C 620 11.38 -23.84 -39.63
N ASN C 621 10.31 -23.43 -38.96
CA ASN C 621 9.88 -22.04 -38.99
C ASN C 621 10.59 -21.19 -37.94
N PHE C 622 11.80 -21.59 -37.58
CA PHE C 622 12.60 -20.89 -36.59
C PHE C 622 12.84 -19.44 -37.00
N LEU C 623 13.24 -19.25 -38.26
CA LEU C 623 13.51 -17.92 -38.79
C LEU C 623 12.28 -17.02 -38.66
N GLU C 624 11.17 -17.46 -39.23
CA GLU C 624 9.92 -16.70 -39.19
C GLU C 624 9.50 -16.36 -37.77
N THR C 625 9.38 -17.39 -36.93
CA THR C 625 8.98 -17.21 -35.54
C THR C 625 9.93 -16.34 -34.72
N SER C 626 11.13 -16.10 -35.23
CA SER C 626 12.10 -15.27 -34.51
C SER C 626 11.70 -13.80 -34.55
N LEU C 627 11.45 -13.29 -35.76
CA LEU C 627 11.05 -11.90 -35.95
C LEU C 627 9.75 -11.63 -35.21
N LYS C 628 8.99 -12.70 -34.98
CA LYS C 628 7.71 -12.61 -34.30
C LYS C 628 7.85 -12.57 -32.78
N THR C 629 8.92 -13.18 -32.26
CA THR C 629 9.15 -13.22 -30.82
C THR C 629 10.48 -12.58 -30.40
N SER C 630 11.58 -13.17 -30.84
CA SER C 630 12.92 -12.69 -30.52
C SER C 630 13.00 -11.16 -30.45
N SER C 631 13.62 -10.66 -29.37
CA SER C 631 13.77 -9.22 -29.15
C SER C 631 14.72 -8.56 -30.14
N ASN C 632 15.83 -9.23 -30.42
CA ASN C 632 16.82 -8.69 -31.35
C ASN C 632 17.00 -9.63 -32.54
N PRO C 633 16.01 -9.65 -33.46
CA PRO C 633 16.05 -10.51 -34.65
C PRO C 633 17.37 -10.32 -35.42
N ARG C 634 17.93 -9.12 -35.32
CA ARG C 634 19.19 -8.81 -35.97
C ARG C 634 20.26 -9.72 -35.40
N GLU C 635 20.42 -9.67 -34.08
CA GLU C 635 21.41 -10.47 -33.38
C GLU C 635 21.30 -11.94 -33.76
N VAL C 636 20.07 -12.44 -33.90
CA VAL C 636 19.85 -13.83 -34.28
C VAL C 636 20.46 -14.13 -35.64
N LEU C 637 19.91 -13.45 -36.66
CA LEU C 637 20.36 -13.62 -38.04
C LEU C 637 21.87 -13.51 -38.16
N GLU C 638 22.46 -12.54 -37.47
CA GLU C 638 23.90 -12.34 -37.52
C GLU C 638 24.69 -13.46 -36.87
N ASN C 639 24.22 -13.91 -35.71
CA ASN C 639 24.89 -14.99 -34.97
C ASN C 639 25.12 -16.23 -35.84
N ILE C 640 24.17 -16.49 -36.74
CA ILE C 640 24.24 -17.65 -37.62
C ILE C 640 25.18 -17.37 -38.79
N ARG C 641 24.97 -16.23 -39.43
CA ARG C 641 25.79 -15.81 -40.57
C ARG C 641 27.28 -15.85 -40.22
N ASP C 642 27.62 -15.30 -39.06
CA ASP C 642 29.01 -15.24 -38.61
C ASP C 642 29.57 -16.53 -38.01
N TYR C 643 28.70 -17.33 -37.39
CA TYR C 643 29.15 -18.58 -36.79
C TYR C 643 29.09 -19.80 -37.70
N LEU C 644 28.47 -19.64 -38.87
CA LEU C 644 28.36 -20.74 -39.80
C LEU C 644 29.28 -20.62 -41.01
N VAL C 645 29.37 -19.41 -41.57
CA VAL C 645 30.19 -19.19 -42.75
C VAL C 645 31.13 -17.98 -42.66
N THR C 646 30.57 -16.81 -42.40
CA THR C 646 31.35 -15.57 -42.30
C THR C 646 32.62 -15.71 -41.47
N GLU C 647 32.55 -16.43 -40.36
CA GLU C 647 33.71 -16.59 -39.50
C GLU C 647 33.93 -18.00 -38.94
N LYS C 648 33.47 -19.02 -39.66
CA LYS C 648 33.65 -20.39 -39.19
C LYS C 648 35.13 -20.77 -39.27
N PRO C 649 35.77 -21.00 -38.10
CA PRO C 649 37.19 -21.37 -38.08
C PRO C 649 37.44 -22.76 -38.68
N LEU C 650 38.72 -23.06 -38.93
CA LEU C 650 39.13 -24.33 -39.50
C LEU C 650 40.45 -24.76 -38.90
N SER C 651 40.98 -23.92 -38.00
CA SER C 651 42.24 -24.19 -37.33
C SER C 651 42.35 -23.33 -36.08
N PHE C 652 42.98 -23.87 -35.04
CA PHE C 652 43.16 -23.14 -33.79
C PHE C 652 43.86 -21.83 -34.12
N GLU C 653 44.71 -21.86 -35.15
CA GLU C 653 45.44 -20.68 -35.59
C GLU C 653 44.46 -19.65 -36.16
N GLU C 654 43.41 -20.14 -36.81
CA GLU C 654 42.39 -19.25 -37.38
C GLU C 654 41.44 -18.78 -36.29
N CYS C 655 41.55 -19.42 -35.13
CA CYS C 655 40.71 -19.07 -33.98
C CYS C 655 41.43 -17.98 -33.19
N ILE C 656 42.76 -18.02 -33.19
CA ILE C 656 43.56 -17.04 -32.49
C ILE C 656 43.41 -15.68 -33.17
N MET C 657 43.07 -15.69 -34.46
CA MET C 657 42.85 -14.46 -35.22
C MET C 657 41.53 -13.88 -34.73
N TRP C 658 40.53 -14.75 -34.61
CA TRP C 658 39.22 -14.37 -34.14
C TRP C 658 39.33 -13.80 -32.72
N ALA C 659 40.08 -14.48 -31.86
CA ALA C 659 40.27 -14.04 -30.47
C ALA C 659 40.87 -12.63 -30.44
N ARG C 660 41.94 -12.45 -31.21
CA ARG C 660 42.63 -11.16 -31.29
C ARG C 660 41.68 -10.04 -31.74
N LEU C 661 40.81 -10.37 -32.69
CA LEU C 661 39.83 -9.41 -33.20
C LEU C 661 38.91 -8.96 -32.07
N GLN C 662 38.46 -9.93 -31.28
CA GLN C 662 37.57 -9.63 -30.19
C GLN C 662 38.20 -8.64 -29.22
N PHE C 663 39.48 -8.84 -28.92
CA PHE C 663 40.19 -7.96 -28.00
C PHE C 663 39.88 -6.50 -28.30
N ASP C 664 40.22 -6.06 -29.50
CA ASP C 664 39.98 -4.67 -29.88
C ASP C 664 38.49 -4.33 -29.96
N LYS C 665 37.66 -5.34 -30.17
CA LYS C 665 36.21 -5.11 -30.26
C LYS C 665 35.55 -4.84 -28.91
N PHE C 666 36.17 -5.30 -27.82
CA PHE C 666 35.59 -5.11 -26.49
C PHE C 666 36.49 -4.40 -25.48
N PHE C 667 37.71 -4.07 -25.87
CA PHE C 667 38.62 -3.38 -24.97
C PHE C 667 39.29 -2.19 -25.62
N ASN C 668 38.89 -1.91 -26.86
CA ASN C 668 39.47 -0.80 -27.61
C ASN C 668 38.44 -0.02 -28.38
N ASN C 669 37.96 -0.60 -29.48
CA ASN C 669 36.97 0.06 -30.32
C ASN C 669 35.73 0.52 -29.57
N ASN C 670 35.13 -0.37 -28.80
CA ASN C 670 33.95 -0.02 -28.03
C ASN C 670 34.24 1.17 -27.13
N ILE C 671 35.43 1.16 -26.52
CA ILE C 671 35.83 2.25 -25.62
C ILE C 671 35.93 3.54 -26.39
N GLN C 672 36.62 3.50 -27.53
CA GLN C 672 36.79 4.67 -28.39
C GLN C 672 35.43 5.27 -28.76
N GLN C 673 34.52 4.41 -29.20
CA GLN C 673 33.18 4.83 -29.61
C GLN C 673 32.46 5.56 -28.48
N LEU C 674 32.66 5.10 -27.25
CA LEU C 674 32.01 5.73 -26.10
C LEU C 674 32.60 7.12 -25.91
N LEU C 675 33.92 7.19 -25.73
CA LEU C 675 34.62 8.46 -25.54
C LEU C 675 34.30 9.45 -26.66
N PHE C 676 33.83 8.93 -27.79
CA PHE C 676 33.46 9.76 -28.92
C PHE C 676 32.11 10.39 -28.62
N ASN C 677 31.18 9.58 -28.13
CA ASN C 677 29.85 10.07 -27.81
C ASN C 677 29.91 10.96 -26.57
N PHE C 678 30.82 10.64 -25.66
CA PHE C 678 30.99 11.40 -24.43
C PHE C 678 32.45 11.76 -24.21
N PRO C 679 32.90 12.88 -24.79
CA PRO C 679 34.26 13.38 -24.68
C PRO C 679 34.83 13.22 -23.29
N LYS C 680 36.12 12.89 -23.23
CA LYS C 680 36.81 12.68 -21.96
C LYS C 680 36.73 13.87 -21.01
N ASP C 681 36.08 14.95 -21.44
CA ASP C 681 35.95 16.13 -20.59
C ASP C 681 34.65 16.90 -20.85
N SER C 682 33.78 16.35 -21.68
CA SER C 682 32.51 17.00 -21.97
C SER C 682 31.79 17.26 -20.65
N VAL C 683 30.80 18.15 -20.67
CA VAL C 683 30.06 18.46 -19.45
C VAL C 683 28.56 18.32 -19.64
N THR C 684 27.83 18.29 -18.53
CA THR C 684 26.37 18.16 -18.55
C THR C 684 25.65 19.49 -18.67
N SER C 685 24.33 19.45 -18.56
CA SER C 685 23.52 20.67 -18.64
C SER C 685 23.82 21.56 -17.45
N THR C 686 24.13 20.94 -16.31
CA THR C 686 24.45 21.67 -15.10
C THR C 686 25.92 22.07 -15.16
N GLY C 687 26.51 21.93 -16.33
CA GLY C 687 27.91 22.27 -16.54
C GLY C 687 28.90 21.43 -15.76
N GLN C 688 28.46 20.27 -15.29
CA GLN C 688 29.33 19.39 -14.51
C GLN C 688 30.00 18.32 -15.36
N PRO C 689 31.23 17.93 -14.99
CA PRO C 689 31.97 16.91 -15.75
C PRO C 689 31.16 15.62 -15.89
N PHE C 690 30.89 15.22 -17.13
CA PHE C 690 30.12 14.00 -17.37
C PHE C 690 30.76 12.82 -16.65
N TRP C 691 32.09 12.75 -16.71
CA TRP C 691 32.84 11.68 -16.06
C TRP C 691 33.28 12.05 -14.65
N SER C 692 32.32 12.15 -13.73
CA SER C 692 32.61 12.49 -12.35
C SER C 692 31.80 11.62 -11.40
N GLY C 693 32.47 11.15 -10.35
CA GLY C 693 31.79 10.31 -9.37
C GLY C 693 31.51 8.91 -9.89
N PRO C 694 30.23 8.57 -10.11
CA PRO C 694 29.76 7.26 -10.60
C PRO C 694 30.22 6.88 -12.01
N LYS C 695 30.84 7.82 -12.71
CA LYS C 695 31.32 7.56 -14.06
C LYS C 695 32.82 7.77 -14.16
N ARG C 696 33.56 6.67 -14.32
CA ARG C 696 35.00 6.73 -14.44
C ARG C 696 35.35 6.82 -15.92
N ALA C 697 36.15 7.82 -16.29
CA ALA C 697 36.53 7.99 -17.69
C ALA C 697 37.40 6.82 -18.16
N PRO C 698 36.91 6.06 -19.16
CA PRO C 698 37.62 4.90 -19.71
C PRO C 698 38.87 5.28 -20.48
N THR C 699 39.48 4.28 -21.11
CA THR C 699 40.70 4.48 -21.88
C THR C 699 40.90 3.26 -22.77
N PRO C 700 40.69 3.40 -24.08
CA PRO C 700 40.88 2.25 -24.95
C PRO C 700 42.22 1.59 -24.65
N LEU C 701 42.29 0.28 -24.80
CA LEU C 701 43.52 -0.45 -24.51
C LEU C 701 44.16 -1.03 -25.77
N SER C 702 45.44 -0.72 -25.98
CA SER C 702 46.17 -1.21 -27.13
C SER C 702 46.70 -2.60 -26.80
N PHE C 703 46.56 -3.54 -27.73
CA PHE C 703 47.01 -4.91 -27.52
C PHE C 703 48.49 -5.01 -27.14
N ASP C 704 48.85 -6.07 -26.42
CA ASP C 704 50.23 -6.29 -25.99
C ASP C 704 50.51 -7.76 -25.76
N ILE C 705 51.06 -8.43 -26.78
CA ILE C 705 51.38 -9.85 -26.73
C ILE C 705 52.13 -10.32 -25.47
N HIS C 706 52.72 -9.38 -24.73
CA HIS C 706 53.46 -9.73 -23.53
C HIS C 706 52.88 -9.12 -22.26
N ASN C 707 51.62 -9.44 -22.00
CA ASN C 707 50.92 -8.96 -20.82
C ASN C 707 49.98 -10.07 -20.35
N ARG C 708 50.17 -10.50 -19.10
CA ARG C 708 49.36 -11.57 -18.52
C ARG C 708 47.90 -11.49 -18.97
N GLU C 709 47.23 -10.39 -18.60
CA GLU C 709 45.82 -10.20 -18.96
C GLU C 709 45.58 -10.32 -20.46
N HIS C 710 46.31 -9.55 -21.25
CA HIS C 710 46.16 -9.58 -22.70
C HIS C 710 46.33 -10.98 -23.26
N PHE C 711 47.31 -11.71 -22.75
CA PHE C 711 47.57 -13.06 -23.22
C PHE C 711 46.50 -14.04 -22.74
N ASP C 712 46.29 -14.04 -21.43
CA ASP C 712 45.29 -14.93 -20.85
C ASP C 712 43.97 -14.84 -21.61
N PHE C 713 43.60 -13.63 -22.00
CA PHE C 713 42.35 -13.42 -22.73
C PHE C 713 42.36 -14.13 -24.08
N ILE C 714 43.39 -13.87 -24.88
CA ILE C 714 43.52 -14.48 -26.19
C ILE C 714 43.44 -16.00 -26.08
N VAL C 715 44.25 -16.55 -25.18
CA VAL C 715 44.29 -17.98 -24.93
C VAL C 715 42.89 -18.51 -24.65
N ALA C 716 42.29 -18.02 -23.57
CA ALA C 716 40.95 -18.44 -23.17
C ALA C 716 39.95 -18.27 -24.31
N ALA C 717 39.86 -17.06 -24.85
CA ALA C 717 38.95 -16.75 -25.94
C ALA C 717 39.10 -17.70 -27.11
N ALA C 718 40.34 -17.90 -27.54
CA ALA C 718 40.61 -18.78 -28.66
C ALA C 718 40.15 -20.19 -28.36
N SER C 719 40.69 -20.76 -27.28
CA SER C 719 40.34 -22.11 -26.86
C SER C 719 38.84 -22.32 -26.87
N LEU C 720 38.11 -21.42 -26.22
CA LEU C 720 36.66 -21.51 -26.15
C LEU C 720 36.00 -21.51 -27.53
N TYR C 721 36.46 -20.63 -28.42
CA TYR C 721 35.89 -20.58 -29.76
C TYR C 721 36.11 -21.94 -30.43
N ALA C 722 37.29 -22.52 -30.16
CA ALA C 722 37.63 -23.83 -30.71
C ALA C 722 36.57 -24.81 -30.21
N PHE C 723 36.46 -24.92 -28.89
CA PHE C 723 35.51 -25.80 -28.23
C PHE C 723 34.13 -25.80 -28.90
N ASN C 724 33.78 -24.67 -29.52
CA ASN C 724 32.49 -24.53 -30.19
C ASN C 724 32.41 -25.34 -31.49
N TYR C 725 33.50 -25.36 -32.25
CA TYR C 725 33.55 -26.07 -33.51
C TYR C 725 34.30 -27.40 -33.41
N GLY C 726 34.98 -27.62 -32.29
CA GLY C 726 35.73 -28.85 -32.11
C GLY C 726 37.09 -28.84 -32.76
N LEU C 727 38.00 -28.03 -32.22
CA LEU C 727 39.36 -27.93 -32.75
C LEU C 727 40.40 -28.04 -31.63
N LYS C 728 41.44 -28.81 -31.89
CA LYS C 728 42.50 -29.02 -30.91
C LYS C 728 43.10 -27.70 -30.43
N SER C 729 42.85 -27.36 -29.17
CA SER C 729 43.39 -26.13 -28.61
C SER C 729 44.84 -26.36 -28.20
N GLU C 730 45.69 -25.38 -28.45
CA GLU C 730 47.10 -25.48 -28.11
C GLU C 730 47.39 -24.74 -26.82
N THR C 731 48.57 -24.96 -26.27
CA THR C 731 48.98 -24.31 -25.03
C THR C 731 50.35 -23.65 -25.21
N ASP C 732 51.12 -24.16 -26.16
CA ASP C 732 52.46 -23.64 -26.44
C ASP C 732 52.42 -22.18 -26.89
N PRO C 733 52.94 -21.26 -26.04
CA PRO C 733 52.99 -19.81 -26.30
C PRO C 733 53.50 -19.42 -27.69
N ALA C 734 54.59 -20.04 -28.13
CA ALA C 734 55.16 -19.75 -29.43
C ALA C 734 54.15 -19.82 -30.57
N ILE C 735 53.15 -20.69 -30.43
CA ILE C 735 52.14 -20.86 -31.48
C ILE C 735 51.29 -19.60 -31.69
N TYR C 736 50.99 -18.89 -30.60
CA TYR C 736 50.18 -17.68 -30.70
C TYR C 736 50.98 -16.55 -31.36
N GLU C 737 52.20 -16.33 -30.89
CA GLU C 737 53.07 -15.28 -31.43
C GLU C 737 53.23 -15.45 -32.93
N ARG C 738 53.46 -16.69 -33.35
CA ARG C 738 53.67 -17.03 -34.76
C ARG C 738 52.49 -16.68 -35.68
N VAL C 739 51.39 -16.20 -35.10
CA VAL C 739 50.23 -15.83 -35.90
C VAL C 739 49.68 -14.48 -35.45
N LEU C 740 50.07 -14.07 -34.26
CA LEU C 740 49.64 -12.79 -33.70
C LEU C 740 50.61 -11.67 -34.04
N ALA C 741 51.91 -11.96 -33.93
CA ALA C 741 52.94 -10.98 -34.24
C ALA C 741 52.73 -10.49 -35.68
N GLY C 742 52.11 -11.35 -36.49
CA GLY C 742 51.84 -11.02 -37.88
C GLY C 742 50.37 -10.72 -38.12
N TYR C 743 49.78 -9.92 -37.24
CA TYR C 743 48.38 -9.54 -37.37
C TYR C 743 48.25 -8.05 -37.65
N ASN C 744 47.32 -7.72 -38.54
CA ASN C 744 47.08 -6.33 -38.92
C ASN C 744 45.59 -6.05 -38.81
N PRO C 745 45.18 -5.39 -37.71
CA PRO C 745 43.79 -5.02 -37.41
C PRO C 745 43.22 -3.93 -38.30
N PRO C 746 42.02 -4.16 -38.88
CA PRO C 746 41.43 -3.14 -39.75
C PRO C 746 41.18 -1.87 -38.94
N PRO C 747 41.61 -0.71 -39.47
CA PRO C 747 41.44 0.57 -38.78
C PRO C 747 40.02 0.80 -38.27
N PHE C 748 39.92 1.48 -37.13
CA PHE C 748 38.62 1.77 -36.55
C PHE C 748 38.36 3.24 -36.35
N ALA C 749 37.23 3.69 -36.88
CA ALA C 749 36.82 5.07 -36.76
C ALA C 749 35.42 5.11 -36.15
N PRO C 750 35.26 5.80 -35.01
CA PRO C 750 33.96 5.89 -34.34
C PRO C 750 32.94 6.64 -35.18
N LYS C 751 31.81 6.00 -35.46
CA LYS C 751 30.76 6.62 -36.27
C LYS C 751 29.59 7.13 -35.43
N SER C 752 28.89 8.12 -35.96
CA SER C 752 27.74 8.71 -35.27
C SER C 752 27.13 9.81 -36.14
N GLY C 753 25.84 9.71 -36.41
CA GLY C 753 25.18 10.72 -37.23
C GLY C 753 23.90 10.28 -37.93
N ILE C 754 22.76 10.47 -37.25
CA ILE C 754 21.46 10.09 -37.82
C ILE C 754 21.19 10.84 -39.12
N ALA C 768 12.74 7.73 -46.91
CA ALA C 768 11.61 6.84 -46.66
C ALA C 768 11.93 5.88 -45.51
N ALA C 769 11.10 5.92 -44.47
CA ALA C 769 11.30 5.06 -43.29
C ALA C 769 10.76 3.66 -43.58
N ASN C 770 11.25 3.03 -44.64
CA ASN C 770 10.83 1.68 -45.03
C ASN C 770 12.01 0.75 -45.32
N LYS C 771 13.22 1.21 -45.06
CA LYS C 771 14.41 0.40 -45.32
C LYS C 771 14.55 -0.82 -44.41
N ASP C 772 13.96 -0.74 -43.22
CA ASP C 772 14.02 -1.84 -42.27
C ASP C 772 13.19 -3.01 -42.80
N LYS C 773 12.21 -2.68 -43.63
CA LYS C 773 11.34 -3.69 -44.23
C LYS C 773 12.12 -4.55 -45.21
N GLN C 774 13.24 -4.01 -45.68
CA GLN C 774 14.09 -4.71 -46.63
C GLN C 774 15.33 -5.30 -45.95
N GLU C 775 15.98 -4.49 -45.13
CA GLU C 775 17.19 -4.93 -44.42
C GLU C 775 16.97 -6.28 -43.75
N LEU C 776 16.09 -6.29 -42.75
CA LEU C 776 15.78 -7.50 -42.00
C LEU C 776 15.44 -8.68 -42.91
N LYS C 777 14.55 -8.45 -43.88
CA LYS C 777 14.14 -9.49 -44.80
C LYS C 777 15.23 -9.88 -45.78
N SER C 778 16.21 -8.98 -45.98
CA SER C 778 17.31 -9.24 -46.88
C SER C 778 18.37 -10.13 -46.22
N ILE C 779 18.49 -9.99 -44.91
CA ILE C 779 19.47 -10.77 -44.15
C ILE C 779 19.08 -12.24 -44.12
N ALA C 780 17.78 -12.52 -44.10
CA ALA C 780 17.28 -13.89 -44.06
C ALA C 780 17.67 -14.64 -45.33
N ASP C 781 18.20 -13.90 -46.30
CA ASP C 781 18.61 -14.47 -47.58
C ASP C 781 20.10 -14.82 -47.58
N SER C 782 20.83 -14.26 -46.63
CA SER C 782 22.27 -14.53 -46.52
C SER C 782 22.51 -15.93 -45.96
N LEU C 783 21.44 -16.72 -45.85
CA LEU C 783 21.53 -18.09 -45.33
C LEU C 783 22.43 -18.95 -46.21
N ARG C 793 25.87 -29.88 -36.33
CA ARG C 793 25.52 -29.18 -35.09
C ARG C 793 26.79 -28.71 -34.37
N LEU C 794 26.67 -27.58 -33.67
CA LEU C 794 27.80 -27.00 -32.92
C LEU C 794 27.73 -27.30 -31.43
N THR C 795 28.85 -27.13 -30.74
CA THR C 795 28.93 -27.40 -29.31
C THR C 795 28.89 -26.15 -28.44
N PRO C 796 27.71 -25.83 -27.89
CA PRO C 796 27.59 -24.63 -27.03
C PRO C 796 28.37 -24.83 -25.73
N ALA C 797 28.95 -23.75 -25.22
CA ALA C 797 29.71 -23.83 -23.97
C ALA C 797 28.78 -23.54 -22.79
N GLU C 798 28.60 -24.54 -21.94
CA GLU C 798 27.74 -24.40 -20.78
C GLU C 798 28.59 -23.99 -19.59
N PHE C 799 28.39 -22.76 -19.13
CA PHE C 799 29.14 -22.22 -18.01
C PHE C 799 29.28 -23.22 -16.86
N GLU C 800 30.51 -23.35 -16.35
CA GLU C 800 30.78 -24.26 -15.24
C GLU C 800 31.88 -23.71 -14.32
N LYS C 801 31.46 -23.13 -13.22
CA LYS C 801 32.37 -22.54 -12.24
C LYS C 801 33.37 -23.53 -11.64
N ASP C 802 32.87 -24.70 -11.25
CA ASP C 802 33.70 -25.73 -10.62
C ASP C 802 34.53 -26.57 -11.59
N ASP C 803 35.56 -25.96 -12.18
CA ASP C 803 36.44 -26.64 -13.11
C ASP C 803 37.55 -25.68 -13.58
N ASP C 804 38.58 -26.24 -14.20
CA ASP C 804 39.70 -25.42 -14.66
C ASP C 804 40.13 -25.81 -16.06
N SER C 805 39.73 -27.02 -16.47
CA SER C 805 40.06 -27.54 -17.79
C SER C 805 39.06 -27.06 -18.84
N ASN C 806 38.30 -26.02 -18.52
CA ASN C 806 37.32 -25.48 -19.47
C ASN C 806 37.62 -24.04 -19.89
N HIS C 807 38.55 -23.40 -19.18
CA HIS C 807 38.94 -22.02 -19.50
C HIS C 807 37.77 -21.05 -19.27
N HIS C 808 36.71 -21.55 -18.63
CA HIS C 808 35.54 -20.72 -18.36
C HIS C 808 35.88 -19.56 -17.42
N ILE C 809 36.26 -19.88 -16.19
CA ILE C 809 36.61 -18.85 -15.24
C ILE C 809 37.84 -18.08 -15.70
N ASP C 810 38.77 -18.77 -16.34
CA ASP C 810 39.99 -18.13 -16.83
C ASP C 810 39.62 -16.99 -17.78
N PHE C 811 38.64 -17.27 -18.64
CA PHE C 811 38.16 -16.28 -19.60
C PHE C 811 37.62 -15.06 -18.85
N ILE C 812 36.55 -15.29 -18.09
CA ILE C 812 35.89 -14.25 -17.31
C ILE C 812 36.83 -13.41 -16.45
N THR C 813 37.81 -14.04 -15.82
CA THR C 813 38.76 -13.31 -14.99
C THR C 813 39.53 -12.31 -15.84
N ALA C 814 40.09 -12.79 -16.93
CA ALA C 814 40.85 -11.94 -17.84
C ALA C 814 39.96 -10.83 -18.39
N ALA C 815 38.84 -11.23 -19.00
CA ALA C 815 37.89 -10.28 -19.57
C ALA C 815 37.48 -9.22 -18.55
N SER C 816 37.35 -9.62 -17.30
CA SER C 816 36.96 -8.70 -16.24
C SER C 816 38.12 -7.76 -15.87
N ASN C 817 39.31 -8.31 -15.71
CA ASN C 817 40.48 -7.51 -15.36
C ASN C 817 40.94 -6.61 -16.50
N LEU C 818 40.51 -6.92 -17.71
CA LEU C 818 40.85 -6.12 -18.87
C LEU C 818 39.95 -4.89 -18.90
N ARG C 819 38.67 -5.08 -18.61
CA ARG C 819 37.72 -3.98 -18.58
C ARG C 819 38.02 -3.18 -17.34
N ALA C 820 38.67 -3.82 -16.38
CA ALA C 820 39.03 -3.16 -15.13
C ALA C 820 40.08 -2.09 -15.42
N MET C 821 41.01 -2.41 -16.31
CA MET C 821 42.06 -1.48 -16.68
C MET C 821 41.46 -0.31 -17.47
N ASN C 822 40.47 -0.61 -18.29
CA ASN C 822 39.82 0.43 -19.08
C ASN C 822 39.34 1.56 -18.17
N TYR C 823 38.55 1.22 -17.16
CA TYR C 823 37.99 2.21 -16.24
C TYR C 823 38.78 2.42 -14.95
N ASP C 824 40.09 2.17 -15.01
CA ASP C 824 40.95 2.35 -13.84
C ASP C 824 40.37 1.73 -12.59
N ILE C 825 39.84 0.51 -12.71
CA ILE C 825 39.26 -0.19 -11.58
C ILE C 825 40.24 -1.27 -11.13
N THR C 826 40.40 -1.43 -9.81
CA THR C 826 41.30 -2.44 -9.28
C THR C 826 40.82 -3.85 -9.64
N PRO C 827 41.71 -4.69 -10.18
CA PRO C 827 41.40 -6.07 -10.59
C PRO C 827 41.24 -7.03 -9.41
N ALA C 828 40.92 -8.29 -9.71
CA ALA C 828 40.73 -9.30 -8.67
C ALA C 828 41.07 -10.67 -9.20
N ASP C 829 41.75 -11.47 -8.37
CA ASP C 829 42.15 -12.83 -8.74
C ASP C 829 40.96 -13.68 -9.13
N ARG C 830 41.20 -14.78 -9.83
CA ARG C 830 40.10 -15.63 -10.26
C ARG C 830 39.38 -16.28 -9.08
N PHE C 831 39.91 -16.13 -7.87
CA PHE C 831 39.25 -16.68 -6.69
C PHE C 831 38.01 -15.86 -6.41
N LYS C 832 38.18 -14.54 -6.39
CA LYS C 832 37.06 -13.63 -6.16
C LYS C 832 36.15 -13.66 -7.37
N THR C 833 36.75 -13.60 -8.55
CA THR C 833 35.98 -13.61 -9.78
C THR C 833 35.05 -14.81 -9.86
N LYS C 834 35.55 -15.98 -9.46
CA LYS C 834 34.76 -17.19 -9.49
C LYS C 834 33.55 -17.03 -8.56
N PHE C 835 33.81 -16.50 -7.37
CA PHE C 835 32.77 -16.29 -6.36
C PHE C 835 31.61 -15.44 -6.87
N VAL C 836 31.94 -14.29 -7.44
CA VAL C 836 30.93 -13.38 -7.95
C VAL C 836 30.39 -13.81 -9.30
N ALA C 837 31.26 -14.25 -10.20
CA ALA C 837 30.85 -14.68 -11.53
C ALA C 837 29.89 -15.88 -11.48
N GLY C 838 30.15 -16.80 -10.55
CA GLY C 838 29.31 -17.97 -10.44
C GLY C 838 28.21 -17.78 -9.40
N LYS C 839 28.14 -16.58 -8.80
CA LYS C 839 27.14 -16.29 -7.78
C LYS C 839 27.09 -17.43 -6.78
N ILE C 840 28.27 -17.93 -6.48
CA ILE C 840 28.47 -19.02 -5.53
C ILE C 840 27.94 -18.58 -4.16
N VAL C 841 27.24 -19.49 -3.49
CA VAL C 841 26.70 -19.18 -2.18
C VAL C 841 27.67 -19.59 -1.08
N PRO C 842 28.35 -18.62 -0.46
CA PRO C 842 29.30 -18.95 0.60
C PRO C 842 28.59 -19.71 1.72
N ALA C 843 29.23 -20.77 2.20
CA ALA C 843 28.62 -21.58 3.26
C ALA C 843 29.60 -22.64 3.78
N MET C 844 29.28 -23.18 4.96
CA MET C 844 30.10 -24.22 5.57
C MET C 844 29.27 -25.14 6.47
N CYS C 845 29.89 -26.22 6.91
CA CYS C 845 29.28 -27.24 7.75
C CYS C 845 28.62 -26.75 9.06
N THR C 846 29.25 -25.80 9.74
CA THR C 846 28.73 -25.27 11.00
C THR C 846 27.26 -24.82 10.93
N SER C 847 26.96 -23.89 10.02
CA SER C 847 25.60 -23.38 9.86
C SER C 847 24.63 -24.49 9.48
N THR C 848 25.05 -25.32 8.52
CA THR C 848 24.25 -26.44 8.05
C THR C 848 23.82 -27.37 9.17
N ALA C 849 24.67 -27.54 10.16
CA ALA C 849 24.36 -28.41 11.30
C ALA C 849 23.41 -27.71 12.28
N VAL C 850 23.64 -26.44 12.53
CA VAL C 850 22.80 -25.68 13.45
C VAL C 850 21.36 -25.72 12.96
N VAL C 851 21.13 -25.38 11.70
CA VAL C 851 19.76 -25.39 11.17
C VAL C 851 19.14 -26.78 11.26
N SER C 852 19.84 -27.79 10.78
CA SER C 852 19.33 -29.14 10.80
C SER C 852 18.81 -29.48 12.19
N GLY C 853 19.56 -29.05 13.20
CA GLY C 853 19.15 -29.33 14.57
C GLY C 853 17.82 -28.66 14.83
N LEU C 854 17.81 -27.34 14.72
CA LEU C 854 16.61 -26.56 14.97
C LEU C 854 15.43 -27.15 14.21
N VAL C 855 15.68 -27.57 12.97
CA VAL C 855 14.63 -28.15 12.13
C VAL C 855 14.01 -29.41 12.74
N CYS C 856 14.85 -30.30 13.24
CA CYS C 856 14.34 -31.52 13.82
C CYS C 856 13.69 -31.23 15.16
N LEU C 857 14.21 -30.24 15.87
CA LEU C 857 13.65 -29.88 17.16
C LEU C 857 12.21 -29.46 16.96
N GLU C 858 11.86 -29.10 15.72
CA GLU C 858 10.51 -28.70 15.37
C GLU C 858 9.76 -29.91 14.82
N LEU C 859 10.49 -30.77 14.11
CA LEU C 859 9.91 -31.97 13.53
C LEU C 859 9.14 -32.76 14.58
N VAL C 860 9.69 -32.83 15.79
CA VAL C 860 9.05 -33.57 16.86
C VAL C 860 7.77 -32.89 17.33
N LYS C 861 7.66 -31.59 17.05
CA LYS C 861 6.46 -30.84 17.44
C LYS C 861 5.34 -31.21 16.49
N LEU C 862 5.68 -31.52 15.25
CA LEU C 862 4.69 -31.89 14.26
C LEU C 862 4.15 -33.29 14.52
N VAL C 863 5.02 -34.20 14.94
CA VAL C 863 4.58 -35.58 15.22
C VAL C 863 3.83 -35.61 16.55
N ASP C 864 3.99 -34.55 17.34
CA ASP C 864 3.32 -34.46 18.62
C ASP C 864 1.92 -33.87 18.39
N GLY C 865 1.73 -33.30 17.20
CA GLY C 865 0.45 -32.71 16.84
C GLY C 865 0.07 -31.45 17.59
N LYS C 866 1.06 -30.65 17.99
CA LYS C 866 0.78 -29.42 18.73
C LYS C 866 -0.08 -28.49 17.89
N LYS C 867 -1.21 -28.07 18.46
CA LYS C 867 -2.13 -27.19 17.75
C LYS C 867 -1.98 -25.73 18.14
N LYS C 868 -1.32 -25.47 19.26
CA LYS C 868 -1.12 -24.10 19.69
C LYS C 868 0.07 -23.51 18.92
N ILE C 869 -0.14 -22.37 18.28
CA ILE C 869 0.91 -21.73 17.50
C ILE C 869 2.08 -21.22 18.33
N GLU C 870 1.80 -20.77 19.55
CA GLU C 870 2.84 -20.25 20.42
C GLU C 870 3.91 -21.28 20.76
N GLU C 871 3.65 -22.54 20.43
CA GLU C 871 4.59 -23.60 20.73
C GLU C 871 5.62 -23.85 19.64
N TYR C 872 5.34 -23.41 18.41
CA TYR C 872 6.28 -23.58 17.32
C TYR C 872 7.25 -22.41 17.30
N LYS C 873 8.39 -22.58 16.64
CA LYS C 873 9.38 -21.52 16.59
C LYS C 873 10.12 -21.43 15.26
N ASN C 874 10.34 -20.20 14.82
CA ASN C 874 11.08 -19.97 13.58
C ASN C 874 12.46 -19.52 14.03
N GLY C 875 13.49 -20.08 13.40
CA GLY C 875 14.85 -19.74 13.80
C GLY C 875 15.57 -18.75 12.92
N PHE C 876 16.47 -18.00 13.54
CA PHE C 876 17.28 -16.99 12.86
C PHE C 876 18.58 -16.86 13.65
N PHE C 877 19.72 -17.09 12.98
CA PHE C 877 20.99 -16.98 13.68
C PHE C 877 22.15 -16.56 12.78
N ASN C 878 23.25 -16.15 13.41
CA ASN C 878 24.46 -15.74 12.72
C ASN C 878 25.63 -16.07 13.64
N LEU C 879 26.26 -17.21 13.39
CA LEU C 879 27.37 -17.66 14.20
C LEU C 879 28.48 -16.62 14.28
N ALA C 880 28.70 -15.89 13.20
CA ALA C 880 29.73 -14.87 13.16
C ALA C 880 29.70 -13.95 14.37
N ILE C 881 28.52 -13.73 14.95
CA ILE C 881 28.41 -12.85 16.10
C ILE C 881 27.67 -13.49 17.29
N GLY C 882 27.56 -14.82 17.25
CA GLY C 882 26.87 -15.53 18.32
C GLY C 882 25.47 -14.99 18.56
N LEU C 883 24.72 -14.80 17.48
CA LEU C 883 23.36 -14.28 17.56
C LEU C 883 22.31 -15.35 17.25
N PHE C 884 21.35 -15.49 18.16
CA PHE C 884 20.27 -16.46 17.99
C PHE C 884 18.97 -15.77 18.39
N THR C 885 17.92 -16.04 17.63
CA THR C 885 16.62 -15.46 17.92
C THR C 885 15.54 -16.35 17.35
N PHE C 886 14.45 -16.49 18.08
CA PHE C 886 13.35 -17.32 17.64
C PHE C 886 12.07 -16.54 17.79
N SER C 887 11.06 -16.89 17.00
CA SER C 887 9.78 -16.20 17.06
C SER C 887 8.65 -17.13 16.67
N ASP C 888 7.52 -16.98 17.33
CA ASP C 888 6.36 -17.80 17.03
C ASP C 888 6.02 -17.64 15.56
N PRO C 889 5.50 -18.70 14.92
CA PRO C 889 5.18 -18.53 13.50
C PRO C 889 3.98 -17.60 13.45
N ILE C 890 3.53 -17.28 12.24
CA ILE C 890 2.39 -16.40 12.10
C ILE C 890 1.18 -17.26 11.73
N ALA C 891 0.07 -17.01 12.39
CA ALA C 891 -1.15 -17.77 12.11
C ALA C 891 -1.66 -17.44 10.71
N SER C 892 -2.25 -18.43 10.05
CA SER C 892 -2.79 -18.22 8.73
C SER C 892 -3.91 -17.20 8.84
N PRO C 893 -3.96 -16.25 7.92
CA PRO C 893 -5.01 -15.23 7.97
C PRO C 893 -6.38 -15.87 7.84
N LYS C 894 -7.25 -15.61 8.82
CA LYS C 894 -8.58 -16.18 8.80
C LYS C 894 -9.54 -15.31 8.02
N MET C 895 -10.84 -15.52 8.21
CA MET C 895 -11.88 -14.79 7.51
C MET C 895 -13.24 -15.37 7.87
N LYS C 896 -14.27 -14.53 7.85
CA LYS C 896 -15.61 -14.98 8.18
C LYS C 896 -16.53 -14.90 6.97
N VAL C 897 -17.20 -16.02 6.69
CA VAL C 897 -18.14 -16.11 5.60
C VAL C 897 -19.35 -16.85 6.18
N ASN C 898 -20.47 -16.14 6.27
CA ASN C 898 -21.69 -16.67 6.84
C ASN C 898 -21.50 -17.00 8.31
N GLY C 899 -20.59 -16.27 8.96
CA GLY C 899 -20.33 -16.49 10.36
C GLY C 899 -19.32 -17.58 10.63
N LYS C 900 -19.06 -18.40 9.61
CA LYS C 900 -18.10 -19.49 9.75
C LYS C 900 -16.71 -18.94 9.50
N GLU C 901 -15.75 -19.35 10.31
CA GLU C 901 -14.38 -18.90 10.15
C GLU C 901 -13.70 -19.79 9.12
N ILE C 902 -13.09 -19.18 8.11
CA ILE C 902 -12.39 -19.93 7.07
C ILE C 902 -10.93 -19.52 6.96
N ASP C 903 -10.11 -20.46 6.51
CA ASP C 903 -8.68 -20.24 6.39
C ASP C 903 -8.37 -19.74 4.98
N LYS C 904 -7.90 -18.50 4.88
CA LYS C 904 -7.59 -17.92 3.57
C LYS C 904 -6.46 -18.67 2.87
N ILE C 905 -5.72 -19.46 3.63
CA ILE C 905 -4.61 -20.19 3.05
C ILE C 905 -4.82 -21.68 2.85
N TRP C 906 -5.53 -22.34 3.77
CA TRP C 906 -5.72 -23.78 3.68
C TRP C 906 -7.10 -24.35 3.28
N ASP C 907 -8.19 -23.75 3.74
CA ASP C 907 -9.50 -24.27 3.39
C ASP C 907 -9.82 -24.16 1.90
N ARG C 908 -10.48 -25.18 1.38
CA ARG C 908 -10.88 -25.22 -0.03
C ARG C 908 -12.14 -26.07 -0.16
N TYR C 909 -12.84 -25.93 -1.28
CA TYR C 909 -14.07 -26.68 -1.52
C TYR C 909 -13.78 -27.89 -2.41
N ASN C 910 -13.90 -29.08 -1.85
CA ASN C 910 -13.66 -30.30 -2.61
C ASN C 910 -14.94 -30.88 -3.16
N LEU C 911 -15.07 -30.89 -4.48
CA LEU C 911 -16.24 -31.43 -5.15
C LEU C 911 -15.83 -32.36 -6.28
N PRO C 912 -16.70 -33.31 -6.65
CA PRO C 912 -16.40 -34.25 -7.73
C PRO C 912 -16.65 -33.55 -9.06
N ASP C 913 -16.49 -34.28 -10.16
CA ASP C 913 -16.71 -33.69 -11.49
C ASP C 913 -18.20 -33.61 -11.81
N CYS C 914 -18.96 -32.93 -10.95
CA CYS C 914 -20.41 -32.79 -11.12
C CYS C 914 -20.78 -31.78 -12.21
N THR C 915 -22.08 -31.60 -12.42
CA THR C 915 -22.57 -30.65 -13.44
C THR C 915 -22.61 -29.22 -12.91
N LEU C 916 -22.50 -28.25 -13.81
CA LEU C 916 -22.53 -26.85 -13.41
C LEU C 916 -23.74 -26.59 -12.54
N GLN C 917 -24.89 -27.09 -12.97
CA GLN C 917 -26.14 -26.91 -12.22
C GLN C 917 -26.02 -27.51 -10.83
N GLU C 918 -25.36 -28.66 -10.75
CA GLU C 918 -25.17 -29.34 -9.47
C GLU C 918 -24.27 -28.54 -8.54
N LEU C 919 -23.11 -28.13 -9.03
CA LEU C 919 -22.18 -27.34 -8.22
C LEU C 919 -22.89 -26.11 -7.70
N ILE C 920 -23.63 -25.44 -8.58
CA ILE C 920 -24.36 -24.25 -8.20
C ILE C 920 -25.31 -24.55 -7.05
N ASP C 921 -26.11 -25.61 -7.20
CA ASP C 921 -27.07 -26.01 -6.16
C ASP C 921 -26.34 -26.33 -4.86
N TYR C 922 -25.19 -26.99 -4.98
CA TYR C 922 -24.40 -27.35 -3.82
C TYR C 922 -24.12 -26.14 -2.94
N PHE C 923 -23.35 -25.21 -3.48
CA PHE C 923 -23.00 -24.00 -2.75
C PHE C 923 -24.19 -23.30 -2.10
N GLN C 924 -25.32 -23.27 -2.80
CA GLN C 924 -26.51 -22.62 -2.28
C GLN C 924 -27.19 -23.40 -1.17
N LYS C 925 -27.26 -24.71 -1.32
CA LYS C 925 -27.93 -25.55 -0.33
C LYS C 925 -27.05 -26.01 0.82
N GLU C 926 -25.80 -26.32 0.53
CA GLU C 926 -24.90 -26.78 1.57
C GLU C 926 -24.00 -25.71 2.18
N GLU C 927 -23.66 -24.70 1.40
CA GLU C 927 -22.79 -23.63 1.90
C GLU C 927 -23.52 -22.32 2.11
N GLY C 928 -24.71 -22.20 1.54
CA GLY C 928 -25.47 -20.96 1.68
C GLY C 928 -24.83 -19.84 0.89
N LEU C 929 -24.33 -20.16 -0.30
CA LEU C 929 -23.68 -19.18 -1.15
C LEU C 929 -24.27 -19.20 -2.55
N GLU C 930 -24.58 -18.02 -3.07
CA GLU C 930 -25.14 -17.89 -4.41
C GLU C 930 -24.03 -17.63 -5.40
N VAL C 931 -23.51 -18.69 -6.02
CA VAL C 931 -22.43 -18.54 -6.98
C VAL C 931 -22.81 -17.59 -8.13
N THR C 932 -22.13 -16.45 -8.17
CA THR C 932 -22.40 -15.43 -9.17
C THR C 932 -21.41 -15.46 -10.33
N MET C 933 -20.24 -16.05 -10.10
CA MET C 933 -19.23 -16.12 -11.14
C MET C 933 -18.28 -17.30 -10.88
N LEU C 934 -18.11 -18.13 -11.89
CA LEU C 934 -17.23 -19.30 -11.76
C LEU C 934 -16.20 -19.25 -12.88
N SER C 935 -14.93 -19.50 -12.54
CA SER C 935 -13.89 -19.45 -13.56
C SER C 935 -12.70 -20.36 -13.31
N SER C 936 -11.95 -20.60 -14.38
CA SER C 936 -10.76 -21.43 -14.35
C SER C 936 -9.64 -20.64 -15.01
N GLY C 937 -8.69 -20.16 -14.22
CA GLY C 937 -7.60 -19.39 -14.77
C GLY C 937 -8.09 -18.04 -15.23
N VAL C 938 -8.09 -17.80 -16.53
CA VAL C 938 -8.54 -16.52 -17.06
C VAL C 938 -9.83 -16.68 -17.86
N SER C 939 -10.38 -17.88 -17.83
CA SER C 939 -11.61 -18.14 -18.56
C SER C 939 -12.82 -18.06 -17.65
N LEU C 940 -13.88 -17.44 -18.13
CA LEU C 940 -15.10 -17.30 -17.35
C LEU C 940 -16.05 -18.40 -17.79
N LEU C 941 -16.30 -19.35 -16.89
CA LEU C 941 -17.20 -20.46 -17.17
C LEU C 941 -18.67 -20.10 -16.96
N TYR C 942 -18.96 -19.43 -15.84
CA TYR C 942 -20.34 -19.06 -15.52
C TYR C 942 -20.45 -17.70 -14.82
N ALA C 943 -21.65 -17.13 -14.88
CA ALA C 943 -21.95 -15.84 -14.27
C ALA C 943 -23.46 -15.67 -14.35
N ASN C 944 -24.11 -15.48 -13.21
CA ASN C 944 -25.57 -15.34 -13.19
C ASN C 944 -26.11 -14.17 -14.01
N PHE C 945 -25.24 -13.29 -14.47
CA PHE C 945 -25.69 -12.15 -15.28
C PHE C 945 -25.53 -12.39 -16.77
N GLN C 946 -25.27 -13.64 -17.16
CA GLN C 946 -25.14 -13.97 -18.57
C GLN C 946 -26.54 -14.20 -19.11
N PRO C 947 -26.69 -14.20 -20.45
CA PRO C 947 -28.00 -14.42 -21.06
C PRO C 947 -28.51 -15.84 -20.81
N PRO C 948 -29.84 -16.01 -20.68
CA PRO C 948 -30.46 -17.32 -20.44
C PRO C 948 -30.13 -18.37 -21.50
N LYS C 949 -29.42 -17.96 -22.54
CA LYS C 949 -29.03 -18.87 -23.61
C LYS C 949 -27.75 -19.58 -23.19
N LYS C 950 -26.69 -18.80 -22.98
CA LYS C 950 -25.39 -19.33 -22.56
C LYS C 950 -25.53 -20.29 -21.38
N LEU C 951 -26.43 -19.95 -20.46
CA LEU C 951 -26.66 -20.76 -19.27
C LEU C 951 -27.34 -22.10 -19.58
N ALA C 952 -28.50 -22.04 -20.22
CA ALA C 952 -29.27 -23.23 -20.56
C ALA C 952 -28.42 -24.31 -21.24
N GLU C 953 -27.49 -23.88 -22.08
CA GLU C 953 -26.63 -24.81 -22.81
C GLU C 953 -25.43 -25.33 -22.02
N ARG C 954 -25.13 -24.69 -20.89
CA ARG C 954 -23.99 -25.09 -20.07
C ARG C 954 -24.36 -25.81 -18.76
N LEU C 955 -25.38 -25.29 -18.08
CA LEU C 955 -25.84 -25.85 -16.82
C LEU C 955 -25.80 -27.38 -16.72
N PRO C 956 -26.32 -28.08 -17.75
CA PRO C 956 -26.34 -29.55 -17.74
C PRO C 956 -24.98 -30.23 -17.94
N LEU C 957 -23.99 -29.47 -18.38
CA LEU C 957 -22.65 -30.03 -18.60
C LEU C 957 -21.91 -30.32 -17.31
N LYS C 958 -20.87 -31.15 -17.41
CA LYS C 958 -20.05 -31.46 -16.25
C LYS C 958 -18.90 -30.48 -16.28
N ILE C 959 -18.43 -30.10 -15.10
CA ILE C 959 -17.35 -29.13 -14.97
C ILE C 959 -16.21 -29.34 -15.98
N SER C 960 -15.62 -30.53 -15.99
CA SER C 960 -14.54 -30.82 -16.92
C SER C 960 -14.97 -30.48 -18.35
N GLU C 961 -16.15 -30.94 -18.75
CA GLU C 961 -16.67 -30.67 -20.09
C GLU C 961 -16.70 -29.17 -20.35
N LEU C 962 -17.31 -28.44 -19.42
CA LEU C 962 -17.42 -26.98 -19.54
C LEU C 962 -16.06 -26.32 -19.73
N VAL C 963 -15.06 -26.78 -18.98
CA VAL C 963 -13.73 -26.22 -19.07
C VAL C 963 -13.17 -26.37 -20.48
N GLU C 964 -13.12 -27.60 -20.96
CA GLU C 964 -12.60 -27.87 -22.29
C GLU C 964 -13.31 -27.04 -23.36
N GLN C 965 -14.64 -26.94 -23.26
CA GLN C 965 -15.41 -26.17 -24.24
C GLN C 965 -14.98 -24.70 -24.28
N ILE C 966 -15.18 -24.01 -23.17
CA ILE C 966 -14.84 -22.59 -23.07
C ILE C 966 -13.37 -22.34 -23.42
N THR C 967 -12.48 -23.24 -22.99
CA THR C 967 -11.05 -23.11 -23.26
C THR C 967 -10.72 -23.46 -24.71
N LYS C 968 -11.61 -24.20 -25.36
CA LYS C 968 -11.40 -24.62 -26.75
C LYS C 968 -10.15 -25.49 -26.86
N LYS C 969 -9.68 -25.97 -25.71
CA LYS C 969 -8.49 -26.82 -25.65
C LYS C 969 -8.74 -27.94 -24.66
N LYS C 970 -8.97 -29.14 -25.18
CA LYS C 970 -9.25 -30.32 -24.37
C LYS C 970 -8.20 -30.54 -23.27
N LEU C 971 -8.67 -30.98 -22.11
CA LEU C 971 -7.80 -31.22 -20.97
C LEU C 971 -6.71 -32.26 -21.25
N GLU C 972 -5.71 -32.29 -20.39
CA GLU C 972 -4.61 -33.24 -20.50
C GLU C 972 -4.95 -34.46 -19.63
N PRO C 973 -4.79 -35.67 -20.18
CA PRO C 973 -5.07 -36.94 -19.49
C PRO C 973 -4.26 -37.19 -18.22
N PHE C 974 -3.18 -36.43 -18.03
CA PHE C 974 -2.32 -36.63 -16.86
C PHE C 974 -2.78 -35.87 -15.62
N ARG C 975 -3.87 -35.13 -15.74
CA ARG C 975 -4.41 -34.38 -14.60
C ARG C 975 -5.29 -35.25 -13.70
N LYS C 976 -5.33 -34.91 -12.42
CA LYS C 976 -6.14 -35.63 -11.44
C LYS C 976 -7.06 -34.62 -10.73
N HIS C 977 -6.59 -33.38 -10.64
CA HIS C 977 -7.33 -32.32 -10.01
C HIS C 977 -7.69 -31.23 -11.01
N LEU C 978 -8.37 -30.19 -10.54
CA LEU C 978 -8.78 -29.06 -11.38
C LEU C 978 -9.27 -27.93 -10.48
N VAL C 979 -8.49 -26.86 -10.39
CA VAL C 979 -8.82 -25.73 -9.54
C VAL C 979 -9.74 -24.70 -10.18
N LEU C 980 -10.69 -24.20 -9.40
CA LEU C 980 -11.64 -23.19 -9.89
C LEU C 980 -11.82 -22.09 -8.86
N GLU C 981 -12.11 -20.89 -9.34
CA GLU C 981 -12.33 -19.74 -8.46
C GLU C 981 -13.79 -19.33 -8.57
N ILE C 982 -14.37 -18.79 -7.51
CA ILE C 982 -15.76 -18.36 -7.57
C ILE C 982 -16.04 -17.03 -6.88
N CYS C 983 -17.17 -16.45 -7.26
CA CYS C 983 -17.64 -15.19 -6.70
C CYS C 983 -19.10 -15.45 -6.41
N CYS C 984 -19.52 -15.12 -5.19
CA CYS C 984 -20.90 -15.33 -4.80
C CYS C 984 -21.34 -14.34 -3.73
N ASP C 985 -22.57 -14.51 -3.25
CA ASP C 985 -23.11 -13.64 -2.22
C ASP C 985 -23.44 -14.49 -1.00
N ASP C 986 -23.24 -13.93 0.19
CA ASP C 986 -23.55 -14.66 1.41
C ASP C 986 -25.06 -14.70 1.55
N ALA C 987 -25.53 -15.10 2.72
CA ALA C 987 -26.96 -15.20 2.97
C ALA C 987 -27.61 -13.82 3.00
N ASN C 988 -26.80 -12.78 2.91
CA ASN C 988 -27.32 -11.41 2.93
C ASN C 988 -27.30 -10.82 1.53
N GLY C 989 -26.94 -11.64 0.54
CA GLY C 989 -26.90 -11.17 -0.83
C GLY C 989 -25.71 -10.27 -1.11
N GLU C 990 -24.89 -10.05 -0.10
CA GLU C 990 -23.71 -9.21 -0.25
C GLU C 990 -22.53 -10.06 -0.70
N ASP C 991 -21.80 -9.56 -1.69
CA ASP C 991 -20.63 -10.26 -2.22
C ASP C 991 -19.68 -10.64 -1.10
N VAL C 992 -19.15 -11.86 -1.17
CA VAL C 992 -18.22 -12.33 -0.16
C VAL C 992 -17.10 -13.11 -0.81
N GLU C 993 -15.97 -13.19 -0.11
CA GLU C 993 -14.81 -13.90 -0.64
C GLU C 993 -14.70 -15.29 -0.03
N VAL C 994 -14.73 -16.32 -0.86
CA VAL C 994 -14.65 -17.68 -0.39
C VAL C 994 -13.42 -18.41 -0.92
N PRO C 995 -13.04 -19.53 -0.29
CA PRO C 995 -11.88 -20.36 -0.68
C PRO C 995 -12.01 -20.86 -2.11
N PHE C 996 -10.99 -21.54 -2.60
CA PHE C 996 -11.04 -22.06 -3.96
C PHE C 996 -11.69 -23.42 -4.03
N ILE C 997 -12.02 -23.85 -5.24
CA ILE C 997 -12.66 -25.14 -5.46
C ILE C 997 -11.68 -26.09 -6.13
N CYS C 998 -11.63 -27.31 -5.63
CA CYS C 998 -10.75 -28.32 -6.18
C CYS C 998 -11.58 -29.48 -6.69
N ILE C 999 -11.81 -29.52 -8.00
CA ILE C 999 -12.60 -30.59 -8.60
C ILE C 999 -11.71 -31.81 -8.74
N LYS C 1000 -12.02 -32.86 -7.98
CA LYS C 1000 -11.24 -34.09 -8.04
C LYS C 1000 -11.87 -35.02 -9.07
N LEU C 1001 -11.60 -34.73 -10.34
CA LEU C 1001 -12.13 -35.50 -11.44
C LEU C 1001 -11.35 -36.80 -11.58
N MET D 21 9.68 7.45 23.61
CA MET D 21 10.83 6.63 24.08
C MET D 21 11.86 6.36 22.99
N GLN D 22 12.70 5.36 23.22
CA GLN D 22 13.75 5.03 22.27
C GLN D 22 14.02 3.53 22.27
N ILE D 23 13.97 2.92 21.09
CA ILE D 23 14.21 1.48 20.98
C ILE D 23 15.40 1.16 20.09
N PHE D 24 15.87 -0.08 20.18
CA PHE D 24 17.02 -0.53 19.40
C PHE D 24 16.64 -1.72 18.52
N VAL D 25 17.16 -1.73 17.31
CA VAL D 25 16.88 -2.81 16.36
C VAL D 25 18.18 -3.39 15.84
N LYS D 26 18.61 -4.51 16.41
CA LYS D 26 19.84 -5.14 15.96
C LYS D 26 19.52 -6.12 14.86
N THR D 27 20.29 -6.09 13.77
CA THR D 27 20.05 -6.97 12.63
C THR D 27 20.97 -8.18 12.61
N LEU D 28 20.63 -9.16 11.78
CA LEU D 28 21.44 -10.37 11.67
C LEU D 28 22.88 -10.09 11.30
N THR D 29 23.13 -8.93 10.68
CA THR D 29 24.47 -8.58 10.29
C THR D 29 25.21 -7.76 11.35
N GLY D 30 24.78 -7.95 12.61
CA GLY D 30 25.41 -7.26 13.73
C GLY D 30 25.31 -5.76 13.79
N LYS D 31 24.39 -5.18 13.01
CA LYS D 31 24.19 -3.74 12.98
C LYS D 31 23.09 -3.31 13.94
N THR D 32 23.32 -2.22 14.68
CA THR D 32 22.34 -1.70 15.62
C THR D 32 21.75 -0.40 15.10
N ILE D 33 20.43 -0.28 15.18
CA ILE D 33 19.74 0.91 14.71
C ILE D 33 18.91 1.52 15.83
N THR D 34 19.07 2.82 16.06
CA THR D 34 18.32 3.50 17.11
C THR D 34 17.13 4.26 16.52
N LEU D 35 15.95 4.07 17.14
CA LEU D 35 14.73 4.74 16.69
C LEU D 35 14.03 5.51 17.80
N GLU D 36 13.39 6.62 17.43
CA GLU D 36 12.65 7.44 18.39
C GLU D 36 11.18 7.17 18.11
N VAL D 37 10.58 6.33 18.96
CA VAL D 37 9.19 5.96 18.79
C VAL D 37 8.35 6.15 20.05
N GLU D 38 7.05 5.95 19.91
CA GLU D 38 6.11 6.07 21.02
C GLU D 38 5.40 4.72 21.17
N SER D 39 4.99 4.38 22.38
CA SER D 39 4.31 3.12 22.62
C SER D 39 3.02 2.95 21.80
N SER D 40 2.42 4.06 21.41
CA SER D 40 1.18 4.01 20.63
C SER D 40 1.43 3.92 19.13
N ASP D 41 2.69 4.03 18.72
CA ASP D 41 3.06 3.95 17.31
C ASP D 41 2.65 2.61 16.73
N THR D 42 2.27 2.62 15.45
CA THR D 42 1.86 1.39 14.78
C THR D 42 3.08 0.71 14.15
N ILE D 43 3.00 -0.61 14.01
CA ILE D 43 4.08 -1.39 13.44
C ILE D 43 4.44 -0.88 12.04
N ASP D 44 3.42 -0.52 11.26
CA ASP D 44 3.63 -0.01 9.91
C ASP D 44 4.45 1.27 9.99
N ASN D 45 4.15 2.08 11.00
CA ASN D 45 4.85 3.34 11.21
C ASN D 45 6.29 3.15 11.66
N VAL D 46 6.59 1.99 12.24
CA VAL D 46 7.95 1.72 12.69
C VAL D 46 8.76 1.22 11.50
N LYS D 47 8.20 0.28 10.75
CA LYS D 47 8.87 -0.28 9.57
C LYS D 47 9.37 0.84 8.67
N SER D 48 8.58 1.91 8.56
CA SER D 48 8.93 3.05 7.71
C SER D 48 10.14 3.82 8.23
N LYS D 49 10.19 4.08 9.53
CA LYS D 49 11.32 4.80 10.11
C LYS D 49 12.57 3.98 9.80
N ILE D 50 12.41 2.66 9.82
CA ILE D 50 13.51 1.75 9.53
C ILE D 50 13.85 1.84 8.04
N GLN D 51 12.83 2.01 7.22
CA GLN D 51 13.02 2.11 5.78
C GLN D 51 13.77 3.40 5.42
N ASP D 52 13.62 4.43 6.26
CA ASP D 52 14.29 5.69 5.99
C ASP D 52 15.77 5.63 6.33
N LYS D 53 16.12 4.75 7.26
CA LYS D 53 17.51 4.59 7.67
C LYS D 53 18.22 3.55 6.82
N GLU D 54 17.65 2.36 6.75
CA GLU D 54 18.27 1.26 6.00
C GLU D 54 17.85 1.09 4.54
N GLY D 55 16.65 1.53 4.21
CA GLY D 55 16.18 1.38 2.83
C GLY D 55 15.59 0.01 2.55
N ILE D 56 14.98 -0.61 3.57
CA ILE D 56 14.36 -1.93 3.42
C ILE D 56 12.84 -1.76 3.36
N PRO D 57 12.23 -2.16 2.25
CA PRO D 57 10.76 -2.03 2.13
C PRO D 57 10.10 -2.71 3.31
N PRO D 58 9.06 -2.09 3.88
CA PRO D 58 8.37 -2.68 5.03
C PRO D 58 7.93 -4.13 4.83
N ASP D 59 7.65 -4.49 3.59
CA ASP D 59 7.20 -5.85 3.27
C ASP D 59 8.27 -6.90 3.58
N GLN D 60 9.53 -6.54 3.41
CA GLN D 60 10.65 -7.45 3.62
C GLN D 60 11.22 -7.43 5.04
N GLN D 61 10.70 -6.53 5.86
CA GLN D 61 11.15 -6.39 7.24
C GLN D 61 10.54 -7.43 8.18
N ARG D 62 11.41 -8.11 8.93
CA ARG D 62 10.97 -9.13 9.87
C ARG D 62 11.43 -8.76 11.27
N LEU D 63 10.59 -8.03 11.99
CA LEU D 63 10.91 -7.58 13.34
C LEU D 63 10.41 -8.53 14.41
N ILE D 64 11.31 -8.97 15.28
CA ILE D 64 10.94 -9.88 16.34
C ILE D 64 11.26 -9.25 17.69
N PHE D 65 10.33 -9.40 18.63
CA PHE D 65 10.51 -8.87 19.97
C PHE D 65 10.03 -9.88 21.00
N ALA D 66 10.93 -10.31 21.87
CA ALA D 66 10.58 -11.29 22.90
C ALA D 66 9.89 -12.51 22.31
N GLY D 67 10.50 -13.10 21.28
CA GLY D 67 9.94 -14.28 20.65
C GLY D 67 8.69 -14.14 19.80
N LYS D 68 8.25 -12.91 19.58
CA LYS D 68 7.05 -12.68 18.77
C LYS D 68 7.40 -11.79 17.57
N GLN D 69 6.89 -12.13 16.39
CA GLN D 69 7.17 -11.31 15.22
C GLN D 69 6.10 -10.24 15.14
N LEU D 70 6.50 -9.03 14.81
CA LEU D 70 5.56 -7.92 14.71
C LEU D 70 4.78 -7.97 13.41
N GLU D 71 3.48 -7.68 13.50
CA GLU D 71 2.59 -7.70 12.35
C GLU D 71 1.94 -6.34 12.14
N ASP D 72 1.73 -5.99 10.87
CA ASP D 72 1.09 -4.71 10.53
C ASP D 72 -0.32 -4.71 11.09
N GLY D 73 -0.80 -3.53 11.45
CA GLY D 73 -2.14 -3.42 12.01
C GLY D 73 -2.12 -3.25 13.50
N ARG D 74 -1.13 -3.84 14.16
CA ARG D 74 -1.02 -3.74 15.61
C ARG D 74 -0.14 -2.54 15.95
N THR D 75 0.14 -2.35 17.24
CA THR D 75 0.98 -1.25 17.69
C THR D 75 2.06 -1.73 18.65
N LEU D 76 3.08 -0.91 18.84
CA LEU D 76 4.18 -1.24 19.73
C LEU D 76 3.70 -1.67 21.12
N SER D 77 2.67 -1.00 21.63
CA SER D 77 2.14 -1.33 22.96
C SER D 77 1.41 -2.67 22.97
N ASP D 78 0.90 -3.08 21.82
CA ASP D 78 0.19 -4.36 21.71
C ASP D 78 1.18 -5.52 21.95
N TYR D 79 2.47 -5.21 21.81
CA TYR D 79 3.53 -6.19 22.02
C TYR D 79 4.28 -5.87 23.30
N ASN D 80 3.68 -5.00 24.10
CA ASN D 80 4.25 -4.57 25.37
C ASN D 80 5.66 -3.99 25.19
N ILE D 81 5.95 -3.50 23.99
CA ILE D 81 7.25 -2.90 23.74
C ILE D 81 7.31 -1.62 24.54
N GLN D 82 8.21 -1.60 25.53
CA GLN D 82 8.38 -0.43 26.38
C GLN D 82 9.70 0.27 26.12
N LYS D 83 9.98 1.31 26.89
CA LYS D 83 11.22 2.05 26.70
C LYS D 83 12.48 1.20 26.67
N GLU D 84 13.45 1.64 25.87
CA GLU D 84 14.75 0.97 25.74
C GLU D 84 14.67 -0.49 25.29
N SER D 85 13.54 -0.91 24.75
CA SER D 85 13.38 -2.29 24.29
C SER D 85 14.22 -2.58 23.05
N THR D 86 14.63 -3.84 22.88
CA THR D 86 15.44 -4.24 21.75
C THR D 86 14.72 -5.26 20.86
N LEU D 87 14.75 -5.01 19.55
CA LEU D 87 14.11 -5.89 18.57
C LEU D 87 15.16 -6.45 17.63
N HIS D 88 14.80 -7.50 16.90
CA HIS D 88 15.69 -8.09 15.94
C HIS D 88 15.10 -7.93 14.54
N LEU D 89 15.96 -7.66 13.56
CA LEU D 89 15.53 -7.52 12.18
C LEU D 89 16.24 -8.63 11.43
N VAL D 90 15.51 -9.71 11.18
CA VAL D 90 16.08 -10.86 10.50
C VAL D 90 15.63 -11.04 9.06
N LEU D 91 16.22 -12.04 8.40
CA LEU D 91 15.92 -12.36 7.01
C LEU D 91 16.02 -13.86 6.73
N ARG D 92 15.33 -14.31 5.70
CA ARG D 92 15.39 -15.72 5.32
C ARG D 92 16.54 -15.89 4.35
N LEU D 93 17.16 -17.05 4.39
CA LEU D 93 18.29 -17.34 3.52
C LEU D 93 17.93 -18.31 2.40
N ARG D 94 18.54 -18.11 1.24
CA ARG D 94 18.29 -18.92 0.07
C ARG D 94 19.21 -20.14 0.00
N GLY D 95 20.37 -20.04 0.63
CA GLY D 95 21.32 -21.14 0.62
C GLY D 95 20.89 -22.42 1.29
N GLY D 96 21.27 -23.55 0.69
CA GLY D 96 20.92 -24.85 1.24
C GLY D 96 22.01 -25.91 1.07
#